data_2YQG
#
_entry.id   2YQG
#
_entity_poly.entity_id   1
_entity_poly.type   'polypeptide(L)'
_entity_poly.pdbx_seq_one_letter_code
;GSSGSSGQKRAWITAPVALREGEDLSKKNPIAKIHSDLAEERGLKITYKYTGKGITEPPFGIFVFNKDTGELNVTSILDR
EETPFFLLTGYALDARGNNVEKPLELRIKVLDINDNEPVFTQD
;
_entity_poly.pdbx_strand_id   A
#
# COMPACT_ATOMS: atom_id res chain seq x y z
N GLY A 1 10.23 5.87 -5.56
CA GLY A 1 10.67 7.20 -5.90
C GLY A 1 11.18 7.97 -4.69
N SER A 2 10.32 8.14 -3.70
CA SER A 2 10.69 8.86 -2.48
C SER A 2 9.85 8.41 -1.30
N SER A 3 10.48 7.74 -0.35
CA SER A 3 9.79 7.24 0.84
C SER A 3 9.48 8.39 1.81
N GLY A 4 10.55 9.01 2.33
CA GLY A 4 10.37 10.10 3.26
C GLY A 4 11.69 10.76 3.63
N SER A 5 12.09 11.75 2.84
CA SER A 5 13.34 12.46 3.09
C SER A 5 13.15 13.54 4.16
N SER A 6 12.06 14.29 4.04
CA SER A 6 11.77 15.36 5.00
C SER A 6 10.38 15.19 5.59
N GLY A 7 10.30 15.27 6.92
CA GLY A 7 9.04 15.11 7.60
C GLY A 7 9.06 15.66 9.01
N GLN A 8 8.09 15.26 9.82
CA GLN A 8 8.00 15.72 11.21
C GLN A 8 8.53 14.66 12.16
N LYS A 9 8.39 13.40 11.79
CA LYS A 9 8.86 12.30 12.61
C LYS A 9 8.83 10.98 11.84
N ARG A 10 9.61 10.01 12.30
CA ARG A 10 9.67 8.71 11.64
C ARG A 10 8.97 7.64 12.49
N ALA A 11 7.65 7.55 12.34
CA ALA A 11 6.86 6.57 13.08
C ALA A 11 5.50 6.36 12.42
N TRP A 12 5.14 5.10 12.22
CA TRP A 12 3.86 4.77 11.61
C TRP A 12 3.48 5.79 10.54
N ILE A 13 4.44 6.15 9.72
CA ILE A 13 4.21 7.12 8.65
C ILE A 13 4.23 6.44 7.28
N THR A 14 3.34 6.89 6.40
CA THR A 14 3.25 6.33 5.06
C THR A 14 3.28 7.43 4.00
N ALA A 15 3.68 7.06 2.78
CA ALA A 15 3.75 8.02 1.69
C ALA A 15 2.79 7.63 0.56
N PRO A 16 2.34 8.64 -0.20
CA PRO A 16 1.42 8.43 -1.32
C PRO A 16 2.08 7.72 -2.49
N VAL A 17 1.78 6.44 -2.64
CA VAL A 17 2.35 5.65 -3.72
C VAL A 17 1.90 6.17 -5.09
N ALA A 18 2.85 6.58 -5.91
CA ALA A 18 2.56 7.11 -7.23
C ALA A 18 3.18 6.23 -8.32
N LEU A 19 2.34 5.55 -9.07
CA LEU A 19 2.81 4.68 -10.15
C LEU A 19 2.20 5.09 -11.49
N ARG A 20 2.94 4.84 -12.57
CA ARG A 20 2.48 5.20 -13.90
C ARG A 20 1.91 3.97 -14.61
N GLU A 21 0.72 4.12 -15.18
CA GLU A 21 0.06 3.02 -15.90
C GLU A 21 0.78 2.73 -17.21
N GLY A 22 0.50 1.56 -17.78
CA GLY A 22 1.12 1.17 -19.03
C GLY A 22 1.76 -0.20 -18.96
N GLU A 23 3.04 -0.23 -18.62
CA GLU A 23 3.78 -1.49 -18.51
C GLU A 23 3.45 -2.20 -17.19
N ASP A 24 3.99 -3.40 -17.05
CA ASP A 24 3.76 -4.19 -15.83
C ASP A 24 4.69 -3.75 -14.72
N LEU A 25 4.11 -3.31 -13.60
CA LEU A 25 4.89 -2.85 -12.46
C LEU A 25 5.42 -4.04 -11.66
N SER A 26 6.17 -4.91 -12.33
CA SER A 26 6.75 -6.09 -11.69
C SER A 26 8.22 -5.86 -11.35
N LYS A 27 8.57 -4.61 -11.06
CA LYS A 27 9.94 -4.26 -10.72
C LYS A 27 10.00 -3.50 -9.40
N LYS A 28 9.31 -2.36 -9.37
CA LYS A 28 9.28 -1.53 -8.17
C LYS A 28 8.97 -2.36 -6.93
N ASN A 29 8.05 -3.32 -7.09
CA ASN A 29 7.66 -4.19 -5.99
C ASN A 29 8.87 -4.66 -5.21
N PRO A 30 8.75 -4.71 -3.87
CA PRO A 30 7.50 -4.34 -3.19
C PRO A 30 7.24 -2.84 -3.25
N ILE A 31 5.98 -2.48 -3.48
CA ILE A 31 5.58 -1.08 -3.56
C ILE A 31 5.01 -0.59 -2.24
N ALA A 32 4.86 -1.51 -1.28
CA ALA A 32 4.31 -1.18 0.02
C ALA A 32 4.47 -2.34 1.00
N LYS A 33 4.53 -2.02 2.29
CA LYS A 33 4.68 -3.04 3.32
C LYS A 33 4.62 -2.42 4.72
N ILE A 34 3.61 -2.81 5.48
CA ILE A 34 3.44 -2.29 6.84
C ILE A 34 3.47 -3.42 7.86
N HIS A 35 3.92 -3.10 9.07
CA HIS A 35 4.00 -4.09 10.14
C HIS A 35 4.39 -3.43 11.46
N SER A 36 4.09 -4.10 12.57
CA SER A 36 4.41 -3.57 13.89
C SER A 36 5.81 -3.99 14.33
N ASP A 37 6.54 -3.07 14.93
CA ASP A 37 7.90 -3.34 15.39
C ASP A 37 7.90 -4.44 16.45
N LEU A 38 6.94 -4.38 17.35
CA LEU A 38 6.83 -5.37 18.42
C LEU A 38 7.06 -6.78 17.88
N ALA A 39 6.80 -6.96 16.59
CA ALA A 39 7.00 -8.26 15.94
C ALA A 39 8.45 -8.70 16.02
N GLU A 40 9.33 -7.93 15.40
CA GLU A 40 10.76 -8.24 15.40
C GLU A 40 11.35 -8.09 16.80
N GLU A 41 10.85 -7.13 17.55
CA GLU A 41 11.32 -6.88 18.90
C GLU A 41 11.04 -8.08 19.81
N ARG A 42 9.77 -8.47 19.89
CA ARG A 42 9.37 -9.59 20.72
C ARG A 42 9.55 -10.91 19.97
N GLY A 43 9.04 -10.97 18.75
CA GLY A 43 9.16 -12.17 17.96
C GLY A 43 7.81 -12.81 17.65
N LEU A 44 6.77 -11.98 17.59
CA LEU A 44 5.42 -12.47 17.32
C LEU A 44 5.10 -12.36 15.83
N LYS A 45 4.17 -13.19 15.38
CA LYS A 45 3.77 -13.19 13.98
C LYS A 45 2.52 -12.31 13.77
N ILE A 46 2.75 -11.04 13.46
CA ILE A 46 1.67 -10.11 13.22
C ILE A 46 0.96 -10.40 11.90
N THR A 47 -0.35 -10.14 11.87
CA THR A 47 -1.14 -10.37 10.66
C THR A 47 -1.46 -9.07 9.96
N TYR A 48 -1.37 -9.07 8.63
CA TYR A 48 -1.65 -7.88 7.84
C TYR A 48 -2.69 -8.18 6.76
N LYS A 49 -3.69 -7.31 6.67
CA LYS A 49 -4.76 -7.47 5.69
C LYS A 49 -5.02 -6.17 4.95
N TYR A 50 -5.56 -6.27 3.74
CA TYR A 50 -5.86 -5.10 2.94
C TYR A 50 -7.29 -5.16 2.40
N THR A 51 -8.02 -4.05 2.55
CA THR A 51 -9.39 -3.98 2.08
C THR A 51 -9.62 -2.75 1.20
N GLY A 52 -10.22 -2.96 0.04
CA GLY A 52 -10.48 -1.86 -0.87
C GLY A 52 -10.58 -2.31 -2.31
N LYS A 53 -10.52 -1.35 -3.24
CA LYS A 53 -10.60 -1.65 -4.66
C LYS A 53 -9.42 -2.51 -5.11
N GLY A 54 -9.72 -3.66 -5.69
CA GLY A 54 -8.67 -4.55 -6.16
C GLY A 54 -8.61 -5.85 -5.37
N ILE A 55 -9.07 -5.79 -4.12
CA ILE A 55 -9.07 -6.97 -3.25
C ILE A 55 -10.49 -7.38 -2.88
N THR A 56 -11.22 -6.47 -2.26
CA THR A 56 -12.59 -6.74 -1.84
C THR A 56 -13.58 -6.36 -2.95
N GLU A 57 -13.16 -5.43 -3.82
CA GLU A 57 -14.02 -4.98 -4.91
C GLU A 57 -13.29 -5.10 -6.25
N PRO A 58 -14.06 -5.32 -7.32
CA PRO A 58 -13.50 -5.46 -8.67
C PRO A 58 -12.96 -4.14 -9.22
N PRO A 59 -12.24 -4.22 -10.34
CA PRO A 59 -11.97 -5.48 -11.02
C PRO A 59 -11.02 -6.38 -10.24
N PHE A 60 -11.46 -7.61 -9.97
CA PHE A 60 -10.65 -8.56 -9.22
C PHE A 60 -9.34 -8.84 -9.94
N GLY A 61 -8.36 -9.36 -9.20
CA GLY A 61 -7.07 -9.67 -9.79
C GLY A 61 -6.24 -8.43 -10.06
N ILE A 62 -5.95 -7.69 -8.99
CA ILE A 62 -5.15 -6.46 -9.12
C ILE A 62 -4.02 -6.44 -8.11
N PHE A 63 -4.38 -6.51 -6.82
CA PHE A 63 -3.38 -6.49 -5.76
C PHE A 63 -3.44 -7.79 -4.94
N VAL A 64 -2.27 -8.32 -4.61
CA VAL A 64 -2.18 -9.56 -3.84
C VAL A 64 -1.24 -9.40 -2.65
N PHE A 65 -1.66 -9.91 -1.49
CA PHE A 65 -0.86 -9.82 -0.28
C PHE A 65 -0.89 -11.14 0.49
N ASN A 66 0.15 -11.37 1.28
CA ASN A 66 0.24 -12.60 2.07
C ASN A 66 0.74 -12.30 3.48
N LYS A 67 0.12 -12.93 4.47
CA LYS A 67 0.52 -12.73 5.86
C LYS A 67 1.76 -13.54 6.20
N ASP A 68 2.13 -14.45 5.30
CA ASP A 68 3.31 -15.29 5.51
C ASP A 68 4.59 -14.50 5.24
N THR A 69 4.53 -13.60 4.27
CA THR A 69 5.68 -12.78 3.92
C THR A 69 5.47 -11.32 4.33
N GLY A 70 4.21 -10.90 4.36
CA GLY A 70 3.90 -9.54 4.75
C GLY A 70 4.39 -8.53 3.73
N GLU A 71 3.91 -8.64 2.49
CA GLU A 71 4.31 -7.73 1.44
C GLU A 71 3.16 -7.49 0.45
N LEU A 72 3.27 -6.43 -0.34
CA LEU A 72 2.25 -6.10 -1.32
C LEU A 72 2.86 -5.96 -2.72
N ASN A 73 2.41 -6.81 -3.64
CA ASN A 73 2.91 -6.77 -5.01
C ASN A 73 1.76 -6.71 -6.01
N VAL A 74 1.91 -5.88 -7.03
CA VAL A 74 0.88 -5.73 -8.06
C VAL A 74 1.04 -6.78 -9.15
N THR A 75 -0.09 -7.39 -9.53
CA THR A 75 -0.07 -8.42 -10.56
C THR A 75 -0.94 -8.01 -11.75
N SER A 76 -1.05 -6.71 -11.97
CA SER A 76 -1.84 -6.18 -13.07
C SER A 76 -1.42 -4.76 -13.43
N ILE A 77 -1.52 -4.42 -14.70
CA ILE A 77 -1.15 -3.10 -15.18
C ILE A 77 -2.22 -2.07 -14.84
N LEU A 78 -1.84 -1.06 -14.06
CA LEU A 78 -2.76 -0.01 -13.66
C LEU A 78 -3.32 0.72 -14.88
N ASP A 79 -4.37 1.49 -14.68
CA ASP A 79 -5.01 2.25 -15.75
C ASP A 79 -5.90 3.34 -15.20
N ARG A 80 -5.71 4.56 -15.69
CA ARG A 80 -6.50 5.70 -15.24
C ARG A 80 -7.92 5.63 -15.80
N GLU A 81 -8.07 4.97 -16.94
CA GLU A 81 -9.37 4.83 -17.58
C GLU A 81 -10.30 3.96 -16.74
N GLU A 82 -9.86 2.75 -16.44
CA GLU A 82 -10.65 1.81 -15.64
C GLU A 82 -10.62 2.22 -14.17
N THR A 83 -9.43 2.31 -13.60
CA THR A 83 -9.27 2.67 -12.20
C THR A 83 -8.38 3.89 -12.05
N PRO A 84 -9.00 5.08 -11.98
CA PRO A 84 -8.27 6.35 -11.83
C PRO A 84 -7.63 6.50 -10.47
N PHE A 85 -8.13 5.72 -9.49
CA PHE A 85 -7.60 5.76 -8.13
C PHE A 85 -7.76 4.42 -7.45
N PHE A 86 -6.94 4.17 -6.43
CA PHE A 86 -6.99 2.92 -5.69
C PHE A 86 -6.96 3.17 -4.19
N LEU A 87 -8.07 2.87 -3.52
CA LEU A 87 -8.17 3.07 -2.08
C LEU A 87 -7.99 1.75 -1.34
N LEU A 88 -7.03 1.73 -0.41
CA LEU A 88 -6.75 0.53 0.37
C LEU A 88 -6.51 0.88 1.83
N THR A 89 -6.66 -0.11 2.71
CA THR A 89 -6.46 0.10 4.14
C THR A 89 -5.60 -1.01 4.74
N GLY A 90 -4.70 -0.63 5.64
CA GLY A 90 -3.83 -1.61 6.27
C GLY A 90 -4.17 -1.83 7.73
N TYR A 91 -4.31 -3.09 8.12
CA TYR A 91 -4.64 -3.43 9.51
C TYR A 91 -3.52 -4.24 10.15
N ALA A 92 -3.20 -3.91 11.40
CA ALA A 92 -2.15 -4.61 12.13
C ALA A 92 -2.73 -5.40 13.30
N LEU A 93 -3.28 -6.57 13.00
CA LEU A 93 -3.87 -7.42 14.03
C LEU A 93 -2.81 -8.28 14.71
N ASP A 94 -2.96 -8.49 16.01
CA ASP A 94 -2.02 -9.30 16.77
C ASP A 94 -2.33 -10.79 16.63
N ALA A 95 -1.45 -11.63 17.14
CA ALA A 95 -1.63 -13.07 17.08
C ALA A 95 -3.07 -13.45 17.39
N ARG A 96 -3.71 -12.68 18.28
CA ARG A 96 -5.09 -12.94 18.68
C ARG A 96 -6.06 -12.52 17.57
N GLY A 97 -5.75 -11.40 16.93
CA GLY A 97 -6.61 -10.91 15.86
C GLY A 97 -7.40 -9.69 16.27
N ASN A 98 -6.80 -8.84 17.10
CA ASN A 98 -7.47 -7.63 17.56
C ASN A 98 -6.76 -6.38 17.04
N ASN A 99 -7.53 -5.33 16.81
CA ASN A 99 -6.97 -4.07 16.31
C ASN A 99 -6.27 -3.30 17.42
N VAL A 100 -5.01 -3.63 17.66
CA VAL A 100 -4.23 -2.96 18.70
C VAL A 100 -3.80 -1.57 18.26
N GLU A 101 -3.49 -1.43 16.97
CA GLU A 101 -3.07 -0.15 16.42
C GLU A 101 -3.88 0.20 15.18
N LYS A 102 -4.64 1.29 15.27
CA LYS A 102 -5.47 1.75 14.16
C LYS A 102 -4.77 1.48 12.82
N PRO A 103 -5.56 1.18 11.78
CA PRO A 103 -5.04 0.91 10.44
C PRO A 103 -4.48 2.16 9.78
N LEU A 104 -4.15 2.04 8.49
CA LEU A 104 -3.59 3.16 7.74
C LEU A 104 -4.41 3.42 6.48
N GLU A 105 -4.47 4.69 6.07
CA GLU A 105 -5.23 5.06 4.88
C GLU A 105 -4.32 5.12 3.65
N LEU A 106 -3.78 3.97 3.28
CA LEU A 106 -2.89 3.87 2.13
C LEU A 106 -3.62 4.27 0.84
N ARG A 107 -3.19 5.38 0.24
CA ARG A 107 -3.80 5.86 -0.99
C ARG A 107 -2.83 5.71 -2.17
N ILE A 108 -3.32 5.09 -3.25
CA ILE A 108 -2.50 4.89 -4.44
C ILE A 108 -3.10 5.59 -5.64
N LYS A 109 -2.47 6.69 -6.05
CA LYS A 109 -2.94 7.46 -7.20
C LYS A 109 -2.36 6.91 -8.50
N VAL A 110 -3.11 7.05 -9.59
CA VAL A 110 -2.67 6.57 -10.89
C VAL A 110 -2.33 7.73 -11.81
N LEU A 111 -1.05 7.88 -12.15
CA LEU A 111 -0.61 8.94 -13.03
C LEU A 111 -0.75 8.54 -14.50
N ASP A 112 -1.05 9.53 -15.35
CA ASP A 112 -1.22 9.28 -16.77
C ASP A 112 0.09 8.82 -17.39
N ILE A 113 0.04 8.47 -18.68
CA ILE A 113 1.22 8.02 -19.40
C ILE A 113 2.26 9.13 -19.51
N ASN A 114 1.79 10.37 -19.63
CA ASN A 114 2.67 11.52 -19.75
C ASN A 114 2.70 12.32 -18.45
N ASP A 115 2.73 11.60 -17.33
CA ASP A 115 2.76 12.24 -16.01
C ASP A 115 3.70 13.45 -16.01
N ASN A 116 3.11 14.64 -15.91
CA ASN A 116 3.90 15.86 -15.90
C ASN A 116 3.68 16.64 -14.61
N GLU A 117 3.53 15.91 -13.51
CA GLU A 117 3.31 16.54 -12.20
C GLU A 117 4.24 17.73 -12.02
N PRO A 118 3.72 18.78 -11.36
CA PRO A 118 4.49 20.00 -11.10
C PRO A 118 5.60 19.78 -10.07
N VAL A 119 6.45 20.79 -9.90
CA VAL A 119 7.54 20.71 -8.96
C VAL A 119 7.39 21.75 -7.84
N PHE A 120 7.49 21.29 -6.60
CA PHE A 120 7.37 22.17 -5.45
C PHE A 120 7.98 21.55 -4.20
N THR A 121 7.90 22.26 -3.08
CA THR A 121 8.44 21.77 -1.82
C THR A 121 7.41 21.82 -0.72
N GLN A 122 7.65 21.07 0.36
CA GLN A 122 6.73 21.03 1.49
C GLN A 122 7.44 21.45 2.77
N ASP A 123 6.98 22.54 3.38
CA ASP A 123 7.57 23.03 4.61
C ASP A 123 6.54 23.06 5.73
N GLY A 1 -11.93 9.42 13.93
CA GLY A 1 -12.51 10.60 14.56
C GLY A 1 -11.62 11.82 14.42
N SER A 2 -12.18 12.91 13.90
CA SER A 2 -11.44 14.14 13.71
C SER A 2 -12.03 15.27 14.53
N SER A 3 -12.40 14.96 15.78
CA SER A 3 -12.99 15.95 16.67
C SER A 3 -11.92 16.60 17.54
N GLY A 4 -10.79 16.93 16.93
CA GLY A 4 -9.70 17.55 17.66
C GLY A 4 -9.03 16.60 18.64
N SER A 5 -7.78 16.28 18.38
CA SER A 5 -7.03 15.37 19.25
C SER A 5 -5.53 15.60 19.12
N SER A 6 -4.78 15.12 20.10
CA SER A 6 -3.32 15.28 20.10
C SER A 6 -2.66 14.23 21.00
N GLY A 7 -1.34 14.31 21.10
CA GLY A 7 -0.61 13.37 21.92
C GLY A 7 0.77 13.07 21.38
N GLN A 8 1.20 11.81 21.50
CA GLN A 8 2.50 11.39 21.01
C GLN A 8 2.55 11.40 19.48
N LYS A 9 3.62 11.96 18.93
CA LYS A 9 3.78 12.03 17.48
C LYS A 9 4.44 10.76 16.95
N ARG A 10 3.62 9.77 16.62
CA ARG A 10 4.13 8.50 16.10
C ARG A 10 4.07 8.48 14.57
N ALA A 11 4.84 7.59 13.97
CA ALA A 11 4.88 7.46 12.52
C ALA A 11 3.95 6.37 12.03
N TRP A 12 2.68 6.70 11.86
CA TRP A 12 1.68 5.74 11.39
C TRP A 12 1.22 6.07 9.98
N ILE A 13 1.40 7.32 9.58
CA ILE A 13 1.00 7.76 8.25
C ILE A 13 1.95 7.24 7.19
N THR A 14 1.41 6.57 6.18
CA THR A 14 2.22 6.02 5.10
C THR A 14 2.33 7.01 3.93
N ALA A 15 3.35 6.83 3.11
CA ALA A 15 3.57 7.69 1.96
C ALA A 15 2.66 7.31 0.80
N PRO A 16 2.28 8.30 -0.02
CA PRO A 16 1.41 8.09 -1.18
C PRO A 16 2.10 7.32 -2.28
N VAL A 17 1.49 6.20 -2.69
CA VAL A 17 2.05 5.37 -3.75
C VAL A 17 1.72 5.92 -5.13
N ALA A 18 2.70 5.92 -6.02
CA ALA A 18 2.51 6.43 -7.37
C ALA A 18 3.23 5.55 -8.39
N LEU A 19 2.46 4.97 -9.31
CA LEU A 19 3.02 4.10 -10.34
C LEU A 19 2.66 4.61 -11.73
N ARG A 20 3.05 3.86 -12.76
CA ARG A 20 2.77 4.23 -14.13
C ARG A 20 2.00 3.12 -14.85
N GLU A 21 0.95 3.50 -15.56
CA GLU A 21 0.13 2.54 -16.30
C GLU A 21 0.78 2.18 -17.63
N GLY A 22 0.48 0.98 -18.12
CA GLY A 22 1.04 0.53 -19.38
C GLY A 22 1.54 -0.90 -19.32
N GLU A 23 2.71 -1.10 -18.71
CA GLU A 23 3.29 -2.43 -18.59
C GLU A 23 3.13 -2.96 -17.17
N ASP A 24 3.04 -4.29 -17.05
CA ASP A 24 2.88 -4.93 -15.75
C ASP A 24 3.87 -4.34 -14.74
N LEU A 25 3.35 -3.98 -13.56
CA LEU A 25 4.19 -3.41 -12.51
C LEU A 25 4.66 -4.49 -11.54
N SER A 26 5.60 -5.30 -11.99
CA SER A 26 6.14 -6.39 -11.16
C SER A 26 7.45 -5.96 -10.50
N LYS A 27 8.24 -5.17 -11.22
CA LYS A 27 9.52 -4.70 -10.70
C LYS A 27 9.31 -3.66 -9.60
N LYS A 28 8.32 -2.80 -9.81
CA LYS A 28 8.01 -1.75 -8.84
C LYS A 28 7.87 -2.34 -7.43
N ASN A 29 6.95 -3.28 -7.28
CA ASN A 29 6.72 -3.93 -5.99
C ASN A 29 8.03 -4.45 -5.40
N PRO A 30 8.10 -4.52 -4.07
CA PRO A 30 6.99 -4.09 -3.20
C PRO A 30 6.79 -2.58 -3.23
N ILE A 31 5.53 -2.16 -3.18
CA ILE A 31 5.20 -0.74 -3.20
C ILE A 31 4.82 -0.25 -1.81
N ALA A 32 4.75 -1.17 -0.86
CA ALA A 32 4.41 -0.83 0.52
C ALA A 32 4.54 -2.04 1.44
N LYS A 33 5.37 -1.91 2.47
CA LYS A 33 5.58 -2.99 3.42
C LYS A 33 5.38 -2.51 4.85
N ILE A 34 4.14 -2.20 5.19
CA ILE A 34 3.82 -1.72 6.54
C ILE A 34 3.99 -2.84 7.57
N HIS A 35 4.44 -2.46 8.76
CA HIS A 35 4.65 -3.43 9.83
C HIS A 35 3.99 -2.95 11.13
N SER A 36 3.97 -3.82 12.12
CA SER A 36 3.37 -3.49 13.41
C SER A 36 4.44 -3.14 14.44
N ASP A 37 4.24 -2.02 15.14
CA ASP A 37 5.18 -1.57 16.15
C ASP A 37 5.65 -2.74 17.01
N LEU A 38 4.71 -3.56 17.45
CA LEU A 38 5.02 -4.71 18.29
C LEU A 38 5.90 -5.71 17.53
N ALA A 39 5.65 -5.83 16.23
CA ALA A 39 6.42 -6.75 15.40
C ALA A 39 7.92 -6.51 15.55
N GLU A 40 8.32 -5.25 15.46
CA GLU A 40 9.73 -4.88 15.59
C GLU A 40 10.12 -4.73 17.06
N GLU A 41 9.32 -3.97 17.81
CA GLU A 41 9.58 -3.74 19.23
C GLU A 41 9.98 -5.04 19.91
N ARG A 42 9.23 -6.10 19.67
CA ARG A 42 9.50 -7.41 20.27
C ARG A 42 10.22 -8.31 19.27
N GLY A 43 9.47 -8.81 18.29
CA GLY A 43 10.06 -9.69 17.29
C GLY A 43 9.18 -10.90 17.00
N LEU A 44 7.87 -10.67 16.96
CA LEU A 44 6.92 -11.74 16.68
C LEU A 44 6.43 -11.68 15.24
N LYS A 45 5.57 -12.63 14.87
CA LYS A 45 5.02 -12.68 13.51
C LYS A 45 3.64 -12.05 13.46
N ILE A 46 3.59 -10.74 13.22
CA ILE A 46 2.33 -10.02 13.13
C ILE A 46 1.67 -10.22 11.78
N THR A 47 0.36 -10.46 11.79
CA THR A 47 -0.39 -10.66 10.56
C THR A 47 -1.06 -9.38 10.09
N TYR A 48 -1.06 -9.15 8.78
CA TYR A 48 -1.66 -7.96 8.21
C TYR A 48 -2.88 -8.31 7.36
N LYS A 49 -3.48 -7.30 6.75
CA LYS A 49 -4.65 -7.50 5.90
C LYS A 49 -4.98 -6.24 5.12
N TYR A 50 -5.49 -6.41 3.91
CA TYR A 50 -5.84 -5.29 3.05
C TYR A 50 -7.29 -5.40 2.58
N THR A 51 -8.05 -4.32 2.74
CA THR A 51 -9.44 -4.29 2.33
C THR A 51 -9.75 -3.03 1.52
N GLY A 52 -10.02 -3.22 0.23
CA GLY A 52 -10.34 -2.08 -0.63
C GLY A 52 -10.37 -2.47 -2.10
N LYS A 53 -10.78 -1.52 -2.94
CA LYS A 53 -10.85 -1.76 -4.38
C LYS A 53 -9.67 -2.59 -4.85
N GLY A 54 -9.95 -3.57 -5.72
CA GLY A 54 -8.90 -4.42 -6.24
C GLY A 54 -8.93 -5.81 -5.63
N ILE A 55 -9.07 -5.87 -4.31
CA ILE A 55 -9.11 -7.13 -3.60
C ILE A 55 -10.55 -7.59 -3.35
N THR A 56 -11.32 -6.75 -2.66
CA THR A 56 -12.71 -7.06 -2.37
C THR A 56 -13.62 -6.74 -3.55
N GLU A 57 -13.46 -5.54 -4.09
CA GLU A 57 -14.26 -5.11 -5.23
C GLU A 57 -13.45 -5.18 -6.53
N PRO A 58 -14.16 -5.33 -7.65
CA PRO A 58 -13.53 -5.41 -8.97
C PRO A 58 -12.93 -4.08 -9.41
N PRO A 59 -12.00 -4.14 -10.38
CA PRO A 59 -11.58 -5.41 -10.98
C PRO A 59 -10.77 -6.27 -10.02
N PHE A 60 -10.89 -7.58 -10.17
CA PHE A 60 -10.18 -8.52 -9.31
C PHE A 60 -8.78 -8.81 -9.87
N GLY A 61 -8.01 -9.60 -9.13
CA GLY A 61 -6.67 -9.95 -9.56
C GLY A 61 -5.82 -8.73 -9.84
N ILE A 62 -5.90 -7.74 -8.96
CA ILE A 62 -5.13 -6.51 -9.13
C ILE A 62 -3.98 -6.44 -8.13
N PHE A 63 -4.30 -6.57 -6.85
CA PHE A 63 -3.29 -6.54 -5.80
C PHE A 63 -3.35 -7.80 -4.94
N VAL A 64 -2.18 -8.28 -4.54
CA VAL A 64 -2.09 -9.49 -3.72
C VAL A 64 -1.30 -9.22 -2.45
N PHE A 65 -1.49 -10.09 -1.45
CA PHE A 65 -0.80 -9.95 -0.17
C PHE A 65 -0.78 -11.27 0.59
N ASN A 66 0.36 -11.59 1.17
CA ASN A 66 0.51 -12.83 1.92
C ASN A 66 1.09 -12.57 3.31
N LYS A 67 0.56 -13.26 4.32
CA LYS A 67 1.03 -13.09 5.69
C LYS A 67 2.35 -13.83 5.90
N ASP A 68 2.50 -14.97 5.24
CA ASP A 68 3.71 -15.77 5.36
C ASP A 68 4.95 -14.87 5.38
N THR A 69 4.93 -13.83 4.57
CA THR A 69 6.05 -12.90 4.48
C THR A 69 5.59 -11.46 4.71
N GLY A 70 4.28 -11.25 4.67
CA GLY A 70 3.74 -9.93 4.87
C GLY A 70 4.29 -8.92 3.88
N GLU A 71 3.53 -8.67 2.82
CA GLU A 71 3.96 -7.72 1.79
C GLU A 71 2.83 -7.45 0.79
N LEU A 72 2.87 -6.29 0.17
CA LEU A 72 1.85 -5.91 -0.81
C LEU A 72 2.47 -5.66 -2.18
N ASN A 73 1.94 -6.33 -3.19
CA ASN A 73 2.44 -6.20 -4.56
C ASN A 73 1.29 -6.06 -5.55
N VAL A 74 1.63 -5.76 -6.80
CA VAL A 74 0.63 -5.60 -7.84
C VAL A 74 0.86 -6.59 -8.98
N THR A 75 -0.21 -7.27 -9.39
CA THR A 75 -0.12 -8.25 -10.47
C THR A 75 -1.05 -7.88 -11.62
N SER A 76 -1.15 -6.58 -11.90
CA SER A 76 -2.00 -6.09 -12.98
C SER A 76 -1.54 -4.72 -13.46
N ILE A 77 -1.91 -4.36 -14.68
CA ILE A 77 -1.54 -3.08 -15.26
C ILE A 77 -2.58 -2.02 -14.94
N LEU A 78 -2.22 -1.06 -14.10
CA LEU A 78 -3.12 0.02 -13.72
C LEU A 78 -3.75 0.67 -14.96
N ASP A 79 -5.04 0.96 -14.87
CA ASP A 79 -5.77 1.57 -15.97
C ASP A 79 -6.46 2.86 -15.52
N ARG A 80 -5.76 3.97 -15.63
CA ARG A 80 -6.31 5.26 -15.23
C ARG A 80 -7.76 5.40 -15.69
N GLU A 81 -7.98 5.25 -17.00
CA GLU A 81 -9.32 5.36 -17.57
C GLU A 81 -10.35 4.68 -16.67
N GLU A 82 -10.14 3.38 -16.43
CA GLU A 82 -11.05 2.61 -15.59
C GLU A 82 -10.99 3.07 -14.14
N THR A 83 -9.84 2.86 -13.51
CA THR A 83 -9.66 3.27 -12.12
C THR A 83 -8.53 4.29 -11.99
N PRO A 84 -8.91 5.54 -11.69
CA PRO A 84 -7.96 6.64 -11.52
C PRO A 84 -7.10 6.48 -10.27
N PHE A 85 -7.69 5.88 -9.23
CA PHE A 85 -6.97 5.67 -7.98
C PHE A 85 -7.54 4.47 -7.23
N PHE A 86 -6.73 3.90 -6.35
CA PHE A 86 -7.14 2.73 -5.56
C PHE A 86 -7.04 3.02 -4.07
N LEU A 87 -8.15 2.87 -3.36
CA LEU A 87 -8.18 3.11 -1.93
C LEU A 87 -8.09 1.80 -1.14
N LEU A 88 -7.01 1.65 -0.39
CA LEU A 88 -6.80 0.44 0.40
C LEU A 88 -6.66 0.78 1.89
N THR A 89 -6.39 -0.24 2.70
CA THR A 89 -6.23 -0.05 4.13
C THR A 89 -5.44 -1.19 4.76
N GLY A 90 -4.44 -0.83 5.57
CA GLY A 90 -3.62 -1.83 6.22
C GLY A 90 -3.96 -2.02 7.67
N TYR A 91 -4.03 -3.27 8.11
CA TYR A 91 -4.36 -3.59 9.49
C TYR A 91 -3.26 -4.41 10.15
N ALA A 92 -3.12 -4.27 11.47
CA ALA A 92 -2.11 -4.99 12.22
C ALA A 92 -2.74 -5.94 13.24
N LEU A 93 -2.85 -7.21 12.88
CA LEU A 93 -3.44 -8.21 13.76
C LEU A 93 -2.36 -8.90 14.60
N ASP A 94 -2.50 -8.84 15.92
CA ASP A 94 -1.55 -9.47 16.82
C ASP A 94 -1.67 -10.99 16.78
N ALA A 95 -0.89 -11.66 17.61
CA ALA A 95 -0.91 -13.12 17.67
C ALA A 95 -2.34 -13.64 17.75
N ARG A 96 -3.17 -12.97 18.54
CA ARG A 96 -4.56 -13.36 18.71
C ARG A 96 -5.34 -13.18 17.40
N GLY A 97 -5.01 -12.12 16.67
CA GLY A 97 -5.68 -11.87 15.40
C GLY A 97 -6.59 -10.65 15.48
N ASN A 98 -6.27 -9.72 16.37
CA ASN A 98 -7.06 -8.51 16.54
C ASN A 98 -6.22 -7.27 16.25
N ASN A 99 -6.87 -6.23 15.73
CA ASN A 99 -6.19 -4.98 15.42
C ASN A 99 -5.86 -4.21 16.69
N VAL A 100 -4.57 -4.13 17.00
CA VAL A 100 -4.12 -3.42 18.19
C VAL A 100 -3.98 -1.92 17.92
N GLU A 101 -3.72 -1.58 16.67
CA GLU A 101 -3.56 -0.19 16.28
C GLU A 101 -4.41 0.14 15.05
N LYS A 102 -5.28 1.13 15.18
CA LYS A 102 -6.16 1.53 14.09
C LYS A 102 -5.42 1.48 12.75
N PRO A 103 -6.16 1.23 11.66
CA PRO A 103 -5.59 1.16 10.32
C PRO A 103 -5.13 2.52 9.81
N LEU A 104 -4.55 2.53 8.62
CA LEU A 104 -4.06 3.77 8.01
C LEU A 104 -4.72 4.01 6.66
N GLU A 105 -4.38 5.13 6.04
CA GLU A 105 -4.94 5.48 4.73
C GLU A 105 -3.89 5.32 3.63
N LEU A 106 -4.14 4.39 2.71
CA LEU A 106 -3.22 4.14 1.61
C LEU A 106 -3.86 4.52 0.28
N ARG A 107 -3.34 5.58 -0.34
CA ARG A 107 -3.85 6.05 -1.62
C ARG A 107 -2.85 5.78 -2.74
N ILE A 108 -3.26 4.98 -3.72
CA ILE A 108 -2.40 4.63 -4.84
C ILE A 108 -2.77 5.44 -6.08
N LYS A 109 -1.99 6.47 -6.37
CA LYS A 109 -2.22 7.31 -7.53
C LYS A 109 -1.68 6.68 -8.80
N VAL A 110 -2.42 6.81 -9.90
CA VAL A 110 -2.00 6.25 -11.17
C VAL A 110 -1.46 7.34 -12.10
N LEU A 111 -0.16 7.34 -12.31
CA LEU A 111 0.48 8.32 -13.17
C LEU A 111 0.17 8.04 -14.64
N ASP A 112 0.05 9.10 -15.43
CA ASP A 112 -0.25 8.96 -16.84
C ASP A 112 0.88 8.25 -17.57
N ILE A 113 0.62 7.83 -18.81
CA ILE A 113 1.62 7.12 -19.60
C ILE A 113 2.79 8.05 -19.96
N ASN A 114 2.48 9.33 -20.14
CA ASN A 114 3.50 10.32 -20.49
C ASN A 114 4.04 11.00 -19.23
N ASP A 115 4.02 10.28 -18.11
CA ASP A 115 4.52 10.80 -16.85
C ASP A 115 6.01 10.53 -16.68
N ASN A 116 6.83 11.35 -17.33
CA ASN A 116 8.28 11.18 -17.26
C ASN A 116 8.92 12.36 -16.52
N GLU A 117 8.18 12.92 -15.58
CA GLU A 117 8.68 14.06 -14.80
C GLU A 117 10.03 13.73 -14.16
N PRO A 118 10.80 14.79 -13.84
CA PRO A 118 12.12 14.63 -13.22
C PRO A 118 12.04 14.12 -11.79
N VAL A 119 12.97 13.24 -11.42
CA VAL A 119 13.00 12.68 -10.08
C VAL A 119 14.39 12.83 -9.46
N PHE A 120 14.43 13.44 -8.28
CA PHE A 120 15.70 13.65 -7.57
C PHE A 120 16.61 12.43 -7.73
N THR A 121 17.78 12.65 -8.31
CA THR A 121 18.74 11.58 -8.52
C THR A 121 19.18 10.97 -7.19
N GLN A 122 19.32 9.64 -7.17
CA GLN A 122 19.72 8.93 -5.97
C GLN A 122 21.14 8.40 -6.10
N ASP A 123 21.87 8.39 -4.99
CA ASP A 123 23.24 7.91 -4.99
C ASP A 123 23.34 6.53 -5.64
N GLY A 1 -4.84 14.92 -10.45
CA GLY A 1 -5.56 15.40 -9.28
C GLY A 1 -4.66 16.02 -8.25
N SER A 2 -4.81 15.60 -7.00
CA SER A 2 -4.00 16.14 -5.91
C SER A 2 -2.59 15.56 -5.95
N SER A 3 -1.60 16.40 -5.64
CA SER A 3 -0.21 15.98 -5.65
C SER A 3 0.24 15.56 -4.24
N GLY A 4 -0.62 14.81 -3.56
CA GLY A 4 -0.29 14.36 -2.21
C GLY A 4 -0.64 15.39 -1.15
N SER A 5 -0.72 14.94 0.09
CA SER A 5 -1.06 15.83 1.19
C SER A 5 -0.75 15.16 2.54
N SER A 6 -0.46 15.98 3.55
CA SER A 6 -0.15 15.48 4.88
C SER A 6 -1.38 15.49 5.77
N GLY A 7 -1.47 14.52 6.67
CA GLY A 7 -2.60 14.44 7.57
C GLY A 7 -2.19 14.14 9.01
N GLN A 8 -3.06 13.44 9.74
CA GLN A 8 -2.78 13.09 11.12
C GLN A 8 -1.84 11.89 11.20
N LYS A 9 -0.55 12.16 11.28
CA LYS A 9 0.45 11.11 11.36
C LYS A 9 0.50 10.50 12.77
N ARG A 10 -0.26 9.43 12.96
CA ARG A 10 -0.31 8.76 14.26
C ARG A 10 0.29 7.36 14.17
N ALA A 11 1.44 7.18 14.84
CA ALA A 11 2.12 5.88 14.83
C ALA A 11 2.04 5.23 13.46
N TRP A 12 2.34 6.01 12.42
CA TRP A 12 2.30 5.50 11.05
C TRP A 12 3.26 6.28 10.16
N ILE A 13 4.07 5.57 9.38
CA ILE A 13 5.01 6.20 8.48
C ILE A 13 4.80 5.75 7.04
N THR A 14 3.81 6.34 6.38
CA THR A 14 3.50 6.01 5.00
C THR A 14 3.42 7.26 4.13
N ALA A 15 3.63 7.09 2.83
CA ALA A 15 3.59 8.20 1.90
C ALA A 15 2.70 7.88 0.70
N PRO A 16 2.28 8.92 -0.02
CA PRO A 16 1.42 8.76 -1.21
C PRO A 16 2.14 8.11 -2.38
N VAL A 17 1.66 6.94 -2.78
CA VAL A 17 2.27 6.21 -3.89
C VAL A 17 1.76 6.71 -5.23
N ALA A 18 2.65 6.86 -6.20
CA ALA A 18 2.29 7.33 -7.53
C ALA A 18 2.82 6.41 -8.61
N LEU A 19 1.99 5.47 -9.04
CA LEU A 19 2.37 4.51 -10.08
C LEU A 19 1.73 4.87 -11.41
N ARG A 20 2.47 4.67 -12.49
CA ARG A 20 1.97 4.97 -13.83
C ARG A 20 1.06 3.85 -14.33
N GLU A 21 0.55 4.01 -15.55
CA GLU A 21 -0.35 3.02 -16.13
C GLU A 21 0.14 2.60 -17.53
N GLY A 22 -0.08 1.34 -17.87
CA GLY A 22 0.34 0.84 -19.17
C GLY A 22 1.38 -0.25 -19.06
N GLU A 23 2.60 0.12 -18.69
CA GLU A 23 3.69 -0.84 -18.56
C GLU A 23 3.54 -1.65 -17.28
N ASP A 24 3.97 -2.91 -17.31
CA ASP A 24 3.89 -3.79 -16.16
C ASP A 24 4.79 -3.30 -15.04
N LEU A 25 4.55 -3.81 -13.84
CA LEU A 25 5.34 -3.42 -12.67
C LEU A 25 5.78 -4.66 -11.88
N SER A 26 6.92 -5.23 -12.28
CA SER A 26 7.45 -6.41 -11.61
C SER A 26 8.69 -6.05 -10.79
N LYS A 27 9.30 -4.92 -11.11
CA LYS A 27 10.49 -4.46 -10.40
C LYS A 27 10.14 -3.38 -9.39
N LYS A 28 9.08 -2.63 -9.67
CA LYS A 28 8.64 -1.56 -8.79
C LYS A 28 8.33 -2.10 -7.40
N ASN A 29 7.80 -3.31 -7.34
CA ASN A 29 7.46 -3.94 -6.07
C ASN A 29 8.72 -4.36 -5.32
N PRO A 30 8.67 -4.30 -3.98
CA PRO A 30 7.47 -3.85 -3.26
C PRO A 30 7.21 -2.36 -3.44
N ILE A 31 5.94 -1.99 -3.54
CA ILE A 31 5.55 -0.59 -3.71
C ILE A 31 5.14 0.03 -2.38
N ALA A 32 4.70 -0.81 -1.45
CA ALA A 32 4.27 -0.35 -0.14
C ALA A 32 4.42 -1.44 0.90
N LYS A 33 5.06 -1.11 2.02
CA LYS A 33 5.27 -2.06 3.10
C LYS A 33 4.87 -1.46 4.45
N ILE A 34 4.37 -2.31 5.34
CA ILE A 34 3.96 -1.86 6.67
C ILE A 34 4.49 -2.79 7.75
N HIS A 35 4.85 -2.20 8.88
CA HIS A 35 5.38 -2.97 10.01
C HIS A 35 4.61 -2.66 11.29
N SER A 36 4.62 -3.61 12.22
CA SER A 36 3.91 -3.44 13.49
C SER A 36 4.89 -3.20 14.63
N ASP A 37 4.43 -2.51 15.67
CA ASP A 37 5.27 -2.22 16.82
C ASP A 37 5.49 -3.47 17.67
N LEU A 38 4.44 -3.92 18.34
CA LEU A 38 4.52 -5.10 19.18
C LEU A 38 5.25 -6.23 18.46
N ALA A 39 5.26 -6.17 17.14
CA ALA A 39 5.92 -7.19 16.33
C ALA A 39 7.42 -7.23 16.62
N GLU A 40 8.03 -6.05 16.75
CA GLU A 40 9.45 -5.95 17.02
C GLU A 40 9.70 -5.69 18.51
N GLU A 41 8.82 -4.90 19.12
CA GLU A 41 8.95 -4.57 20.53
C GLU A 41 8.92 -5.83 21.39
N ARG A 42 7.82 -6.57 21.32
CA ARG A 42 7.66 -7.79 22.09
C ARG A 42 8.27 -8.99 21.35
N GLY A 43 7.64 -9.37 20.25
CA GLY A 43 8.13 -10.49 19.47
C GLY A 43 7.01 -11.35 18.93
N LEU A 44 5.99 -10.71 18.37
CA LEU A 44 4.84 -11.44 17.82
C LEU A 44 4.80 -11.31 16.30
N LYS A 45 4.07 -12.23 15.66
CA LYS A 45 3.96 -12.23 14.21
C LYS A 45 2.66 -11.57 13.77
N ILE A 46 2.58 -10.25 13.90
CA ILE A 46 1.39 -9.51 13.52
C ILE A 46 0.98 -9.82 12.08
N THR A 47 -0.32 -9.74 11.81
CA THR A 47 -0.83 -10.01 10.47
C THR A 47 -1.23 -8.72 9.76
N TYR A 48 -1.04 -8.69 8.46
CA TYR A 48 -1.39 -7.52 7.66
C TYR A 48 -2.51 -7.84 6.68
N LYS A 49 -3.59 -7.06 6.76
CA LYS A 49 -4.74 -7.26 5.89
C LYS A 49 -4.96 -6.03 5.01
N TYR A 50 -5.31 -6.26 3.75
CA TYR A 50 -5.56 -5.17 2.82
C TYR A 50 -6.98 -5.24 2.26
N THR A 51 -7.71 -4.15 2.40
CA THR A 51 -9.09 -4.07 1.92
C THR A 51 -9.33 -2.81 1.12
N GLY A 52 -9.95 -2.96 -0.05
CA GLY A 52 -10.23 -1.81 -0.89
C GLY A 52 -10.30 -2.18 -2.36
N LYS A 53 -10.28 -1.18 -3.23
CA LYS A 53 -10.34 -1.40 -4.66
C LYS A 53 -9.30 -2.42 -5.10
N GLY A 54 -9.70 -3.35 -5.97
CA GLY A 54 -8.79 -4.36 -6.45
C GLY A 54 -8.88 -5.65 -5.65
N ILE A 55 -8.87 -5.52 -4.32
CA ILE A 55 -8.95 -6.68 -3.44
C ILE A 55 -10.40 -7.05 -3.16
N THR A 56 -11.18 -6.08 -2.70
CA THR A 56 -12.58 -6.30 -2.38
C THR A 56 -13.48 -5.96 -3.58
N GLU A 57 -13.31 -4.77 -4.12
CA GLU A 57 -14.09 -4.33 -5.26
C GLU A 57 -13.37 -4.64 -6.57
N PRO A 58 -14.15 -4.87 -7.64
CA PRO A 58 -13.60 -5.18 -8.97
C PRO A 58 -12.92 -3.98 -9.61
N PRO A 59 -12.05 -4.25 -10.59
CA PRO A 59 -11.77 -5.60 -11.05
C PRO A 59 -10.99 -6.42 -10.02
N PHE A 60 -11.38 -7.67 -9.83
CA PHE A 60 -10.71 -8.54 -8.88
C PHE A 60 -9.40 -9.08 -9.44
N GLY A 61 -8.50 -9.49 -8.55
CA GLY A 61 -7.23 -10.01 -8.98
C GLY A 61 -6.25 -8.92 -9.38
N ILE A 62 -6.22 -7.85 -8.61
CA ILE A 62 -5.33 -6.73 -8.88
C ILE A 62 -4.12 -6.73 -7.95
N PHE A 63 -4.39 -6.62 -6.65
CA PHE A 63 -3.33 -6.62 -5.65
C PHE A 63 -3.33 -7.91 -4.85
N VAL A 64 -2.14 -8.42 -4.55
CA VAL A 64 -2.01 -9.65 -3.78
C VAL A 64 -1.04 -9.47 -2.61
N PHE A 65 -1.47 -9.89 -1.42
CA PHE A 65 -0.65 -9.77 -0.22
C PHE A 65 -0.54 -11.12 0.50
N ASN A 66 0.52 -11.28 1.27
CA ASN A 66 0.75 -12.51 2.00
C ASN A 66 0.89 -12.24 3.50
N LYS A 67 0.40 -13.16 4.32
CA LYS A 67 0.48 -13.02 5.77
C LYS A 67 1.64 -13.82 6.34
N ASP A 68 2.73 -13.91 5.57
CA ASP A 68 3.90 -14.65 5.99
C ASP A 68 5.15 -13.76 5.97
N THR A 69 5.32 -13.04 4.87
CA THR A 69 6.47 -12.14 4.72
C THR A 69 6.07 -10.70 4.97
N GLY A 70 4.99 -10.26 4.31
CA GLY A 70 4.53 -8.89 4.47
C GLY A 70 5.04 -7.97 3.39
N GLU A 71 4.35 -7.94 2.26
CA GLU A 71 4.76 -7.10 1.14
C GLU A 71 3.64 -7.03 0.09
N LEU A 72 3.42 -5.84 -0.44
CA LEU A 72 2.40 -5.62 -1.46
C LEU A 72 2.99 -5.74 -2.86
N ASN A 73 2.33 -6.50 -3.72
CA ASN A 73 2.78 -6.69 -5.09
C ASN A 73 1.62 -6.58 -6.08
N VAL A 74 1.89 -6.04 -7.25
CA VAL A 74 0.88 -5.87 -8.28
C VAL A 74 1.10 -6.85 -9.44
N THR A 75 0.08 -7.65 -9.72
CA THR A 75 0.16 -8.63 -10.80
C THR A 75 -0.45 -8.08 -12.09
N SER A 76 -1.38 -7.14 -11.94
CA SER A 76 -2.04 -6.53 -13.10
C SER A 76 -1.42 -5.19 -13.43
N ILE A 77 -1.95 -4.55 -14.47
CA ILE A 77 -1.45 -3.25 -14.90
C ILE A 77 -2.49 -2.15 -14.66
N LEU A 78 -2.17 -1.23 -13.76
CA LEU A 78 -3.08 -0.12 -13.44
C LEU A 78 -3.52 0.60 -14.71
N ASP A 79 -4.79 0.94 -14.78
CA ASP A 79 -5.34 1.65 -15.93
C ASP A 79 -6.22 2.81 -15.49
N ARG A 80 -5.68 4.01 -15.56
CA ARG A 80 -6.42 5.21 -15.17
C ARG A 80 -7.82 5.20 -15.77
N GLU A 81 -7.90 4.94 -17.07
CA GLU A 81 -9.19 4.91 -17.76
C GLU A 81 -10.23 4.15 -16.94
N GLU A 82 -9.88 2.94 -16.53
CA GLU A 82 -10.78 2.11 -15.73
C GLU A 82 -10.86 2.62 -14.30
N THR A 83 -9.75 2.54 -13.58
CA THR A 83 -9.68 2.99 -12.20
C THR A 83 -8.74 4.17 -12.04
N PRO A 84 -9.27 5.29 -11.53
CA PRO A 84 -8.49 6.51 -11.32
C PRO A 84 -7.48 6.36 -10.19
N PHE A 85 -7.89 5.70 -9.11
CA PHE A 85 -7.02 5.49 -7.96
C PHE A 85 -7.44 4.25 -7.19
N PHE A 86 -6.55 3.76 -6.33
CA PHE A 86 -6.82 2.56 -5.54
C PHE A 86 -6.71 2.89 -4.04
N LEU A 87 -7.82 2.78 -3.34
CA LEU A 87 -7.86 3.05 -1.90
C LEU A 87 -7.88 1.75 -1.10
N LEU A 88 -6.78 1.48 -0.40
CA LEU A 88 -6.67 0.28 0.41
C LEU A 88 -6.55 0.63 1.89
N THR A 89 -6.53 -0.40 2.74
CA THR A 89 -6.42 -0.20 4.17
C THR A 89 -5.63 -1.34 4.83
N GLY A 90 -4.63 -0.97 5.62
CA GLY A 90 -3.80 -1.96 6.29
C GLY A 90 -4.26 -2.23 7.71
N TYR A 91 -4.37 -3.50 8.07
CA TYR A 91 -4.81 -3.88 9.41
C TYR A 91 -3.76 -4.77 10.09
N ALA A 92 -3.33 -4.37 11.28
CA ALA A 92 -2.35 -5.13 12.03
C ALA A 92 -3.00 -5.98 13.11
N LEU A 93 -3.79 -6.96 12.68
CA LEU A 93 -4.48 -7.85 13.61
C LEU A 93 -3.48 -8.53 14.54
N ASP A 94 -3.90 -8.72 15.80
CA ASP A 94 -3.04 -9.35 16.79
C ASP A 94 -2.99 -10.87 16.57
N ALA A 95 -2.24 -11.56 17.42
CA ALA A 95 -2.10 -13.01 17.31
C ALA A 95 -3.47 -13.68 17.25
N ARG A 96 -4.48 -13.03 17.83
CA ARG A 96 -5.83 -13.57 17.85
C ARG A 96 -6.54 -13.30 16.52
N GLY A 97 -6.36 -12.08 16.00
CA GLY A 97 -6.99 -11.72 14.75
C GLY A 97 -7.99 -10.59 14.91
N ASN A 98 -7.71 -9.67 15.82
CA ASN A 98 -8.59 -8.55 16.07
C ASN A 98 -7.84 -7.22 15.93
N ASN A 99 -8.52 -6.22 15.41
CA ASN A 99 -7.92 -4.90 15.22
C ASN A 99 -7.66 -4.22 16.56
N VAL A 100 -6.42 -4.29 17.01
CA VAL A 100 -6.04 -3.67 18.28
C VAL A 100 -5.39 -2.31 18.06
N GLU A 101 -4.98 -2.04 16.82
CA GLU A 101 -4.35 -0.78 16.48
C GLU A 101 -5.06 -0.11 15.31
N LYS A 102 -5.29 1.19 15.43
CA LYS A 102 -5.97 1.95 14.38
C LYS A 102 -5.34 1.67 13.02
N PRO A 103 -6.17 1.21 12.07
CA PRO A 103 -5.71 0.90 10.72
C PRO A 103 -5.35 2.15 9.92
N LEU A 104 -4.26 2.08 9.17
CA LEU A 104 -3.81 3.21 8.37
C LEU A 104 -4.63 3.33 7.08
N GLU A 105 -4.49 4.46 6.41
CA GLU A 105 -5.22 4.70 5.17
C GLU A 105 -4.26 5.01 4.02
N LEU A 106 -4.17 4.09 3.06
CA LEU A 106 -3.29 4.27 1.92
C LEU A 106 -4.04 4.89 0.74
N ARG A 107 -3.33 5.65 -0.08
CA ARG A 107 -3.93 6.29 -1.24
C ARG A 107 -3.01 6.20 -2.45
N ILE A 108 -3.41 5.40 -3.43
CA ILE A 108 -2.62 5.22 -4.64
C ILE A 108 -3.18 6.06 -5.79
N LYS A 109 -2.35 6.98 -6.29
CA LYS A 109 -2.76 7.84 -7.38
C LYS A 109 -2.15 7.38 -8.71
N VAL A 110 -3.01 6.90 -9.61
CA VAL A 110 -2.56 6.42 -10.91
C VAL A 110 -2.12 7.58 -11.80
N LEU A 111 -0.92 7.46 -12.36
CA LEU A 111 -0.38 8.49 -13.24
C LEU A 111 -0.47 8.08 -14.69
N ASP A 112 -0.87 9.01 -15.55
CA ASP A 112 -0.99 8.74 -16.98
C ASP A 112 0.37 8.52 -17.61
N ILE A 113 0.49 7.43 -18.36
CA ILE A 113 1.75 7.10 -19.03
C ILE A 113 2.38 8.33 -19.66
N ASN A 114 1.56 9.10 -20.37
CA ASN A 114 2.02 10.31 -21.04
C ASN A 114 3.01 11.07 -20.15
N ASP A 115 2.61 11.30 -18.91
CA ASP A 115 3.46 12.01 -17.96
C ASP A 115 4.89 11.47 -17.98
N ASN A 116 5.86 12.37 -18.10
CA ASN A 116 7.26 11.97 -18.13
C ASN A 116 8.00 12.47 -16.90
N GLU A 117 7.25 13.08 -15.98
CA GLU A 117 7.84 13.61 -14.75
C GLU A 117 8.99 12.73 -14.27
N PRO A 118 10.06 13.38 -13.77
CA PRO A 118 11.25 12.66 -13.27
C PRO A 118 10.97 11.92 -11.98
N VAL A 119 11.80 10.92 -11.68
CA VAL A 119 11.65 10.14 -10.46
C VAL A 119 12.61 10.61 -9.38
N PHE A 120 12.85 11.91 -9.34
CA PHE A 120 13.74 12.49 -8.34
C PHE A 120 13.37 12.02 -6.94
N THR A 121 14.26 11.24 -6.33
CA THR A 121 14.03 10.73 -4.99
C THR A 121 14.84 11.49 -3.95
N GLN A 122 14.37 11.49 -2.71
CA GLN A 122 15.06 12.18 -1.63
C GLN A 122 15.38 11.23 -0.49
N ASP A 123 16.30 11.65 0.39
CA ASP A 123 16.69 10.83 1.52
C ASP A 123 15.75 11.04 2.70
N GLY A 1 19.61 -8.22 2.52
CA GLY A 1 20.53 -7.92 1.45
C GLY A 1 21.84 -7.34 1.94
N SER A 2 22.95 -7.87 1.43
CA SER A 2 24.28 -7.39 1.83
C SER A 2 24.34 -5.87 1.80
N SER A 3 23.98 -5.29 0.65
CA SER A 3 24.00 -3.85 0.48
C SER A 3 22.63 -3.25 0.78
N GLY A 4 22.63 -2.11 1.46
CA GLY A 4 21.38 -1.44 1.81
C GLY A 4 21.55 0.05 1.96
N SER A 5 20.44 0.78 1.83
CA SER A 5 20.46 2.23 1.95
C SER A 5 20.44 2.66 3.41
N SER A 6 20.67 3.94 3.65
CA SER A 6 20.68 4.48 5.01
C SER A 6 19.32 5.09 5.36
N GLY A 7 19.10 5.30 6.65
CA GLY A 7 17.85 5.87 7.10
C GLY A 7 16.93 4.84 7.73
N GLN A 8 16.16 5.27 8.73
CA GLN A 8 15.23 4.38 9.41
C GLN A 8 14.09 5.16 10.05
N LYS A 9 12.88 4.64 9.91
CA LYS A 9 11.69 5.29 10.48
C LYS A 9 11.11 4.46 11.61
N ARG A 10 10.81 5.12 12.73
CA ARG A 10 10.24 4.44 13.89
C ARG A 10 8.87 5.01 14.23
N ALA A 11 8.23 5.65 13.24
CA ALA A 11 6.92 6.23 13.44
C ALA A 11 5.86 5.47 12.65
N TRP A 12 4.60 5.56 13.10
CA TRP A 12 3.50 4.88 12.43
C TRP A 12 3.03 5.67 11.21
N ILE A 13 3.98 6.09 10.39
CA ILE A 13 3.66 6.85 9.19
C ILE A 13 4.00 6.07 7.93
N THR A 14 3.17 6.22 6.90
CA THR A 14 3.39 5.52 5.63
C THR A 14 3.67 6.50 4.51
N ALA A 15 4.24 6.00 3.42
CA ALA A 15 4.56 6.83 2.26
C ALA A 15 3.57 6.60 1.13
N PRO A 16 3.30 7.67 0.36
CA PRO A 16 2.36 7.62 -0.77
C PRO A 16 2.92 6.80 -1.93
N VAL A 17 2.36 5.61 -2.13
CA VAL A 17 2.79 4.73 -3.21
C VAL A 17 2.23 5.20 -4.55
N ALA A 18 3.12 5.55 -5.47
CA ALA A 18 2.72 6.01 -6.79
C ALA A 18 3.04 4.95 -7.85
N LEU A 19 1.99 4.49 -8.54
CA LEU A 19 2.14 3.48 -9.58
C LEU A 19 1.49 3.93 -10.88
N ARG A 20 2.31 4.24 -11.87
CA ARG A 20 1.82 4.69 -13.16
C ARG A 20 0.97 3.60 -13.82
N GLU A 21 0.28 3.97 -14.90
CA GLU A 21 -0.56 3.03 -15.62
C GLU A 21 0.04 2.68 -16.98
N GLY A 22 -0.44 1.59 -17.57
CA GLY A 22 0.08 1.16 -18.85
C GLY A 22 1.51 0.68 -18.78
N GLU A 23 1.81 -0.14 -17.79
CA GLU A 23 3.17 -0.66 -17.61
C GLU A 23 3.17 -1.84 -16.64
N ASP A 24 4.01 -2.83 -16.92
CA ASP A 24 4.11 -4.02 -16.08
C ASP A 24 4.94 -3.73 -14.84
N LEU A 25 4.28 -3.67 -13.69
CA LEU A 25 4.96 -3.41 -12.43
C LEU A 25 5.04 -4.67 -11.57
N SER A 26 5.62 -5.73 -12.13
CA SER A 26 5.74 -7.00 -11.42
C SER A 26 7.16 -7.16 -10.86
N LYS A 27 8.06 -6.28 -11.28
CA LYS A 27 9.44 -6.33 -10.83
C LYS A 27 9.71 -5.25 -9.79
N LYS A 28 8.75 -4.34 -9.61
CA LYS A 28 8.89 -3.27 -8.64
C LYS A 28 8.46 -3.73 -7.25
N ASN A 29 7.42 -4.57 -7.20
CA ASN A 29 6.92 -5.09 -5.94
C ASN A 29 8.07 -5.51 -5.03
N PRO A 30 7.82 -5.47 -3.71
CA PRO A 30 6.53 -5.05 -3.16
C PRO A 30 6.28 -3.56 -3.35
N ILE A 31 5.06 -3.13 -3.04
CA ILE A 31 4.69 -1.72 -3.18
C ILE A 31 4.09 -1.18 -1.88
N ALA A 32 3.97 -2.05 -0.89
CA ALA A 32 3.43 -1.66 0.41
C ALA A 32 4.12 -2.38 1.55
N LYS A 33 4.73 -1.61 2.44
CA LYS A 33 5.44 -2.17 3.59
C LYS A 33 4.66 -1.93 4.88
N ILE A 34 4.35 -0.67 5.16
CA ILE A 34 3.61 -0.31 6.36
C ILE A 34 4.05 -1.16 7.56
N HIS A 35 5.36 -1.35 7.68
CA HIS A 35 5.91 -2.15 8.78
C HIS A 35 5.44 -1.60 10.13
N SER A 36 5.30 -2.50 11.10
CA SER A 36 4.85 -2.12 12.44
C SER A 36 6.02 -2.06 13.41
N ASP A 37 6.31 -0.86 13.92
CA ASP A 37 7.40 -0.67 14.85
C ASP A 37 7.29 -1.65 16.02
N LEU A 38 6.19 -1.55 16.76
CA LEU A 38 5.96 -2.42 17.91
C LEU A 38 6.41 -3.84 17.61
N ALA A 39 6.22 -4.28 16.37
CA ALA A 39 6.61 -5.62 15.96
C ALA A 39 8.11 -5.83 16.13
N GLU A 40 8.89 -4.84 15.71
CA GLU A 40 10.35 -4.92 15.81
C GLU A 40 10.81 -4.50 17.20
N GLU A 41 10.47 -3.28 17.59
CA GLU A 41 10.87 -2.76 18.90
C GLU A 41 10.72 -3.84 19.97
N ARG A 42 9.82 -4.78 19.74
CA ARG A 42 9.59 -5.86 20.69
C ARG A 42 10.07 -7.20 20.13
N GLY A 43 9.38 -7.69 19.11
CA GLY A 43 9.74 -8.95 18.49
C GLY A 43 8.56 -9.85 18.25
N LEU A 44 7.41 -9.25 17.95
CA LEU A 44 6.18 -10.00 17.69
C LEU A 44 5.90 -10.10 16.20
N LYS A 45 5.12 -11.10 15.81
CA LYS A 45 4.77 -11.30 14.41
C LYS A 45 3.40 -10.71 14.10
N ILE A 46 3.38 -9.46 13.65
CA ILE A 46 2.13 -8.79 13.32
C ILE A 46 1.74 -9.06 11.86
N THR A 47 0.44 -9.29 11.65
CA THR A 47 -0.07 -9.55 10.31
C THR A 47 -0.64 -8.29 9.67
N TYR A 48 -0.49 -8.18 8.35
CA TYR A 48 -1.00 -7.02 7.63
C TYR A 48 -2.13 -7.41 6.68
N LYS A 49 -3.18 -6.61 6.68
CA LYS A 49 -4.33 -6.88 5.82
C LYS A 49 -4.58 -5.71 4.86
N TYR A 50 -5.26 -5.99 3.75
CA TYR A 50 -5.55 -4.97 2.77
C TYR A 50 -6.92 -5.20 2.14
N THR A 51 -7.72 -4.13 2.08
CA THR A 51 -9.06 -4.22 1.50
C THR A 51 -9.36 -2.99 0.65
N GLY A 52 -10.41 -3.10 -0.17
CA GLY A 52 -10.79 -2.00 -1.04
C GLY A 52 -10.90 -2.41 -2.49
N LYS A 53 -10.59 -1.48 -3.40
CA LYS A 53 -10.66 -1.75 -4.83
C LYS A 53 -9.38 -2.43 -5.31
N GLY A 54 -9.54 -3.57 -5.97
CA GLY A 54 -8.39 -4.30 -6.47
C GLY A 54 -8.13 -5.59 -5.71
N ILE A 55 -8.48 -5.59 -4.43
CA ILE A 55 -8.28 -6.76 -3.58
C ILE A 55 -9.59 -7.52 -3.37
N THR A 56 -10.50 -6.91 -2.61
CA THR A 56 -11.79 -7.53 -2.33
C THR A 56 -12.81 -7.18 -3.42
N GLU A 57 -13.00 -5.89 -3.65
CA GLU A 57 -13.95 -5.44 -4.66
C GLU A 57 -13.32 -5.48 -6.05
N PRO A 58 -14.14 -5.82 -7.05
CA PRO A 58 -13.69 -5.91 -8.45
C PRO A 58 -13.38 -4.54 -9.04
N PRO A 59 -12.52 -4.52 -10.07
CA PRO A 59 -11.90 -5.73 -10.60
C PRO A 59 -10.88 -6.34 -9.64
N PHE A 60 -11.04 -7.63 -9.37
CA PHE A 60 -10.12 -8.33 -8.46
C PHE A 60 -9.06 -9.09 -9.23
N GLY A 61 -8.00 -9.49 -8.54
CA GLY A 61 -6.93 -10.22 -9.17
C GLY A 61 -5.75 -9.33 -9.53
N ILE A 62 -5.91 -8.02 -9.32
CA ILE A 62 -4.86 -7.07 -9.63
C ILE A 62 -3.79 -7.07 -8.54
N PHE A 63 -4.22 -7.09 -7.29
CA PHE A 63 -3.30 -7.09 -6.15
C PHE A 63 -3.37 -8.41 -5.41
N VAL A 64 -2.22 -8.84 -4.88
CA VAL A 64 -2.14 -10.09 -4.14
C VAL A 64 -1.38 -9.91 -2.83
N PHE A 65 -1.97 -10.38 -1.74
CA PHE A 65 -1.34 -10.26 -0.42
C PHE A 65 -1.59 -11.52 0.40
N ASN A 66 -0.58 -11.92 1.18
CA ASN A 66 -0.69 -13.11 2.01
C ASN A 66 -0.56 -12.75 3.49
N LYS A 67 -0.95 -13.67 4.36
CA LYS A 67 -0.88 -13.44 5.80
C LYS A 67 0.43 -13.96 6.37
N ASP A 68 0.96 -15.02 5.76
CA ASP A 68 2.21 -15.62 6.20
C ASP A 68 3.34 -14.58 6.19
N THR A 69 3.78 -14.22 4.99
CA THR A 69 4.85 -13.24 4.84
C THR A 69 4.34 -11.82 5.10
N GLY A 70 3.20 -11.49 4.50
CA GLY A 70 2.63 -10.17 4.67
C GLY A 70 3.26 -9.14 3.74
N GLU A 71 2.74 -9.06 2.52
CA GLU A 71 3.25 -8.11 1.54
C GLU A 71 2.22 -7.85 0.45
N LEU A 72 2.35 -6.70 -0.22
CA LEU A 72 1.42 -6.34 -1.29
C LEU A 72 2.15 -6.24 -2.62
N ASN A 73 1.56 -6.85 -3.65
CA ASN A 73 2.15 -6.83 -4.99
C ASN A 73 1.08 -6.57 -6.06
N VAL A 74 1.53 -6.33 -7.28
CA VAL A 74 0.61 -6.07 -8.38
C VAL A 74 0.89 -7.00 -9.56
N THR A 75 -0.12 -7.78 -9.94
CA THR A 75 0.02 -8.71 -11.05
C THR A 75 -0.91 -8.36 -12.20
N SER A 76 -1.00 -7.06 -12.50
CA SER A 76 -1.87 -6.58 -13.57
C SER A 76 -1.53 -5.14 -13.93
N ILE A 77 -1.75 -4.79 -15.19
CA ILE A 77 -1.49 -3.43 -15.65
C ILE A 77 -2.55 -2.46 -15.17
N LEU A 78 -2.16 -1.57 -14.26
CA LEU A 78 -3.08 -0.57 -13.70
C LEU A 78 -3.83 0.15 -14.81
N ASP A 79 -4.90 0.84 -14.45
CA ASP A 79 -5.70 1.57 -15.41
C ASP A 79 -6.21 2.88 -14.81
N ARG A 80 -5.74 3.99 -15.36
CA ARG A 80 -6.15 5.31 -14.88
C ARG A 80 -7.55 5.67 -15.38
N GLU A 81 -7.79 5.41 -16.66
CA GLU A 81 -9.09 5.71 -17.25
C GLU A 81 -10.23 5.10 -16.42
N GLU A 82 -9.98 3.92 -15.89
CA GLU A 82 -10.99 3.23 -15.07
C GLU A 82 -10.77 3.52 -13.59
N THR A 83 -9.63 3.09 -13.08
CA THR A 83 -9.30 3.29 -11.67
C THR A 83 -8.28 4.42 -11.51
N PRO A 84 -8.78 5.63 -11.24
CA PRO A 84 -7.94 6.82 -11.05
C PRO A 84 -7.15 6.76 -9.75
N PHE A 85 -7.69 6.07 -8.76
CA PHE A 85 -7.04 5.94 -7.47
C PHE A 85 -7.48 4.65 -6.75
N PHE A 86 -6.50 3.86 -6.34
CA PHE A 86 -6.78 2.60 -5.65
C PHE A 86 -6.97 2.83 -4.15
N LEU A 87 -8.15 3.28 -3.77
CA LEU A 87 -8.47 3.53 -2.37
C LEU A 87 -8.44 2.24 -1.56
N LEU A 88 -7.43 2.13 -0.69
CA LEU A 88 -7.29 0.95 0.15
C LEU A 88 -7.09 1.33 1.61
N THR A 89 -7.12 0.34 2.50
CA THR A 89 -6.94 0.59 3.92
C THR A 89 -6.13 -0.53 4.57
N GLY A 90 -5.13 -0.16 5.34
CA GLY A 90 -4.30 -1.14 6.01
C GLY A 90 -4.79 -1.47 7.41
N TYR A 91 -4.68 -2.74 7.78
CA TYR A 91 -5.13 -3.19 9.09
C TYR A 91 -4.08 -4.08 9.76
N ALA A 92 -3.26 -3.48 10.62
CA ALA A 92 -2.21 -4.22 11.32
C ALA A 92 -2.75 -4.85 12.59
N LEU A 93 -2.91 -6.17 12.56
CA LEU A 93 -3.42 -6.90 13.72
C LEU A 93 -2.38 -7.88 14.25
N ASP A 94 -2.49 -8.23 15.53
CA ASP A 94 -1.56 -9.17 16.14
C ASP A 94 -1.94 -10.61 15.82
N ALA A 95 -1.21 -11.55 16.41
CA ALA A 95 -1.46 -12.97 16.17
C ALA A 95 -2.87 -13.35 16.63
N ARG A 96 -3.41 -12.59 17.58
CA ARG A 96 -4.75 -12.86 18.09
C ARG A 96 -5.81 -12.23 17.20
N GLY A 97 -5.50 -11.06 16.65
CA GLY A 97 -6.45 -10.37 15.79
C GLY A 97 -7.36 -9.44 16.55
N ASN A 98 -6.91 -8.97 17.71
CA ASN A 98 -7.69 -8.08 18.54
C ASN A 98 -7.43 -6.62 18.17
N ASN A 99 -6.82 -6.41 17.00
CA ASN A 99 -6.51 -5.07 16.54
C ASN A 99 -5.34 -4.47 17.32
N VAL A 100 -4.23 -5.19 17.36
CA VAL A 100 -3.04 -4.74 18.08
C VAL A 100 -2.91 -3.22 18.00
N GLU A 101 -3.28 -2.66 16.85
CA GLU A 101 -3.20 -1.22 16.64
C GLU A 101 -4.25 -0.74 15.65
N LYS A 102 -4.47 0.56 15.60
CA LYS A 102 -5.45 1.14 14.69
C LYS A 102 -4.93 1.15 13.26
N PRO A 103 -5.84 0.89 12.30
CA PRO A 103 -5.49 0.86 10.87
C PRO A 103 -5.17 2.24 10.33
N LEU A 104 -4.96 2.33 9.03
CA LEU A 104 -4.64 3.59 8.37
C LEU A 104 -5.13 3.61 6.93
N GLU A 105 -5.11 4.78 6.32
CA GLU A 105 -5.55 4.93 4.94
C GLU A 105 -4.36 4.84 3.97
N LEU A 106 -4.42 3.87 3.07
CA LEU A 106 -3.35 3.68 2.09
C LEU A 106 -3.84 4.00 0.68
N ARG A 107 -3.60 5.22 0.23
CA ARG A 107 -4.01 5.65 -1.10
C ARG A 107 -2.87 5.49 -2.10
N ILE A 108 -3.17 4.90 -3.24
CA ILE A 108 -2.18 4.68 -4.29
C ILE A 108 -2.48 5.52 -5.52
N LYS A 109 -1.79 6.64 -5.66
CA LYS A 109 -1.99 7.53 -6.80
C LYS A 109 -1.56 6.86 -8.09
N VAL A 110 -2.26 7.16 -9.18
CA VAL A 110 -1.96 6.59 -10.48
C VAL A 110 -1.52 7.66 -11.46
N LEU A 111 -0.29 7.54 -11.96
CA LEU A 111 0.24 8.50 -12.92
C LEU A 111 -0.13 8.12 -14.35
N ASP A 112 0.37 8.88 -15.31
CA ASP A 112 0.10 8.62 -16.72
C ASP A 112 1.33 8.04 -17.42
N ILE A 113 1.10 7.35 -18.53
CA ILE A 113 2.19 6.76 -19.29
C ILE A 113 3.24 7.80 -19.67
N ASN A 114 2.76 8.98 -20.08
CA ASN A 114 3.66 10.06 -20.48
C ASN A 114 4.31 10.69 -19.26
N ASP A 115 3.88 10.28 -18.07
CA ASP A 115 4.42 10.81 -16.83
C ASP A 115 5.72 10.09 -16.46
N ASN A 116 6.85 10.77 -16.68
CA ASN A 116 8.16 10.19 -16.37
C ASN A 116 8.36 10.07 -14.87
N GLU A 117 9.33 9.26 -14.47
CA GLU A 117 9.62 9.06 -13.06
C GLU A 117 9.79 10.40 -12.33
N PRO A 118 9.33 10.45 -11.08
CA PRO A 118 9.41 11.65 -10.26
C PRO A 118 10.84 11.98 -9.85
N VAL A 119 11.15 13.27 -9.72
CA VAL A 119 12.49 13.70 -9.33
C VAL A 119 12.62 13.78 -7.81
N PHE A 120 13.86 13.78 -7.33
CA PHE A 120 14.13 13.84 -5.91
C PHE A 120 14.67 15.22 -5.51
N THR A 121 14.28 15.69 -4.33
CA THR A 121 14.73 16.99 -3.84
C THR A 121 15.53 16.83 -2.55
N GLN A 122 16.60 17.61 -2.44
CA GLN A 122 17.45 17.57 -1.26
C GLN A 122 16.85 18.38 -0.12
N ASP A 123 16.83 17.81 1.07
CA ASP A 123 16.29 18.48 2.24
C ASP A 123 17.38 19.26 2.98
N GLY A 1 -3.29 19.77 -11.54
CA GLY A 1 -3.16 20.31 -10.19
C GLY A 1 -3.29 19.24 -9.13
N SER A 2 -4.46 19.15 -8.51
CA SER A 2 -4.70 18.17 -7.46
C SER A 2 -3.50 18.08 -6.52
N SER A 3 -2.94 19.23 -6.17
CA SER A 3 -1.79 19.28 -5.28
C SER A 3 -2.23 19.45 -3.83
N GLY A 4 -1.53 18.77 -2.92
CA GLY A 4 -1.86 18.85 -1.52
C GLY A 4 -2.25 17.52 -0.93
N SER A 5 -1.39 16.96 -0.09
CA SER A 5 -1.65 15.66 0.52
C SER A 5 -1.44 15.73 2.04
N SER A 6 -1.84 14.68 2.74
CA SER A 6 -1.71 14.62 4.19
C SER A 6 -1.67 13.17 4.68
N GLY A 7 -1.10 12.97 5.86
CA GLY A 7 -1.02 11.64 6.41
C GLY A 7 -0.98 11.64 7.93
N GLN A 8 -0.91 10.44 8.52
CA GLN A 8 -0.86 10.32 9.97
C GLN A 8 0.21 9.31 10.40
N LYS A 9 1.25 9.80 11.05
CA LYS A 9 2.33 8.94 11.51
C LYS A 9 2.35 8.86 13.04
N ARG A 10 1.51 7.99 13.59
CA ARG A 10 1.43 7.82 15.03
C ARG A 10 2.03 6.47 15.45
N ALA A 11 1.53 5.40 14.85
CA ALA A 11 2.01 4.06 15.16
C ALA A 11 3.15 3.65 14.22
N TRP A 12 2.95 3.89 12.93
CA TRP A 12 3.96 3.56 11.94
C TRP A 12 4.13 4.68 10.93
N ILE A 13 4.96 4.45 9.91
CA ILE A 13 5.21 5.44 8.88
C ILE A 13 5.12 4.83 7.49
N THR A 14 4.48 5.55 6.57
CA THR A 14 4.32 5.08 5.20
C THR A 14 4.46 6.23 4.19
N ALA A 15 4.60 5.88 2.92
CA ALA A 15 4.73 6.87 1.87
C ALA A 15 3.77 6.60 0.72
N PRO A 16 3.39 7.66 -0.01
CA PRO A 16 2.47 7.55 -1.15
C PRO A 16 3.10 6.83 -2.33
N VAL A 17 2.46 5.76 -2.78
CA VAL A 17 2.95 4.98 -3.91
C VAL A 17 2.50 5.59 -5.24
N ALA A 18 3.44 5.71 -6.17
CA ALA A 18 3.14 6.28 -7.47
C ALA A 18 3.59 5.35 -8.60
N LEU A 19 2.65 4.56 -9.12
CA LEU A 19 2.95 3.62 -10.19
C LEU A 19 2.61 4.22 -11.55
N ARG A 20 3.07 3.57 -12.61
CA ARG A 20 2.81 4.03 -13.97
C ARG A 20 1.92 3.06 -14.73
N GLU A 21 0.67 3.46 -14.95
CA GLU A 21 -0.28 2.62 -15.66
C GLU A 21 0.12 2.45 -17.12
N GLY A 22 -0.23 1.30 -17.70
CA GLY A 22 0.11 1.03 -19.08
C GLY A 22 1.18 -0.03 -19.22
N GLU A 23 2.32 0.19 -18.57
CA GLU A 23 3.43 -0.75 -18.63
C GLU A 23 3.40 -1.71 -17.44
N ASP A 24 4.02 -2.86 -17.59
CA ASP A 24 4.07 -3.86 -16.53
C ASP A 24 5.06 -3.45 -15.44
N LEU A 25 4.60 -3.44 -14.20
CA LEU A 25 5.44 -3.07 -13.07
C LEU A 25 5.61 -4.24 -12.11
N SER A 26 6.55 -5.13 -12.43
CA SER A 26 6.82 -6.29 -11.59
C SER A 26 8.06 -6.07 -10.74
N LYS A 27 9.12 -5.57 -11.36
CA LYS A 27 10.37 -5.31 -10.66
C LYS A 27 10.17 -4.30 -9.54
N LYS A 28 9.45 -3.22 -9.84
CA LYS A 28 9.17 -2.18 -8.87
C LYS A 28 8.86 -2.78 -7.50
N ASN A 29 7.99 -3.78 -7.49
CA ASN A 29 7.60 -4.45 -6.24
C ASN A 29 8.83 -4.95 -5.50
N PRO A 30 8.72 -5.03 -4.16
CA PRO A 30 7.50 -4.65 -3.45
C PRO A 30 7.25 -3.14 -3.48
N ILE A 31 6.04 -2.75 -3.87
CA ILE A 31 5.68 -1.35 -3.95
C ILE A 31 5.30 -0.80 -2.57
N ALA A 32 4.93 -1.71 -1.67
CA ALA A 32 4.54 -1.32 -0.32
C ALA A 32 4.90 -2.41 0.68
N LYS A 33 5.23 -2.01 1.91
CA LYS A 33 5.58 -2.95 2.96
C LYS A 33 5.36 -2.33 4.34
N ILE A 34 4.31 -2.77 5.01
CA ILE A 34 3.98 -2.26 6.34
C ILE A 34 4.43 -3.24 7.42
N HIS A 35 4.50 -2.75 8.66
CA HIS A 35 4.91 -3.59 9.79
C HIS A 35 4.44 -2.98 11.11
N SER A 36 3.65 -3.75 11.85
CA SER A 36 3.13 -3.29 13.13
C SER A 36 4.26 -2.89 14.07
N ASP A 37 3.91 -2.13 15.11
CA ASP A 37 4.90 -1.68 16.08
C ASP A 37 5.42 -2.85 16.92
N LEU A 38 4.50 -3.57 17.54
CA LEU A 38 4.86 -4.72 18.38
C LEU A 38 5.43 -5.84 17.53
N ALA A 39 4.79 -6.12 16.40
CA ALA A 39 5.23 -7.17 15.49
C ALA A 39 6.75 -7.18 15.37
N GLU A 40 7.34 -6.00 15.26
CA GLU A 40 8.78 -5.87 15.14
C GLU A 40 9.43 -5.59 16.49
N GLU A 41 9.03 -4.48 17.11
CA GLU A 41 9.56 -4.10 18.42
C GLU A 41 9.79 -5.33 19.29
N ARG A 42 8.74 -6.13 19.46
CA ARG A 42 8.82 -7.33 20.28
C ARG A 42 9.23 -8.54 19.43
N GLY A 43 8.50 -8.76 18.35
CA GLY A 43 8.80 -9.88 17.48
C GLY A 43 7.64 -10.84 17.35
N LEU A 44 6.46 -10.31 17.06
CA LEU A 44 5.26 -11.12 16.92
C LEU A 44 5.00 -11.45 15.44
N LYS A 45 4.05 -12.36 15.20
CA LYS A 45 3.72 -12.75 13.84
C LYS A 45 2.49 -11.99 13.35
N ILE A 46 2.25 -10.82 13.91
CA ILE A 46 1.12 -9.99 13.53
C ILE A 46 0.79 -10.16 12.05
N THR A 47 -0.49 -10.35 11.74
CA THR A 47 -0.94 -10.52 10.37
C THR A 47 -1.45 -9.21 9.78
N TYR A 48 -1.29 -9.05 8.48
CA TYR A 48 -1.74 -7.84 7.79
C TYR A 48 -2.89 -8.14 6.84
N LYS A 49 -3.62 -7.11 6.46
CA LYS A 49 -4.76 -7.26 5.55
C LYS A 49 -5.02 -5.96 4.80
N TYR A 50 -5.69 -6.08 3.65
CA TYR A 50 -6.02 -4.91 2.85
C TYR A 50 -7.43 -5.02 2.26
N THR A 51 -8.31 -4.14 2.73
CA THR A 51 -9.69 -4.14 2.28
C THR A 51 -9.99 -2.90 1.43
N GLY A 52 -10.40 -3.12 0.18
CA GLY A 52 -10.70 -2.01 -0.70
C GLY A 52 -11.05 -2.47 -2.10
N LYS A 53 -10.33 -1.95 -3.09
CA LYS A 53 -10.56 -2.31 -4.48
C LYS A 53 -9.42 -3.15 -5.02
N GLY A 54 -9.76 -4.16 -5.82
CA GLY A 54 -8.75 -5.03 -6.40
C GLY A 54 -8.67 -6.37 -5.69
N ILE A 55 -8.77 -6.35 -4.38
CA ILE A 55 -8.71 -7.58 -3.58
C ILE A 55 -10.11 -8.11 -3.28
N THR A 56 -10.97 -7.23 -2.77
CA THR A 56 -12.33 -7.61 -2.43
C THR A 56 -13.31 -7.19 -3.53
N GLU A 57 -13.15 -5.96 -4.01
CA GLU A 57 -14.01 -5.43 -5.06
C GLU A 57 -13.33 -5.52 -6.43
N PRO A 58 -14.15 -5.64 -7.49
CA PRO A 58 -13.64 -5.74 -8.86
C PRO A 58 -13.02 -4.43 -9.35
N PRO A 59 -12.13 -4.53 -10.34
CA PRO A 59 -11.75 -5.82 -10.94
C PRO A 59 -10.93 -6.68 -9.99
N PHE A 60 -11.17 -7.99 -10.03
CA PHE A 60 -10.46 -8.93 -9.17
C PHE A 60 -9.16 -9.37 -9.82
N GLY A 61 -8.13 -9.61 -8.99
CA GLY A 61 -6.84 -10.04 -9.51
C GLY A 61 -5.95 -8.87 -9.88
N ILE A 62 -5.98 -7.82 -9.07
CA ILE A 62 -5.17 -6.65 -9.31
C ILE A 62 -3.91 -6.64 -8.43
N PHE A 63 -4.11 -6.84 -7.13
CA PHE A 63 -3.00 -6.86 -6.19
C PHE A 63 -3.00 -8.16 -5.38
N VAL A 64 -1.86 -8.47 -4.77
CA VAL A 64 -1.73 -9.68 -3.96
C VAL A 64 -0.90 -9.42 -2.71
N PHE A 65 -1.36 -9.93 -1.59
CA PHE A 65 -0.67 -9.76 -0.31
C PHE A 65 -0.55 -11.09 0.42
N ASN A 66 0.21 -11.08 1.52
CA ASN A 66 0.40 -12.29 2.32
C ASN A 66 0.60 -11.94 3.79
N LYS A 67 0.60 -12.95 4.64
CA LYS A 67 0.77 -12.76 6.08
C LYS A 67 2.13 -13.28 6.53
N ASP A 68 2.50 -14.47 6.06
CA ASP A 68 3.77 -15.08 6.42
C ASP A 68 4.93 -14.18 6.01
N THR A 69 5.02 -13.87 4.72
CA THR A 69 6.08 -13.02 4.20
C THR A 69 5.76 -11.55 4.41
N GLY A 70 4.51 -11.18 4.14
CA GLY A 70 4.10 -9.79 4.30
C GLY A 70 4.64 -8.90 3.20
N GLU A 71 3.85 -8.71 2.15
CA GLU A 71 4.26 -7.87 1.03
C GLU A 71 3.05 -7.52 0.16
N LEU A 72 3.19 -6.45 -0.63
CA LEU A 72 2.12 -6.01 -1.52
C LEU A 72 2.65 -5.76 -2.92
N ASN A 73 2.38 -6.70 -3.82
CA ASN A 73 2.83 -6.58 -5.21
C ASN A 73 1.64 -6.50 -6.16
N VAL A 74 1.82 -5.76 -7.26
CA VAL A 74 0.77 -5.61 -8.25
C VAL A 74 0.87 -6.66 -9.35
N THR A 75 -0.21 -7.41 -9.56
CA THR A 75 -0.22 -8.45 -10.57
C THR A 75 -1.18 -8.09 -11.71
N SER A 76 -1.26 -6.80 -12.02
CA SER A 76 -2.13 -6.32 -13.09
C SER A 76 -1.69 -4.94 -13.57
N ILE A 77 -2.05 -4.61 -14.81
CA ILE A 77 -1.69 -3.32 -15.38
C ILE A 77 -2.74 -2.25 -15.03
N LEU A 78 -2.38 -1.37 -14.11
CA LEU A 78 -3.28 -0.30 -13.69
C LEU A 78 -3.97 0.34 -14.89
N ASP A 79 -5.24 0.69 -14.72
CA ASP A 79 -6.01 1.31 -15.79
C ASP A 79 -6.66 2.60 -15.31
N ARG A 80 -5.87 3.67 -15.24
CA ARG A 80 -6.38 4.97 -14.79
C ARG A 80 -7.75 5.26 -15.41
N GLU A 81 -7.83 5.16 -16.74
CA GLU A 81 -9.08 5.42 -17.44
C GLU A 81 -10.28 4.96 -16.63
N GLU A 82 -10.13 3.83 -15.95
CA GLU A 82 -11.20 3.28 -15.12
C GLU A 82 -10.92 3.53 -13.64
N THR A 83 -9.77 3.05 -13.17
CA THR A 83 -9.39 3.22 -11.77
C THR A 83 -8.28 4.26 -11.63
N PRO A 84 -8.68 5.53 -11.52
CA PRO A 84 -7.73 6.64 -11.37
C PRO A 84 -7.04 6.64 -10.01
N PHE A 85 -7.62 5.90 -9.06
CA PHE A 85 -7.07 5.81 -7.71
C PHE A 85 -7.40 4.47 -7.08
N PHE A 86 -6.53 4.04 -6.17
CA PHE A 86 -6.73 2.76 -5.48
C PHE A 86 -6.78 2.95 -3.97
N LEU A 87 -7.89 3.48 -3.48
CA LEU A 87 -8.06 3.73 -2.05
C LEU A 87 -8.09 2.42 -1.28
N LEU A 88 -7.06 2.19 -0.47
CA LEU A 88 -6.97 0.97 0.32
C LEU A 88 -6.75 1.30 1.79
N THR A 89 -6.70 0.26 2.63
CA THR A 89 -6.51 0.45 4.06
C THR A 89 -5.73 -0.73 4.66
N GLY A 90 -4.88 -0.44 5.63
CA GLY A 90 -4.09 -1.48 6.27
C GLY A 90 -4.54 -1.74 7.70
N TYR A 91 -4.55 -3.01 8.09
CA TYR A 91 -4.96 -3.39 9.43
C TYR A 91 -3.91 -4.28 10.09
N ALA A 92 -3.77 -4.15 11.41
CA ALA A 92 -2.81 -4.94 12.16
C ALA A 92 -3.50 -5.90 13.11
N LEU A 93 -3.75 -7.12 12.64
CA LEU A 93 -4.42 -8.14 13.45
C LEU A 93 -3.43 -8.81 14.39
N ASP A 94 -3.95 -9.41 15.45
CA ASP A 94 -3.11 -10.10 16.43
C ASP A 94 -3.47 -11.58 16.51
N ALA A 95 -4.64 -11.88 17.05
CA ALA A 95 -5.10 -13.25 17.18
C ALA A 95 -6.52 -13.42 16.63
N ARG A 96 -7.50 -12.91 17.38
CA ARG A 96 -8.89 -13.00 16.98
C ARG A 96 -9.13 -12.24 15.68
N GLY A 97 -8.40 -11.15 15.49
CA GLY A 97 -8.54 -10.35 14.29
C GLY A 97 -9.21 -9.01 14.56
N ASN A 98 -9.03 -8.51 15.77
CA ASN A 98 -9.61 -7.22 16.16
C ASN A 98 -8.56 -6.12 16.15
N ASN A 99 -8.74 -5.15 15.25
CA ASN A 99 -7.82 -4.03 15.13
C ASN A 99 -7.26 -3.64 16.50
N VAL A 100 -5.99 -3.95 16.73
CA VAL A 100 -5.35 -3.62 18.00
C VAL A 100 -4.54 -2.34 17.89
N GLU A 101 -4.14 -2.00 16.68
CA GLU A 101 -3.37 -0.78 16.44
C GLU A 101 -4.16 0.21 15.59
N LYS A 102 -3.60 1.41 15.42
CA LYS A 102 -4.25 2.44 14.62
C LYS A 102 -3.92 2.29 13.14
N PRO A 103 -4.94 1.97 12.34
CA PRO A 103 -4.77 1.78 10.88
C PRO A 103 -4.47 3.09 10.17
N LEU A 104 -4.39 3.03 8.84
CA LEU A 104 -4.12 4.21 8.04
C LEU A 104 -4.82 4.12 6.68
N GLU A 105 -4.62 5.15 5.85
CA GLU A 105 -5.23 5.17 4.53
C GLU A 105 -4.16 5.18 3.44
N LEU A 106 -3.91 4.01 2.86
CA LEU A 106 -2.92 3.87 1.80
C LEU A 106 -3.43 4.44 0.49
N ARG A 107 -3.12 5.71 0.24
CA ARG A 107 -3.55 6.38 -0.99
C ARG A 107 -2.57 6.11 -2.12
N ILE A 108 -3.08 5.50 -3.19
CA ILE A 108 -2.24 5.18 -4.35
C ILE A 108 -2.70 5.96 -5.57
N LYS A 109 -1.89 6.92 -6.00
CA LYS A 109 -2.21 7.74 -7.16
C LYS A 109 -1.65 7.11 -8.44
N VAL A 110 -2.46 7.09 -9.49
CA VAL A 110 -2.03 6.53 -10.76
C VAL A 110 -1.46 7.60 -11.68
N LEU A 111 -0.19 7.43 -12.06
CA LEU A 111 0.48 8.39 -12.93
C LEU A 111 0.03 8.22 -14.38
N ASP A 112 -0.10 9.33 -15.09
CA ASP A 112 -0.53 9.30 -16.48
C ASP A 112 0.61 8.85 -17.39
N ILE A 113 0.31 7.96 -18.33
CA ILE A 113 1.31 7.45 -19.26
C ILE A 113 2.30 8.53 -19.64
N ASN A 114 1.79 9.73 -19.93
CA ASN A 114 2.64 10.86 -20.31
C ASN A 114 3.85 10.96 -19.39
N ASP A 115 3.59 11.05 -18.08
CA ASP A 115 4.66 11.15 -17.10
C ASP A 115 5.76 10.14 -17.38
N ASN A 116 6.98 10.63 -17.60
CA ASN A 116 8.12 9.77 -17.88
C ASN A 116 9.32 10.16 -17.03
N GLU A 117 9.35 9.67 -15.80
CA GLU A 117 10.46 9.98 -14.89
C GLU A 117 11.25 8.72 -14.55
N PRO A 118 12.57 8.80 -14.67
CA PRO A 118 13.47 7.67 -14.37
C PRO A 118 13.53 7.36 -12.89
N VAL A 119 13.54 6.06 -12.57
CA VAL A 119 13.60 5.61 -11.19
C VAL A 119 14.58 6.46 -10.37
N PHE A 120 14.15 6.88 -9.18
CA PHE A 120 14.99 7.69 -8.32
C PHE A 120 15.48 6.88 -7.12
N THR A 121 15.95 5.66 -7.39
CA THR A 121 16.45 4.78 -6.33
C THR A 121 15.53 4.83 -5.11
N GLN A 122 14.23 4.74 -5.34
CA GLN A 122 13.26 4.76 -4.26
C GLN A 122 13.54 3.67 -3.24
N ASP A 123 14.13 4.04 -2.12
CA ASP A 123 14.45 3.09 -1.06
C ASP A 123 13.19 2.58 -0.38
N GLY A 1 -16.91 17.86 3.18
CA GLY A 1 -16.85 19.30 3.29
C GLY A 1 -15.68 19.78 4.12
N SER A 2 -15.61 21.08 4.35
CA SER A 2 -14.53 21.66 5.14
C SER A 2 -14.92 21.78 6.61
N SER A 3 -13.97 21.51 7.49
CA SER A 3 -14.21 21.58 8.93
C SER A 3 -12.90 21.57 9.71
N GLY A 4 -12.89 22.24 10.86
CA GLY A 4 -11.69 22.29 11.67
C GLY A 4 -10.90 21.00 11.62
N SER A 5 -11.28 20.03 12.45
CA SER A 5 -10.60 18.75 12.51
C SER A 5 -11.59 17.61 12.70
N SER A 6 -11.44 16.56 11.91
CA SER A 6 -12.33 15.39 11.99
C SER A 6 -11.57 14.11 11.71
N GLY A 7 -11.46 13.25 12.72
CA GLY A 7 -10.76 12.00 12.56
C GLY A 7 -10.02 11.58 13.82
N GLN A 8 -8.89 10.91 13.66
CA GLN A 8 -8.09 10.46 14.79
C GLN A 8 -6.66 10.95 14.67
N LYS A 9 -5.96 11.02 15.81
CA LYS A 9 -4.58 11.47 15.83
C LYS A 9 -3.70 10.60 14.95
N ARG A 10 -3.10 11.20 13.93
CA ARG A 10 -2.25 10.49 13.00
C ARG A 10 -0.86 10.29 13.58
N ALA A 11 -0.67 9.21 14.32
CA ALA A 11 0.62 8.90 14.93
C ALA A 11 1.61 8.36 13.91
N TRP A 12 1.20 7.29 13.22
CA TRP A 12 2.06 6.68 12.21
C TRP A 12 1.45 6.82 10.82
N ILE A 13 2.26 7.28 9.86
CA ILE A 13 1.80 7.45 8.49
C ILE A 13 2.63 6.62 7.53
N THR A 14 2.26 6.68 6.24
CA THR A 14 2.97 5.93 5.22
C THR A 14 3.35 6.83 4.05
N ALA A 15 3.98 6.24 3.03
CA ALA A 15 4.40 6.98 1.86
C ALA A 15 3.45 6.75 0.68
N PRO A 16 3.25 7.79 -0.13
CA PRO A 16 2.37 7.72 -1.30
C PRO A 16 2.94 6.83 -2.41
N VAL A 17 2.25 5.75 -2.71
CA VAL A 17 2.68 4.83 -3.75
C VAL A 17 2.24 5.30 -5.13
N ALA A 18 3.17 5.93 -5.85
CA ALA A 18 2.88 6.44 -7.19
C ALA A 18 3.46 5.52 -8.26
N LEU A 19 2.61 4.69 -8.84
CA LEU A 19 3.04 3.76 -9.88
C LEU A 19 2.55 4.22 -11.26
N ARG A 20 3.39 4.05 -12.27
CA ARG A 20 3.04 4.44 -13.63
C ARG A 20 2.09 3.42 -14.26
N GLU A 21 1.23 3.89 -15.16
CA GLU A 21 0.27 3.03 -15.83
C GLU A 21 0.81 2.56 -17.18
N GLY A 22 0.32 1.41 -17.63
CA GLY A 22 0.77 0.86 -18.90
C GLY A 22 2.06 0.07 -18.78
N GLU A 23 2.35 -0.39 -17.57
CA GLU A 23 3.56 -1.16 -17.32
C GLU A 23 3.31 -2.26 -16.28
N ASP A 24 3.80 -3.45 -16.56
CA ASP A 24 3.63 -4.58 -15.65
C ASP A 24 4.68 -4.54 -14.54
N LEU A 25 4.23 -4.43 -13.30
CA LEU A 25 5.12 -4.38 -12.15
C LEU A 25 5.09 -5.69 -11.37
N SER A 26 5.82 -6.68 -11.88
CA SER A 26 5.86 -7.99 -11.24
C SER A 26 7.19 -8.19 -10.51
N LYS A 27 8.29 -7.98 -11.22
CA LYS A 27 9.62 -8.12 -10.65
C LYS A 27 9.88 -7.05 -9.60
N LYS A 28 9.71 -5.79 -10.00
CA LYS A 28 9.93 -4.67 -9.09
C LYS A 28 9.42 -5.00 -7.69
N ASN A 29 8.21 -5.55 -7.61
CA ASN A 29 7.61 -5.90 -6.33
C ASN A 29 8.68 -6.40 -5.36
N PRO A 30 8.42 -6.20 -4.05
CA PRO A 30 7.21 -5.55 -3.57
C PRO A 30 7.18 -4.06 -3.90
N ILE A 31 5.98 -3.51 -4.05
CA ILE A 31 5.82 -2.10 -4.36
C ILE A 31 5.51 -1.28 -3.11
N ALA A 32 5.03 -1.97 -2.07
CA ALA A 32 4.70 -1.32 -0.81
C ALA A 32 4.83 -2.28 0.36
N LYS A 33 5.35 -1.78 1.48
CA LYS A 33 5.52 -2.60 2.67
C LYS A 33 5.25 -1.79 3.93
N ILE A 34 4.37 -2.30 4.79
CA ILE A 34 4.02 -1.63 6.03
C ILE A 34 4.51 -2.41 7.23
N HIS A 35 5.73 -2.14 7.68
CA HIS A 35 6.31 -2.82 8.82
C HIS A 35 6.01 -2.05 10.11
N SER A 36 5.26 -2.69 11.00
CA SER A 36 4.90 -2.07 12.28
C SER A 36 6.15 -1.72 13.08
N ASP A 37 5.94 -1.22 14.29
CA ASP A 37 7.04 -0.83 15.16
C ASP A 37 7.07 -1.73 16.41
N LEU A 38 6.43 -2.89 16.32
CA LEU A 38 6.39 -3.82 17.43
C LEU A 38 6.84 -5.22 17.00
N ALA A 39 6.39 -5.63 15.82
CA ALA A 39 6.74 -6.94 15.28
C ALA A 39 8.20 -7.27 15.57
N GLU A 40 9.10 -6.44 15.04
CA GLU A 40 10.53 -6.64 15.24
C GLU A 40 10.96 -6.16 16.63
N GLU A 41 10.57 -4.94 16.97
CA GLU A 41 10.92 -4.37 18.27
C GLU A 41 10.81 -5.42 19.38
N ARG A 42 9.60 -5.95 19.55
CA ARG A 42 9.36 -6.95 20.57
C ARG A 42 9.64 -8.36 20.04
N GLY A 43 8.82 -8.81 19.10
CA GLY A 43 9.00 -10.12 18.52
C GLY A 43 7.70 -10.88 18.38
N LEU A 44 6.68 -10.20 17.88
CA LEU A 44 5.36 -10.80 17.68
C LEU A 44 5.09 -11.04 16.20
N LYS A 45 4.19 -11.98 15.92
CA LYS A 45 3.82 -12.31 14.55
C LYS A 45 2.59 -11.53 14.10
N ILE A 46 2.77 -10.23 13.89
CA ILE A 46 1.68 -9.37 13.46
C ILE A 46 1.27 -9.66 12.03
N THR A 47 -0.03 -9.76 11.79
CA THR A 47 -0.55 -10.05 10.47
C THR A 47 -1.01 -8.77 9.77
N TYR A 48 -0.76 -8.68 8.47
CA TYR A 48 -1.15 -7.51 7.69
C TYR A 48 -2.34 -7.83 6.79
N LYS A 49 -3.20 -6.83 6.59
CA LYS A 49 -4.38 -6.99 5.76
C LYS A 49 -4.58 -5.78 4.84
N TYR A 50 -5.40 -5.95 3.81
CA TYR A 50 -5.67 -4.88 2.86
C TYR A 50 -7.11 -4.93 2.38
N THR A 51 -7.81 -3.80 2.48
CA THR A 51 -9.19 -3.71 2.05
C THR A 51 -9.41 -2.53 1.11
N GLY A 52 -9.98 -2.79 -0.05
CA GLY A 52 -10.23 -1.74 -1.01
C GLY A 52 -10.37 -2.27 -2.43
N LYS A 53 -10.53 -1.36 -3.39
CA LYS A 53 -10.67 -1.74 -4.79
C LYS A 53 -9.57 -2.71 -5.20
N GLY A 54 -9.95 -3.72 -5.99
CA GLY A 54 -8.98 -4.70 -6.44
C GLY A 54 -9.03 -5.97 -5.61
N ILE A 55 -9.26 -5.82 -4.32
CA ILE A 55 -9.33 -6.97 -3.41
C ILE A 55 -10.77 -7.26 -3.00
N THR A 56 -11.51 -6.20 -2.67
CA THR A 56 -12.89 -6.35 -2.26
C THR A 56 -13.85 -6.05 -3.42
N GLU A 57 -13.51 -5.05 -4.22
CA GLU A 57 -14.33 -4.67 -5.36
C GLU A 57 -13.59 -4.93 -6.67
N PRO A 58 -14.35 -5.31 -7.71
CA PRO A 58 -13.79 -5.59 -9.04
C PRO A 58 -13.30 -4.33 -9.73
N PRO A 59 -12.37 -4.52 -10.69
CA PRO A 59 -11.85 -5.83 -11.04
C PRO A 59 -10.98 -6.44 -9.95
N PHE A 60 -10.93 -7.76 -9.90
CA PHE A 60 -10.13 -8.46 -8.90
C PHE A 60 -8.85 -9.04 -9.52
N GLY A 61 -7.99 -9.58 -8.67
CA GLY A 61 -6.74 -10.15 -9.15
C GLY A 61 -5.75 -9.09 -9.59
N ILE A 62 -5.57 -8.07 -8.75
CA ILE A 62 -4.64 -6.99 -9.06
C ILE A 62 -3.54 -6.89 -8.01
N PHE A 63 -3.94 -6.95 -6.74
CA PHE A 63 -2.98 -6.88 -5.64
C PHE A 63 -3.00 -8.16 -4.81
N VAL A 64 -1.84 -8.79 -4.67
CA VAL A 64 -1.71 -10.02 -3.90
C VAL A 64 -0.96 -9.78 -2.60
N PHE A 65 -1.51 -10.30 -1.51
CA PHE A 65 -0.90 -10.15 -0.20
C PHE A 65 -1.17 -11.38 0.68
N ASN A 66 -0.18 -11.77 1.47
CA ASN A 66 -0.30 -12.91 2.35
C ASN A 66 -0.16 -12.51 3.82
N LYS A 67 -0.25 -13.48 4.71
CA LYS A 67 -0.13 -13.22 6.14
C LYS A 67 1.20 -13.75 6.67
N ASP A 68 1.75 -14.74 6.00
CA ASP A 68 3.03 -15.33 6.42
C ASP A 68 4.19 -14.45 5.97
N THR A 69 4.21 -14.09 4.69
CA THR A 69 5.27 -13.26 4.14
C THR A 69 4.98 -11.77 4.36
N GLY A 70 3.72 -11.41 4.20
CA GLY A 70 3.32 -10.02 4.38
C GLY A 70 3.97 -9.10 3.37
N GLU A 71 3.31 -8.93 2.22
CA GLU A 71 3.83 -8.06 1.16
C GLU A 71 2.75 -7.74 0.14
N LEU A 72 2.84 -6.56 -0.45
CA LEU A 72 1.86 -6.12 -1.44
C LEU A 72 2.47 -6.13 -2.85
N ASN A 73 2.26 -7.23 -3.57
CA ASN A 73 2.80 -7.35 -4.92
C ASN A 73 1.69 -7.19 -5.96
N VAL A 74 1.86 -6.21 -6.84
CA VAL A 74 0.88 -5.94 -7.88
C VAL A 74 1.10 -6.84 -9.09
N THR A 75 0.01 -7.34 -9.66
CA THR A 75 0.08 -8.21 -10.82
C THR A 75 -0.87 -7.75 -11.93
N SER A 76 -1.03 -6.43 -12.04
CA SER A 76 -1.90 -5.85 -13.05
C SER A 76 -1.38 -4.51 -13.53
N ILE A 77 -1.77 -4.11 -14.74
CA ILE A 77 -1.34 -2.85 -15.31
C ILE A 77 -2.32 -1.73 -14.98
N LEU A 78 -2.06 -1.01 -13.89
CA LEU A 78 -2.92 0.09 -13.47
C LEU A 78 -3.44 0.87 -14.67
N ASP A 79 -4.60 1.49 -14.51
CA ASP A 79 -5.20 2.28 -15.59
C ASP A 79 -6.03 3.41 -15.02
N ARG A 80 -5.74 4.64 -15.47
CA ARG A 80 -6.46 5.81 -14.99
C ARG A 80 -7.93 5.75 -15.41
N GLU A 81 -8.18 5.75 -16.72
CA GLU A 81 -9.54 5.70 -17.24
C GLU A 81 -10.38 4.68 -16.46
N GLU A 82 -9.86 3.46 -16.34
CA GLU A 82 -10.55 2.40 -15.63
C GLU A 82 -10.72 2.75 -14.15
N THR A 83 -9.60 2.83 -13.44
CA THR A 83 -9.63 3.16 -12.02
C THR A 83 -8.72 4.35 -11.71
N PRO A 84 -9.32 5.42 -11.15
CA PRO A 84 -8.57 6.64 -10.80
C PRO A 84 -7.63 6.42 -9.62
N PHE A 85 -8.07 5.64 -8.65
CA PHE A 85 -7.26 5.34 -7.46
C PHE A 85 -7.73 4.06 -6.79
N PHE A 86 -6.78 3.28 -6.29
CA PHE A 86 -7.09 2.02 -5.61
C PHE A 86 -7.00 2.19 -4.10
N LEU A 87 -7.81 3.09 -3.55
CA LEU A 87 -7.81 3.34 -2.12
C LEU A 87 -7.81 2.03 -1.34
N LEU A 88 -6.83 1.88 -0.45
CA LEU A 88 -6.73 0.68 0.38
C LEU A 88 -6.80 1.01 1.86
N THR A 89 -6.60 0.01 2.70
CA THR A 89 -6.65 0.20 4.15
C THR A 89 -5.95 -0.94 4.87
N GLY A 90 -4.79 -0.64 5.47
CA GLY A 90 -4.04 -1.65 6.19
C GLY A 90 -4.46 -1.75 7.64
N TYR A 91 -4.77 -2.97 8.08
CA TYR A 91 -5.19 -3.20 9.46
C TYR A 91 -4.23 -4.15 10.17
N ALA A 92 -3.43 -3.61 11.06
CA ALA A 92 -2.46 -4.39 11.81
C ALA A 92 -3.15 -5.24 12.88
N LEU A 93 -3.44 -6.50 12.53
CA LEU A 93 -4.11 -7.41 13.45
C LEU A 93 -3.08 -8.22 14.24
N ASP A 94 -3.41 -8.52 15.50
CA ASP A 94 -2.52 -9.28 16.36
C ASP A 94 -2.88 -10.77 16.32
N ALA A 95 -2.09 -11.58 17.01
CA ALA A 95 -2.32 -13.02 17.05
C ALA A 95 -3.79 -13.34 17.28
N ARG A 96 -4.43 -12.54 18.14
CA ARG A 96 -5.84 -12.74 18.44
C ARG A 96 -6.72 -12.32 17.27
N GLY A 97 -6.33 -11.22 16.62
CA GLY A 97 -7.10 -10.74 15.48
C GLY A 97 -7.87 -9.47 15.81
N ASN A 98 -7.32 -8.65 16.70
CA ASN A 98 -7.97 -7.41 17.10
C ASN A 98 -7.18 -6.21 16.60
N ASN A 99 -7.89 -5.25 16.00
CA ASN A 99 -7.25 -4.04 15.48
C ASN A 99 -6.70 -3.19 16.61
N VAL A 100 -5.55 -3.58 17.15
CA VAL A 100 -4.92 -2.85 18.23
C VAL A 100 -4.29 -1.56 17.72
N GLU A 101 -4.01 -1.51 16.43
CA GLU A 101 -3.40 -0.32 15.83
C GLU A 101 -4.32 0.27 14.76
N LYS A 102 -4.30 1.59 14.64
CA LYS A 102 -5.13 2.28 13.66
C LYS A 102 -4.57 2.10 12.25
N PRO A 103 -5.47 1.98 11.26
CA PRO A 103 -5.09 1.81 9.86
C PRO A 103 -4.46 3.06 9.27
N LEU A 104 -3.85 2.92 8.09
CA LEU A 104 -3.22 4.04 7.42
C LEU A 104 -3.91 4.35 6.09
N GLU A 105 -5.08 3.76 5.90
CA GLU A 105 -5.84 3.97 4.67
C GLU A 105 -4.92 4.18 3.48
N LEU A 106 -3.93 3.30 3.34
CA LEU A 106 -2.97 3.38 2.24
C LEU A 106 -3.69 3.66 0.93
N ARG A 107 -3.44 4.83 0.36
CA ARG A 107 -4.04 5.21 -0.91
C ARG A 107 -3.02 5.17 -2.04
N ILE A 108 -3.46 4.69 -3.20
CA ILE A 108 -2.58 4.60 -4.36
C ILE A 108 -3.12 5.42 -5.53
N LYS A 109 -2.25 6.19 -6.16
CA LYS A 109 -2.64 7.02 -7.30
C LYS A 109 -2.14 6.43 -8.61
N VAL A 110 -2.92 6.62 -9.67
CA VAL A 110 -2.55 6.10 -10.98
C VAL A 110 -1.99 7.20 -11.88
N LEU A 111 -0.67 7.24 -12.01
CA LEU A 111 -0.02 8.24 -12.84
C LEU A 111 -0.41 8.08 -14.31
N ASP A 112 0.18 8.90 -15.16
CA ASP A 112 -0.09 8.85 -16.59
C ASP A 112 1.09 8.26 -17.35
N ILE A 113 0.81 7.69 -18.51
CA ILE A 113 1.85 7.09 -19.33
C ILE A 113 2.92 8.11 -19.70
N ASN A 114 2.51 9.36 -19.82
CA ASN A 114 3.44 10.44 -20.16
C ASN A 114 4.31 10.81 -18.97
N ASP A 115 3.67 11.17 -17.86
CA ASP A 115 4.38 11.54 -16.65
C ASP A 115 5.58 10.63 -16.42
N ASN A 116 6.74 11.23 -16.13
CA ASN A 116 7.96 10.46 -15.89
C ASN A 116 8.78 11.08 -14.77
N GLU A 117 9.04 10.30 -13.73
CA GLU A 117 9.81 10.77 -12.59
C GLU A 117 11.15 10.04 -12.50
N PRO A 118 12.21 10.78 -12.15
CA PRO A 118 13.55 10.23 -12.01
C PRO A 118 13.69 9.30 -10.81
N VAL A 119 14.81 8.60 -10.72
CA VAL A 119 15.06 7.68 -9.62
C VAL A 119 15.68 8.40 -8.43
N PHE A 120 14.97 8.41 -7.31
CA PHE A 120 15.46 9.06 -6.10
C PHE A 120 15.93 8.03 -5.07
N THR A 121 16.57 8.51 -4.02
CA THR A 121 17.07 7.64 -2.97
C THR A 121 16.96 8.31 -1.60
N GLN A 122 16.59 7.53 -0.60
CA GLN A 122 16.45 8.03 0.76
C GLN A 122 17.33 7.25 1.73
N ASP A 123 17.53 7.81 2.92
CA ASP A 123 18.35 7.17 3.94
C ASP A 123 17.84 5.76 4.23
N GLY A 1 -3.69 18.76 -5.43
CA GLY A 1 -4.36 18.73 -4.14
C GLY A 1 -3.40 18.95 -2.98
N SER A 2 -3.84 18.58 -1.78
CA SER A 2 -3.03 18.74 -0.59
C SER A 2 -2.61 17.39 -0.02
N SER A 3 -1.70 17.42 0.95
CA SER A 3 -1.22 16.19 1.58
C SER A 3 -2.01 15.87 2.84
N GLY A 4 -1.99 16.79 3.80
CA GLY A 4 -2.71 16.59 5.04
C GLY A 4 -4.20 16.65 4.86
N SER A 5 -4.95 16.30 5.90
CA SER A 5 -6.41 16.31 5.84
C SER A 5 -7.00 16.29 7.24
N SER A 6 -7.98 17.17 7.49
CA SER A 6 -8.62 17.25 8.79
C SER A 6 -10.04 16.69 8.72
N GLY A 7 -10.16 15.39 8.99
CA GLY A 7 -11.46 14.74 8.97
C GLY A 7 -11.40 13.34 8.38
N GLN A 8 -11.03 13.25 7.11
CA GLN A 8 -10.95 11.97 6.43
C GLN A 8 -10.00 11.03 7.18
N LYS A 9 -9.88 9.80 6.68
CA LYS A 9 -9.01 8.81 7.29
C LYS A 9 -7.64 9.40 7.58
N ARG A 10 -6.92 8.79 8.52
CA ARG A 10 -5.59 9.24 8.89
C ARG A 10 -4.59 8.09 8.87
N ALA A 11 -3.40 8.36 8.33
CA ALA A 11 -2.36 7.34 8.25
C ALA A 11 -1.26 7.59 9.28
N TRP A 12 -0.50 6.55 9.60
CA TRP A 12 0.57 6.66 10.57
C TRP A 12 1.85 7.20 9.92
N ILE A 13 1.68 8.17 9.03
CA ILE A 13 2.81 8.78 8.34
C ILE A 13 3.49 7.77 7.41
N THR A 14 2.68 7.04 6.66
CA THR A 14 3.19 6.05 5.73
C THR A 14 3.63 6.69 4.41
N ALA A 15 4.35 5.93 3.60
CA ALA A 15 4.83 6.43 2.32
C ALA A 15 3.78 6.22 1.23
N PRO A 16 3.75 7.14 0.25
CA PRO A 16 2.80 7.09 -0.86
C PRO A 16 3.10 5.94 -1.82
N VAL A 17 2.11 5.61 -2.65
CA VAL A 17 2.27 4.54 -3.62
C VAL A 17 1.78 4.96 -5.01
N ALA A 18 2.72 5.40 -5.84
CA ALA A 18 2.39 5.84 -7.19
C ALA A 18 3.00 4.90 -8.23
N LEU A 19 2.14 4.18 -8.93
CA LEU A 19 2.59 3.25 -9.96
C LEU A 19 2.40 3.83 -11.36
N ARG A 20 2.83 3.09 -12.37
CA ARG A 20 2.70 3.54 -13.75
C ARG A 20 1.96 2.52 -14.59
N GLU A 21 0.93 2.98 -15.32
CA GLU A 21 0.14 2.10 -16.16
C GLU A 21 0.88 1.78 -17.46
N GLY A 22 1.05 0.49 -17.75
CA GLY A 22 1.73 0.08 -18.96
C GLY A 22 2.19 -1.35 -18.90
N GLU A 23 3.06 -1.66 -17.95
CA GLU A 23 3.58 -3.01 -17.79
C GLU A 23 3.44 -3.49 -16.35
N ASP A 24 3.56 -4.80 -16.15
CA ASP A 24 3.45 -5.38 -14.82
C ASP A 24 4.54 -4.84 -13.90
N LEU A 25 4.13 -4.25 -12.78
CA LEU A 25 5.07 -3.69 -11.82
C LEU A 25 5.50 -4.75 -10.81
N SER A 26 6.33 -5.69 -11.26
CA SER A 26 6.82 -6.76 -10.39
C SER A 26 8.06 -6.32 -9.62
N LYS A 27 9.04 -5.79 -10.36
CA LYS A 27 10.28 -5.33 -9.74
C LYS A 27 10.01 -4.26 -8.70
N LYS A 28 9.04 -3.40 -8.98
CA LYS A 28 8.67 -2.33 -8.05
C LYS A 28 8.27 -2.90 -6.69
N ASN A 29 7.33 -3.83 -6.69
CA ASN A 29 6.86 -4.46 -5.46
C ASN A 29 8.04 -4.96 -4.63
N PRO A 30 7.85 -4.99 -3.30
CA PRO A 30 6.60 -4.58 -2.67
C PRO A 30 6.38 -3.07 -2.76
N ILE A 31 5.20 -2.68 -3.23
CA ILE A 31 4.87 -1.26 -3.36
C ILE A 31 4.30 -0.71 -2.06
N ALA A 32 3.75 -1.60 -1.23
CA ALA A 32 3.18 -1.20 0.05
C ALA A 32 3.46 -2.24 1.12
N LYS A 33 3.72 -1.77 2.33
CA LYS A 33 4.01 -2.65 3.46
C LYS A 33 3.66 -1.99 4.78
N ILE A 34 3.05 -2.75 5.68
CA ILE A 34 2.67 -2.23 6.99
C ILE A 34 3.76 -2.50 8.02
N HIS A 35 4.08 -1.47 8.80
CA HIS A 35 5.11 -1.59 9.83
C HIS A 35 4.54 -1.29 11.22
N SER A 36 4.65 -2.24 12.12
CA SER A 36 4.14 -2.08 13.48
C SER A 36 5.26 -1.68 14.44
N ASP A 37 4.87 -1.18 15.61
CA ASP A 37 5.83 -0.76 16.62
C ASP A 37 5.85 -1.72 17.79
N LEU A 38 5.38 -2.95 17.56
CA LEU A 38 5.33 -3.96 18.61
C LEU A 38 5.99 -5.26 18.14
N ALA A 39 5.87 -5.54 16.84
CA ALA A 39 6.47 -6.75 16.27
C ALA A 39 7.98 -6.71 16.35
N GLU A 40 8.57 -5.62 15.86
CA GLU A 40 10.02 -5.46 15.89
C GLU A 40 10.48 -4.78 17.16
N GLU A 41 9.62 -4.82 18.19
CA GLU A 41 9.94 -4.20 19.46
C GLU A 41 9.82 -5.21 20.60
N ARG A 42 8.66 -5.84 20.69
CA ARG A 42 8.41 -6.83 21.74
C ARG A 42 8.86 -8.23 21.29
N GLY A 43 8.32 -8.69 20.18
CA GLY A 43 8.69 -10.00 19.67
C GLY A 43 7.48 -10.82 19.29
N LEU A 44 6.53 -10.21 18.58
CA LEU A 44 5.32 -10.90 18.16
C LEU A 44 5.36 -11.21 16.66
N LYS A 45 4.30 -11.84 16.17
CA LYS A 45 4.21 -12.19 14.75
C LYS A 45 3.13 -11.39 14.06
N ILE A 46 3.16 -10.07 14.24
CA ILE A 46 2.18 -9.19 13.62
C ILE A 46 1.92 -9.57 12.17
N THR A 47 0.65 -9.63 11.79
CA THR A 47 0.26 -9.98 10.44
C THR A 47 -0.30 -8.78 9.69
N TYR A 48 -0.01 -8.69 8.39
CA TYR A 48 -0.48 -7.60 7.57
C TYR A 48 -1.61 -8.05 6.64
N LYS A 49 -2.63 -7.21 6.50
CA LYS A 49 -3.76 -7.53 5.65
C LYS A 49 -4.19 -6.31 4.84
N TYR A 50 -4.56 -6.53 3.59
CA TYR A 50 -5.01 -5.45 2.71
C TYR A 50 -6.41 -5.71 2.18
N THR A 51 -7.28 -4.72 2.33
CA THR A 51 -8.66 -4.83 1.87
C THR A 51 -9.15 -3.52 1.25
N GLY A 52 -9.91 -3.63 0.17
CA GLY A 52 -10.44 -2.46 -0.49
C GLY A 52 -10.49 -2.62 -2.00
N LYS A 53 -10.73 -1.52 -2.70
CA LYS A 53 -10.80 -1.54 -4.16
C LYS A 53 -9.54 -2.16 -4.76
N GLY A 54 -9.73 -3.19 -5.58
CA GLY A 54 -8.60 -3.85 -6.21
C GLY A 54 -8.22 -5.14 -5.52
N ILE A 55 -8.92 -5.45 -4.42
CA ILE A 55 -8.64 -6.66 -3.66
C ILE A 55 -9.91 -7.49 -3.49
N THR A 56 -10.99 -6.84 -3.09
CA THR A 56 -12.27 -7.52 -2.88
C THR A 56 -13.32 -6.99 -3.85
N GLU A 57 -13.16 -5.75 -4.29
CA GLU A 57 -14.10 -5.14 -5.23
C GLU A 57 -13.53 -5.11 -6.64
N PRO A 58 -14.41 -5.36 -7.63
CA PRO A 58 -14.01 -5.37 -9.04
C PRO A 58 -13.67 -3.98 -9.56
N PRO A 59 -12.56 -3.88 -10.30
CA PRO A 59 -11.71 -5.04 -10.61
C PRO A 59 -10.96 -5.55 -9.38
N PHE A 60 -10.89 -6.87 -9.25
CA PHE A 60 -10.21 -7.49 -8.12
C PHE A 60 -9.02 -8.31 -8.59
N GLY A 61 -8.18 -8.72 -7.65
CA GLY A 61 -7.01 -9.50 -7.98
C GLY A 61 -5.79 -8.64 -8.28
N ILE A 62 -6.02 -7.47 -8.84
CA ILE A 62 -4.93 -6.55 -9.17
C ILE A 62 -3.92 -6.47 -8.04
N PHE A 63 -4.41 -6.27 -6.81
CA PHE A 63 -3.54 -6.18 -5.65
C PHE A 63 -3.67 -7.43 -4.77
N VAL A 64 -2.53 -7.95 -4.32
CA VAL A 64 -2.52 -9.13 -3.48
C VAL A 64 -1.51 -8.99 -2.34
N PHE A 65 -1.91 -9.40 -1.15
CA PHE A 65 -1.05 -9.33 0.03
C PHE A 65 -0.73 -10.71 0.57
N ASN A 66 0.09 -10.76 1.62
CA ASN A 66 0.47 -12.03 2.23
C ASN A 66 0.16 -12.01 3.72
N LYS A 67 0.26 -13.18 4.35
CA LYS A 67 -0.01 -13.31 5.79
C LYS A 67 1.29 -13.22 6.58
N ASP A 68 2.32 -13.93 6.11
CA ASP A 68 3.61 -13.94 6.79
C ASP A 68 4.35 -12.63 6.55
N THR A 69 4.88 -12.44 5.36
CA THR A 69 5.61 -11.23 5.01
C THR A 69 4.65 -10.10 4.64
N GLY A 70 3.40 -10.45 4.38
CA GLY A 70 2.41 -9.46 4.01
C GLY A 70 2.99 -8.36 3.15
N GLU A 71 3.16 -8.64 1.86
CA GLU A 71 3.71 -7.66 0.93
C GLU A 71 2.79 -7.49 -0.27
N LEU A 72 2.40 -6.26 -0.54
CA LEU A 72 1.52 -5.95 -1.67
C LEU A 72 2.30 -6.03 -2.99
N ASN A 73 1.78 -6.81 -3.92
CA ASN A 73 2.41 -6.97 -5.23
C ASN A 73 1.37 -6.92 -6.35
N VAL A 74 1.37 -5.83 -7.10
CA VAL A 74 0.44 -5.65 -8.20
C VAL A 74 0.65 -6.71 -9.27
N THR A 75 -0.42 -7.42 -9.62
CA THR A 75 -0.34 -8.46 -10.64
C THR A 75 -1.22 -8.12 -11.84
N SER A 76 -1.23 -6.85 -12.22
CA SER A 76 -2.02 -6.40 -13.35
C SER A 76 -1.50 -5.07 -13.89
N ILE A 77 -1.80 -4.78 -15.15
CA ILE A 77 -1.36 -3.56 -15.79
C ILE A 77 -2.41 -2.47 -15.68
N LEU A 78 -2.23 -1.56 -14.71
CA LEU A 78 -3.16 -0.47 -14.50
C LEU A 78 -3.67 0.08 -15.82
N ASP A 79 -4.90 0.57 -15.81
CA ASP A 79 -5.52 1.13 -17.01
C ASP A 79 -5.54 2.65 -16.95
N ARG A 80 -5.50 3.20 -15.73
CA ARG A 80 -5.53 4.64 -15.54
C ARG A 80 -6.74 5.26 -16.22
N GLU A 81 -7.78 4.46 -16.42
CA GLU A 81 -9.00 4.94 -17.07
C GLU A 81 -10.23 4.61 -16.23
N GLU A 82 -10.27 3.39 -15.70
CA GLU A 82 -11.39 2.95 -14.87
C GLU A 82 -11.17 3.32 -13.41
N THR A 83 -9.98 3.03 -12.90
CA THR A 83 -9.64 3.33 -11.52
C THR A 83 -8.31 4.09 -11.43
N PRO A 84 -8.38 5.42 -11.55
CA PRO A 84 -7.19 6.28 -11.49
C PRO A 84 -6.61 6.35 -10.09
N PHE A 85 -7.42 6.03 -9.09
CA PHE A 85 -6.98 6.04 -7.69
C PHE A 85 -7.49 4.82 -6.95
N PHE A 86 -6.62 4.24 -6.11
CA PHE A 86 -6.98 3.07 -5.33
C PHE A 86 -6.85 3.34 -3.83
N LEU A 87 -7.94 3.14 -3.11
CA LEU A 87 -7.95 3.36 -1.66
C LEU A 87 -8.14 2.05 -0.91
N LEU A 88 -7.16 1.69 -0.10
CA LEU A 88 -7.21 0.47 0.68
C LEU A 88 -7.09 0.76 2.18
N THR A 89 -7.41 -0.24 3.00
CA THR A 89 -7.34 -0.08 4.45
C THR A 89 -6.48 -1.17 5.07
N GLY A 90 -5.22 -0.83 5.34
CA GLY A 90 -4.30 -1.78 5.94
C GLY A 90 -4.64 -2.07 7.38
N TYR A 91 -4.62 -3.35 7.74
CA TYR A 91 -4.93 -3.77 9.11
C TYR A 91 -3.72 -4.43 9.76
N ALA A 92 -3.48 -4.11 11.02
CA ALA A 92 -2.36 -4.67 11.76
C ALA A 92 -2.84 -5.61 12.86
N LEU A 93 -3.16 -6.85 12.48
CA LEU A 93 -3.63 -7.84 13.44
C LEU A 93 -2.52 -8.27 14.38
N ASP A 94 -2.88 -8.61 15.61
CA ASP A 94 -1.92 -9.04 16.61
C ASP A 94 -1.71 -10.55 16.55
N ALA A 95 -0.73 -11.04 17.31
CA ALA A 95 -0.44 -12.46 17.34
C ALA A 95 -1.72 -13.30 17.39
N ARG A 96 -2.69 -12.81 18.14
CA ARG A 96 -3.97 -13.51 18.28
C ARG A 96 -4.81 -13.35 17.02
N GLY A 97 -4.79 -12.16 16.45
CA GLY A 97 -5.56 -11.90 15.24
C GLY A 97 -6.68 -10.90 15.47
N ASN A 98 -6.41 -9.90 16.31
CA ASN A 98 -7.40 -8.88 16.61
C ASN A 98 -6.86 -7.49 16.30
N ASN A 99 -7.77 -6.53 16.15
CA ASN A 99 -7.38 -5.15 15.85
C ASN A 99 -6.94 -4.42 17.11
N VAL A 100 -5.63 -4.43 17.35
CA VAL A 100 -5.07 -3.76 18.53
C VAL A 100 -5.01 -2.25 18.32
N GLU A 101 -5.03 -1.83 17.07
CA GLU A 101 -4.98 -0.40 16.75
C GLU A 101 -5.81 -0.09 15.51
N LYS A 102 -6.18 1.17 15.35
CA LYS A 102 -6.98 1.60 14.21
C LYS A 102 -6.17 1.54 12.92
N PRO A 103 -6.79 1.03 11.85
CA PRO A 103 -6.14 0.91 10.54
C PRO A 103 -5.91 2.27 9.88
N LEU A 104 -5.37 2.26 8.67
CA LEU A 104 -5.10 3.49 7.94
C LEU A 104 -5.72 3.43 6.55
N GLU A 105 -5.72 4.58 5.86
CA GLU A 105 -6.29 4.66 4.51
C GLU A 105 -5.20 4.90 3.48
N LEU A 106 -4.51 3.83 3.09
CA LEU A 106 -3.44 3.91 2.11
C LEU A 106 -3.96 4.51 0.80
N ARG A 107 -3.18 5.43 0.22
CA ARG A 107 -3.55 6.07 -1.03
C ARG A 107 -2.63 5.64 -2.16
N ILE A 108 -3.18 5.51 -3.36
CA ILE A 108 -2.41 5.11 -4.53
C ILE A 108 -2.71 5.99 -5.73
N LYS A 109 -1.66 6.56 -6.32
CA LYS A 109 -1.82 7.43 -7.47
C LYS A 109 -1.32 6.74 -8.75
N VAL A 110 -2.22 6.57 -9.71
CA VAL A 110 -1.87 5.93 -10.97
C VAL A 110 -1.35 6.95 -11.98
N LEU A 111 -0.04 7.01 -12.13
CA LEU A 111 0.58 7.95 -13.07
C LEU A 111 0.42 7.46 -14.50
N ASP A 112 0.65 8.36 -15.45
CA ASP A 112 0.54 8.02 -16.87
C ASP A 112 1.84 7.42 -17.39
N ILE A 113 1.74 6.60 -18.43
CA ILE A 113 2.90 5.95 -19.03
C ILE A 113 3.93 7.00 -19.46
N ASN A 114 3.45 8.11 -19.99
CA ASN A 114 4.33 9.18 -20.44
C ASN A 114 4.56 10.22 -19.33
N ASP A 115 4.54 9.74 -18.09
CA ASP A 115 4.75 10.62 -16.94
C ASP A 115 6.24 10.83 -16.67
N ASN A 116 6.73 12.02 -16.99
CA ASN A 116 8.14 12.35 -16.79
C ASN A 116 8.68 11.69 -15.51
N GLU A 117 9.95 11.36 -15.52
CA GLU A 117 10.58 10.73 -14.36
C GLU A 117 10.27 11.51 -13.08
N PRO A 118 10.16 10.77 -11.97
CA PRO A 118 9.86 11.37 -10.65
C PRO A 118 11.02 12.19 -10.12
N VAL A 119 10.70 13.22 -9.33
CA VAL A 119 11.72 14.09 -8.75
C VAL A 119 12.13 13.59 -7.37
N PHE A 120 13.44 13.45 -7.17
CA PHE A 120 13.97 12.99 -5.90
C PHE A 120 13.27 11.71 -5.45
N THR A 121 13.05 10.80 -6.39
CA THR A 121 12.38 9.54 -6.09
C THR A 121 12.95 8.91 -4.82
N GLN A 122 12.16 8.04 -4.20
CA GLN A 122 12.58 7.37 -2.98
C GLN A 122 14.05 6.97 -3.04
N ASP A 123 14.66 6.80 -1.88
CA ASP A 123 16.07 6.42 -1.81
C ASP A 123 16.26 4.95 -2.18
N GLY A 1 -4.18 14.96 -8.17
CA GLY A 1 -4.80 16.14 -7.60
C GLY A 1 -4.06 16.65 -6.38
N SER A 2 -4.61 17.68 -5.75
CA SER A 2 -3.98 18.28 -4.57
C SER A 2 -4.30 17.46 -3.33
N SER A 3 -3.32 17.32 -2.44
CA SER A 3 -3.50 16.57 -1.21
C SER A 3 -2.94 17.33 -0.02
N GLY A 4 -3.11 16.77 1.17
CA GLY A 4 -2.63 17.42 2.38
C GLY A 4 -1.37 16.75 2.92
N SER A 5 -0.54 17.54 3.62
CA SER A 5 0.69 17.02 4.18
C SER A 5 0.93 17.59 5.58
N SER A 6 1.97 17.10 6.25
CA SER A 6 2.30 17.55 7.59
C SER A 6 1.25 17.09 8.59
N GLY A 7 0.97 15.80 8.61
CA GLY A 7 -0.01 15.25 9.52
C GLY A 7 0.25 15.65 10.96
N GLN A 8 1.49 15.54 11.38
CA GLN A 8 1.87 15.89 12.75
C GLN A 8 1.07 15.09 13.77
N LYS A 9 0.88 13.80 13.48
CA LYS A 9 0.12 12.93 14.36
C LYS A 9 1.06 11.98 15.12
N ARG A 10 0.70 11.69 16.37
CA ARG A 10 1.51 10.80 17.19
C ARG A 10 1.22 9.34 16.88
N ALA A 11 1.21 9.02 15.59
CA ALA A 11 0.95 7.66 15.14
C ALA A 11 1.93 7.23 14.06
N TRP A 12 1.96 5.93 13.76
CA TRP A 12 2.86 5.40 12.75
C TRP A 12 2.51 5.96 11.37
N ILE A 13 3.50 6.01 10.50
CA ILE A 13 3.31 6.52 9.14
C ILE A 13 3.66 5.46 8.10
N THR A 14 3.19 5.67 6.87
CA THR A 14 3.45 4.74 5.78
C THR A 14 4.01 5.46 4.56
N ALA A 15 4.81 4.75 3.77
CA ALA A 15 5.41 5.32 2.58
C ALA A 15 4.40 5.40 1.44
N PRO A 16 4.48 6.48 0.64
CA PRO A 16 3.58 6.70 -0.49
C PRO A 16 3.82 5.71 -1.62
N VAL A 17 2.83 5.57 -2.50
CA VAL A 17 2.94 4.65 -3.63
C VAL A 17 2.47 5.32 -4.92
N ALA A 18 3.37 5.43 -5.89
CA ALA A 18 3.06 6.05 -7.17
C ALA A 18 3.57 5.20 -8.33
N LEU A 19 2.69 4.36 -8.87
CA LEU A 19 3.04 3.48 -9.97
C LEU A 19 2.70 4.14 -11.31
N ARG A 20 3.54 3.91 -12.31
CA ARG A 20 3.33 4.47 -13.64
C ARG A 20 2.71 3.44 -14.58
N GLU A 21 1.40 3.52 -14.77
CA GLU A 21 0.69 2.60 -15.64
C GLU A 21 1.41 2.46 -16.98
N GLY A 22 0.99 1.48 -17.77
CA GLY A 22 1.60 1.26 -19.07
C GLY A 22 2.18 -0.14 -19.20
N GLU A 23 3.43 -0.31 -18.76
CA GLU A 23 4.09 -1.60 -18.84
C GLU A 23 4.13 -2.27 -17.47
N ASP A 24 4.17 -3.60 -17.47
CA ASP A 24 4.21 -4.37 -16.23
C ASP A 24 5.13 -3.70 -15.21
N LEU A 25 4.82 -3.90 -13.93
CA LEU A 25 5.62 -3.32 -12.86
C LEU A 25 5.99 -4.37 -11.82
N SER A 26 6.44 -5.52 -12.30
CA SER A 26 6.83 -6.61 -11.42
C SER A 26 8.02 -6.21 -10.55
N LYS A 27 9.08 -5.75 -11.18
CA LYS A 27 10.29 -5.33 -10.47
C LYS A 27 9.95 -4.28 -9.41
N LYS A 28 9.14 -3.30 -9.79
CA LYS A 28 8.74 -2.24 -8.87
C LYS A 28 8.48 -2.80 -7.47
N ASN A 29 7.70 -3.87 -7.40
CA ASN A 29 7.37 -4.51 -6.13
C ASN A 29 8.64 -5.03 -5.45
N PRO A 30 8.60 -5.07 -4.11
CA PRO A 30 7.44 -4.66 -3.32
C PRO A 30 7.22 -3.15 -3.38
N ILE A 31 6.01 -2.72 -3.05
CA ILE A 31 5.68 -1.30 -3.06
C ILE A 31 5.16 -0.85 -1.69
N ALA A 32 4.46 -1.75 -1.00
CA ALA A 32 3.91 -1.45 0.31
C ALA A 32 4.69 -2.19 1.41
N LYS A 33 4.99 -1.49 2.49
CA LYS A 33 5.72 -2.08 3.60
C LYS A 33 5.16 -1.58 4.94
N ILE A 34 4.46 -2.46 5.64
CA ILE A 34 3.87 -2.11 6.93
C ILE A 34 4.32 -3.09 8.02
N HIS A 35 5.58 -3.48 7.97
CA HIS A 35 6.12 -4.42 8.95
C HIS A 35 5.97 -3.88 10.37
N SER A 36 5.14 -4.54 11.17
CA SER A 36 4.91 -4.11 12.54
C SER A 36 6.19 -4.25 13.38
N ASP A 37 6.26 -3.50 14.47
CA ASP A 37 7.41 -3.54 15.35
C ASP A 37 7.50 -4.88 16.07
N LEU A 38 6.46 -5.20 16.84
CA LEU A 38 6.42 -6.45 17.59
C LEU A 38 7.00 -7.60 16.76
N ALA A 39 6.61 -7.65 15.48
CA ALA A 39 7.08 -8.69 14.58
C ALA A 39 8.58 -8.93 14.77
N GLU A 40 9.34 -7.85 14.88
CA GLU A 40 10.78 -7.95 15.06
C GLU A 40 11.16 -7.85 16.53
N GLU A 41 10.69 -6.78 17.18
CA GLU A 41 10.98 -6.57 18.59
C GLU A 41 10.94 -7.89 19.36
N ARG A 42 9.86 -8.65 19.17
CA ARG A 42 9.70 -9.92 19.84
C ARG A 42 10.03 -11.09 18.91
N GLY A 43 9.26 -11.21 17.83
CA GLY A 43 9.49 -12.28 16.88
C GLY A 43 8.23 -13.04 16.55
N LEU A 44 7.16 -12.31 16.26
CA LEU A 44 5.87 -12.93 15.92
C LEU A 44 5.59 -12.82 14.43
N LYS A 45 4.69 -13.67 13.94
CA LYS A 45 4.33 -13.66 12.53
C LYS A 45 3.03 -12.90 12.30
N ILE A 46 2.86 -11.80 13.03
CA ILE A 46 1.66 -10.99 12.90
C ILE A 46 1.11 -11.03 11.48
N THR A 47 -0.22 -10.93 11.36
CA THR A 47 -0.86 -10.96 10.06
C THR A 47 -1.76 -9.74 9.87
N TYR A 48 -1.62 -9.10 8.71
CA TYR A 48 -2.41 -7.92 8.39
C TYR A 48 -3.50 -8.24 7.37
N LYS A 49 -4.22 -7.21 6.93
CA LYS A 49 -5.29 -7.38 5.95
C LYS A 49 -5.47 -6.12 5.13
N TYR A 50 -5.97 -6.28 3.91
CA TYR A 50 -6.19 -5.14 3.02
C TYR A 50 -7.60 -5.18 2.43
N THR A 51 -8.35 -4.10 2.65
CA THR A 51 -9.72 -4.01 2.15
C THR A 51 -9.88 -2.80 1.22
N GLY A 52 -10.48 -3.03 0.07
CA GLY A 52 -10.69 -1.94 -0.89
C GLY A 52 -10.76 -2.44 -2.32
N LYS A 53 -10.91 -1.51 -3.26
CA LYS A 53 -10.99 -1.85 -4.67
C LYS A 53 -9.69 -2.48 -5.15
N GLY A 54 -9.76 -3.74 -5.56
CA GLY A 54 -8.58 -4.43 -6.05
C GLY A 54 -8.32 -5.72 -5.30
N ILE A 55 -8.91 -5.84 -4.11
CA ILE A 55 -8.73 -7.04 -3.29
C ILE A 55 -10.08 -7.64 -2.91
N THR A 56 -10.92 -6.85 -2.26
CA THR A 56 -12.24 -7.30 -1.84
C THR A 56 -13.29 -6.99 -2.90
N GLU A 57 -13.13 -5.86 -3.56
CA GLU A 57 -14.07 -5.45 -4.61
C GLU A 57 -13.44 -5.55 -5.98
N PRO A 58 -14.23 -5.98 -6.98
CA PRO A 58 -13.78 -6.13 -8.36
C PRO A 58 -13.49 -4.78 -9.03
N PRO A 59 -12.53 -4.78 -9.96
CA PRO A 59 -11.79 -5.98 -10.35
C PRO A 59 -10.84 -6.45 -9.24
N PHE A 60 -10.88 -7.74 -8.94
CA PHE A 60 -10.03 -8.32 -7.91
C PHE A 60 -8.85 -9.06 -8.53
N GLY A 61 -7.85 -9.35 -7.71
CA GLY A 61 -6.68 -10.07 -8.19
C GLY A 61 -5.54 -9.13 -8.54
N ILE A 62 -5.88 -7.94 -9.03
CA ILE A 62 -4.87 -6.95 -9.39
C ILE A 62 -3.82 -6.80 -8.31
N PHE A 63 -4.27 -6.56 -7.08
CA PHE A 63 -3.35 -6.40 -5.95
C PHE A 63 -3.28 -7.69 -5.13
N VAL A 64 -2.08 -8.01 -4.66
CA VAL A 64 -1.87 -9.21 -3.86
C VAL A 64 -0.98 -8.93 -2.66
N PHE A 65 -1.26 -9.58 -1.54
CA PHE A 65 -0.48 -9.40 -0.32
C PHE A 65 -0.39 -10.71 0.47
N ASN A 66 0.74 -10.90 1.15
CA ASN A 66 0.96 -12.10 1.94
C ASN A 66 0.74 -11.83 3.43
N LYS A 67 0.78 -12.88 4.24
CA LYS A 67 0.59 -12.75 5.68
C LYS A 67 1.90 -12.97 6.42
N ASP A 68 2.80 -13.73 5.81
CA ASP A 68 4.10 -14.02 6.41
C ASP A 68 5.05 -12.83 6.25
N THR A 69 5.05 -12.24 5.05
CA THR A 69 5.91 -11.10 4.77
C THR A 69 5.17 -9.78 5.00
N GLY A 70 3.89 -9.76 4.67
CA GLY A 70 3.09 -8.56 4.86
C GLY A 70 3.49 -7.45 3.91
N GLU A 71 3.43 -7.74 2.60
CA GLU A 71 3.78 -6.76 1.59
C GLU A 71 2.76 -6.75 0.46
N LEU A 72 2.60 -5.60 -0.18
CA LEU A 72 1.66 -5.46 -1.29
C LEU A 72 2.38 -5.43 -2.62
N ASN A 73 1.73 -5.96 -3.66
CA ASN A 73 2.31 -5.99 -4.99
C ASN A 73 1.24 -5.79 -6.06
N VAL A 74 1.67 -5.45 -7.27
CA VAL A 74 0.74 -5.23 -8.37
C VAL A 74 0.97 -6.25 -9.48
N THR A 75 -0.09 -6.96 -9.84
CA THR A 75 -0.01 -7.97 -10.90
C THR A 75 -0.88 -7.60 -12.08
N SER A 76 -0.87 -6.32 -12.43
CA SER A 76 -1.67 -5.82 -13.56
C SER A 76 -1.23 -4.44 -13.98
N ILE A 77 -1.65 -4.02 -15.17
CA ILE A 77 -1.29 -2.70 -15.69
C ILE A 77 -2.36 -1.67 -15.35
N LEU A 78 -2.12 -0.90 -14.30
CA LEU A 78 -3.06 0.13 -13.87
C LEU A 78 -3.76 0.77 -15.07
N ASP A 79 -5.06 0.96 -14.96
CA ASP A 79 -5.84 1.56 -16.04
C ASP A 79 -6.56 2.81 -15.54
N ARG A 80 -5.88 3.95 -15.61
CA ARG A 80 -6.45 5.23 -15.18
C ARG A 80 -7.85 5.41 -15.77
N GLU A 81 -7.95 5.26 -17.09
CA GLU A 81 -9.23 5.42 -17.77
C GLU A 81 -10.39 4.94 -16.89
N GLU A 82 -10.20 3.78 -16.27
CA GLU A 82 -11.23 3.21 -15.40
C GLU A 82 -10.89 3.43 -13.93
N THR A 83 -9.75 2.89 -13.51
CA THR A 83 -9.30 3.04 -12.13
C THR A 83 -8.21 4.09 -12.01
N PRO A 84 -8.61 5.32 -11.64
CA PRO A 84 -7.68 6.43 -11.49
C PRO A 84 -6.77 6.27 -10.27
N PHE A 85 -7.24 5.50 -9.29
CA PHE A 85 -6.47 5.25 -8.08
C PHE A 85 -7.10 4.13 -7.26
N PHE A 86 -6.44 3.78 -6.15
CA PHE A 86 -6.94 2.72 -5.28
C PHE A 86 -6.72 3.08 -3.81
N LEU A 87 -7.81 3.07 -3.05
CA LEU A 87 -7.75 3.40 -1.62
C LEU A 87 -7.89 2.14 -0.77
N LEU A 88 -6.76 1.63 -0.28
CA LEU A 88 -6.76 0.44 0.55
C LEU A 88 -6.53 0.79 2.02
N THR A 89 -6.56 -0.22 2.88
CA THR A 89 -6.36 -0.01 4.30
C THR A 89 -5.68 -1.21 4.94
N GLY A 90 -4.55 -0.97 5.61
CA GLY A 90 -3.82 -2.04 6.26
C GLY A 90 -4.28 -2.28 7.69
N TYR A 91 -4.97 -3.39 7.91
CA TYR A 91 -5.47 -3.73 9.23
C TYR A 91 -4.59 -4.80 9.89
N ALA A 92 -3.61 -4.35 10.66
CA ALA A 92 -2.71 -5.26 11.34
C ALA A 92 -3.43 -6.06 12.42
N LEU A 93 -3.48 -7.38 12.25
CA LEU A 93 -4.15 -8.25 13.21
C LEU A 93 -3.13 -9.05 14.03
N ASP A 94 -3.50 -9.38 15.25
CA ASP A 94 -2.63 -10.14 16.13
C ASP A 94 -3.17 -11.56 16.35
N ALA A 95 -4.38 -11.64 16.87
CA ALA A 95 -5.01 -12.94 17.12
C ALA A 95 -6.45 -12.95 16.61
N ARG A 96 -7.30 -12.14 17.24
CA ARG A 96 -8.71 -12.07 16.86
C ARG A 96 -8.99 -10.78 16.09
N GLY A 97 -8.01 -10.34 15.31
CA GLY A 97 -8.18 -9.11 14.53
C GLY A 97 -8.85 -8.02 15.32
N ASN A 98 -8.43 -7.84 16.57
CA ASN A 98 -9.00 -6.82 17.44
C ASN A 98 -8.38 -5.45 17.14
N ASN A 99 -7.69 -5.36 16.01
CA ASN A 99 -7.05 -4.11 15.62
C ASN A 99 -6.27 -3.50 16.77
N VAL A 100 -5.50 -4.34 17.46
CA VAL A 100 -4.70 -3.89 18.60
C VAL A 100 -3.99 -2.57 18.28
N GLU A 101 -3.81 -2.30 16.99
CA GLU A 101 -3.15 -1.07 16.56
C GLU A 101 -4.07 -0.24 15.67
N LYS A 102 -3.63 0.97 15.34
CA LYS A 102 -4.41 1.86 14.49
C LYS A 102 -4.01 1.71 13.03
N PRO A 103 -5.01 1.49 12.15
CA PRO A 103 -4.79 1.33 10.71
C PRO A 103 -4.35 2.63 10.04
N LEU A 104 -4.26 2.61 8.72
CA LEU A 104 -3.86 3.79 7.96
C LEU A 104 -4.50 3.79 6.58
N GLU A 105 -4.60 4.97 5.98
CA GLU A 105 -5.21 5.11 4.66
C GLU A 105 -4.14 5.03 3.57
N LEU A 106 -4.27 4.04 2.70
CA LEU A 106 -3.31 3.85 1.61
C LEU A 106 -3.92 4.27 0.27
N ARG A 107 -3.20 5.11 -0.45
CA ARG A 107 -3.66 5.60 -1.74
C ARG A 107 -2.62 5.33 -2.82
N ILE A 108 -3.09 5.04 -4.03
CA ILE A 108 -2.20 4.77 -5.15
C ILE A 108 -2.60 5.58 -6.39
N LYS A 109 -1.84 6.62 -6.67
CA LYS A 109 -2.12 7.48 -7.82
C LYS A 109 -1.53 6.88 -9.10
N VAL A 110 -2.36 6.77 -10.13
CA VAL A 110 -1.92 6.22 -11.40
C VAL A 110 -1.28 7.28 -12.28
N LEU A 111 0.05 7.33 -12.28
CA LEU A 111 0.78 8.31 -13.07
C LEU A 111 0.53 8.10 -14.56
N ASP A 112 0.28 9.19 -15.26
CA ASP A 112 0.01 9.13 -16.70
C ASP A 112 1.31 8.93 -17.48
N ILE A 113 1.22 8.22 -18.59
CA ILE A 113 2.39 7.95 -19.43
C ILE A 113 3.24 9.20 -19.59
N ASN A 114 2.58 10.36 -19.65
CA ASN A 114 3.29 11.63 -19.81
C ASN A 114 3.10 12.51 -18.57
N ASP A 115 3.28 11.91 -17.40
CA ASP A 115 3.14 12.65 -16.14
C ASP A 115 4.12 13.80 -16.08
N ASN A 116 5.07 13.84 -17.00
CA ASN A 116 6.07 14.89 -17.05
C ASN A 116 6.68 15.12 -15.67
N GLU A 117 6.84 14.04 -14.91
CA GLU A 117 7.40 14.13 -13.57
C GLU A 117 8.88 14.51 -13.64
N PRO A 118 9.21 15.69 -13.08
CA PRO A 118 10.58 16.20 -13.06
C PRO A 118 11.49 15.39 -12.13
N VAL A 119 12.79 15.61 -12.23
CA VAL A 119 13.76 14.91 -11.41
C VAL A 119 13.99 15.64 -10.08
N PHE A 120 13.91 14.89 -8.98
CA PHE A 120 14.10 15.47 -7.66
C PHE A 120 15.52 15.21 -7.16
N THR A 121 15.82 15.74 -5.97
CA THR A 121 17.14 15.57 -5.38
C THR A 121 17.04 15.09 -3.94
N GLN A 122 17.80 14.06 -3.60
CA GLN A 122 17.79 13.52 -2.25
C GLN A 122 19.22 13.29 -1.75
N ASP A 123 19.44 13.56 -0.47
CA ASP A 123 20.75 13.39 0.14
C ASP A 123 21.19 11.92 0.07
N GLY A 1 9.73 9.64 -6.02
CA GLY A 1 9.08 10.32 -4.91
C GLY A 1 8.82 9.40 -3.73
N SER A 2 9.86 8.70 -3.29
CA SER A 2 9.74 7.77 -2.17
C SER A 2 8.90 8.37 -1.05
N SER A 3 9.28 9.56 -0.61
CA SER A 3 8.57 10.26 0.45
C SER A 3 8.62 11.77 0.26
N GLY A 4 7.95 12.51 1.14
CA GLY A 4 7.94 13.95 1.04
C GLY A 4 8.72 14.61 2.17
N SER A 5 8.20 15.72 2.67
CA SER A 5 8.86 16.45 3.75
C SER A 5 8.21 16.14 5.10
N SER A 6 6.89 16.34 5.17
CA SER A 6 6.15 16.09 6.41
C SER A 6 4.66 15.91 6.12
N GLY A 7 4.10 14.82 6.60
CA GLY A 7 2.69 14.55 6.39
C GLY A 7 1.89 14.53 7.68
N GLN A 8 1.79 13.35 8.28
CA GLN A 8 1.05 13.20 9.53
C GLN A 8 1.70 12.15 10.42
N LYS A 9 1.67 12.38 11.74
CA LYS A 9 2.25 11.45 12.69
C LYS A 9 1.18 10.88 13.61
N ARG A 10 0.46 9.88 13.12
CA ARG A 10 -0.60 9.24 13.90
C ARG A 10 -0.49 7.73 13.82
N ALA A 11 0.36 7.15 14.66
CA ALA A 11 0.56 5.71 14.69
C ALA A 11 0.57 5.14 13.28
N TRP A 12 1.19 5.85 12.35
CA TRP A 12 1.27 5.41 10.96
C TRP A 12 2.38 6.12 10.22
N ILE A 13 3.39 5.37 9.80
CA ILE A 13 4.52 5.94 9.09
C ILE A 13 4.68 5.28 7.72
N THR A 14 3.95 5.80 6.73
CA THR A 14 4.01 5.26 5.37
C THR A 14 4.19 6.38 4.36
N ALA A 15 4.38 6.00 3.10
CA ALA A 15 4.57 6.97 2.03
C ALA A 15 3.54 6.77 0.92
N PRO A 16 3.24 7.85 0.19
CA PRO A 16 2.27 7.83 -0.92
C PRO A 16 2.78 7.03 -2.12
N VAL A 17 2.08 5.95 -2.45
CA VAL A 17 2.46 5.10 -3.57
C VAL A 17 2.01 5.71 -4.89
N ALA A 18 2.98 6.13 -5.70
CA ALA A 18 2.68 6.74 -7.00
C ALA A 18 3.26 5.90 -8.13
N LEU A 19 2.54 4.85 -8.51
CA LEU A 19 2.97 3.97 -9.57
C LEU A 19 2.61 4.55 -10.94
N ARG A 20 3.38 4.17 -11.96
CA ARG A 20 3.13 4.65 -13.32
C ARG A 20 2.25 3.68 -14.09
N GLU A 21 1.21 4.21 -14.74
CA GLU A 21 0.30 3.39 -15.51
C GLU A 21 0.89 3.04 -16.87
N GLY A 22 0.87 1.75 -17.20
CA GLY A 22 1.42 1.31 -18.47
C GLY A 22 2.78 0.67 -18.33
N GLU A 23 2.98 -0.07 -17.24
CA GLU A 23 4.24 -0.73 -16.98
C GLU A 23 4.14 -1.66 -15.76
N ASP A 24 4.43 -2.93 -15.97
CA ASP A 24 4.37 -3.91 -14.89
C ASP A 24 5.13 -3.41 -13.67
N LEU A 25 4.45 -3.39 -12.52
CA LEU A 25 5.06 -2.94 -11.28
C LEU A 25 5.76 -4.08 -10.56
N SER A 26 6.52 -4.87 -11.31
CA SER A 26 7.24 -6.00 -10.75
C SER A 26 8.45 -5.53 -9.95
N LYS A 27 9.30 -4.74 -10.59
CA LYS A 27 10.50 -4.21 -9.94
C LYS A 27 10.13 -3.29 -8.79
N LYS A 28 9.26 -2.32 -9.06
CA LYS A 28 8.82 -1.37 -8.05
C LYS A 28 8.44 -2.08 -6.76
N ASN A 29 7.47 -2.99 -6.87
CA ASN A 29 7.00 -3.74 -5.71
C ASN A 29 8.17 -4.30 -4.91
N PRO A 30 7.96 -4.47 -3.60
CA PRO A 30 6.69 -4.15 -2.95
C PRO A 30 6.42 -2.66 -2.89
N ILE A 31 5.14 -2.29 -2.97
CA ILE A 31 4.75 -0.88 -2.92
C ILE A 31 4.33 -0.48 -1.51
N ALA A 32 3.72 -1.40 -0.79
CA ALA A 32 3.27 -1.14 0.57
C ALA A 32 4.11 -1.90 1.59
N LYS A 33 4.21 -1.36 2.79
CA LYS A 33 4.99 -1.99 3.85
C LYS A 33 4.13 -2.24 5.09
N ILE A 34 3.61 -1.16 5.67
CA ILE A 34 2.76 -1.25 6.86
C ILE A 34 3.51 -1.95 8.00
N HIS A 35 4.68 -1.43 8.34
CA HIS A 35 5.49 -1.99 9.41
C HIS A 35 5.11 -1.37 10.75
N SER A 36 4.03 -1.86 11.35
CA SER A 36 3.56 -1.33 12.63
C SER A 36 4.72 -1.17 13.61
N ASP A 37 5.20 0.06 13.75
CA ASP A 37 6.31 0.34 14.65
C ASP A 37 6.24 -0.54 15.90
N LEU A 38 5.08 -0.55 16.54
CA LEU A 38 4.89 -1.36 17.74
C LEU A 38 5.39 -2.78 17.53
N ALA A 39 4.94 -3.41 16.45
CA ALA A 39 5.34 -4.77 16.13
C ALA A 39 6.85 -4.95 16.31
N GLU A 40 7.62 -4.11 15.63
CA GLU A 40 9.08 -4.18 15.72
C GLU A 40 9.56 -3.73 17.09
N GLU A 41 9.30 -2.47 17.43
CA GLU A 41 9.71 -1.92 18.72
C GLU A 41 9.64 -2.99 19.82
N ARG A 42 8.52 -3.70 19.88
CA ARG A 42 8.32 -4.74 20.87
C ARG A 42 8.87 -6.07 20.38
N GLY A 43 8.34 -6.54 19.25
CA GLY A 43 8.78 -7.80 18.68
C GLY A 43 7.64 -8.77 18.46
N LEU A 44 6.52 -8.26 17.93
CA LEU A 44 5.35 -9.09 17.67
C LEU A 44 5.28 -9.49 16.20
N LYS A 45 4.53 -10.54 15.92
CA LYS A 45 4.37 -11.03 14.55
C LYS A 45 3.09 -10.51 13.92
N ILE A 46 2.62 -9.36 14.42
CA ILE A 46 1.39 -8.76 13.91
C ILE A 46 1.24 -9.01 12.42
N THR A 47 0.06 -9.47 12.03
CA THR A 47 -0.23 -9.76 10.62
C THR A 47 -0.90 -8.56 9.95
N TYR A 48 -0.37 -8.17 8.80
CA TYR A 48 -0.92 -7.04 8.05
C TYR A 48 -1.91 -7.52 7.00
N LYS A 49 -3.06 -6.85 6.93
CA LYS A 49 -4.10 -7.19 5.97
C LYS A 49 -4.41 -6.02 5.05
N TYR A 50 -4.87 -6.33 3.84
CA TYR A 50 -5.20 -5.30 2.86
C TYR A 50 -6.58 -5.53 2.27
N THR A 51 -7.52 -4.65 2.58
CA THR A 51 -8.89 -4.76 2.08
C THR A 51 -9.31 -3.49 1.36
N GLY A 52 -9.81 -3.65 0.14
CA GLY A 52 -10.26 -2.50 -0.63
C GLY A 52 -10.46 -2.83 -2.11
N LYS A 53 -10.68 -1.81 -2.91
CA LYS A 53 -10.89 -1.98 -4.35
C LYS A 53 -9.78 -2.85 -4.95
N GLY A 54 -10.13 -4.02 -5.44
CA GLY A 54 -9.16 -4.91 -6.04
C GLY A 54 -9.05 -6.24 -5.31
N ILE A 55 -9.19 -6.19 -3.98
CA ILE A 55 -9.11 -7.39 -3.17
C ILE A 55 -10.50 -7.85 -2.71
N THR A 56 -11.29 -6.89 -2.23
CA THR A 56 -12.64 -7.19 -1.76
C THR A 56 -13.66 -6.95 -2.85
N GLU A 57 -13.48 -5.88 -3.61
CA GLU A 57 -14.40 -5.53 -4.69
C GLU A 57 -13.68 -5.59 -6.03
N PRO A 58 -14.45 -5.92 -7.10
CA PRO A 58 -13.91 -6.02 -8.45
C PRO A 58 -13.54 -4.65 -9.03
N PRO A 59 -12.67 -4.65 -10.05
CA PRO A 59 -12.08 -5.88 -10.59
C PRO A 59 -11.11 -6.54 -9.62
N PHE A 60 -11.12 -7.87 -9.58
CA PHE A 60 -10.23 -8.61 -8.70
C PHE A 60 -8.94 -8.99 -9.41
N GLY A 61 -8.02 -9.62 -8.68
CA GLY A 61 -6.75 -10.02 -9.25
C GLY A 61 -5.83 -8.84 -9.52
N ILE A 62 -5.83 -7.88 -8.60
CA ILE A 62 -4.99 -6.70 -8.74
C ILE A 62 -3.95 -6.63 -7.63
N PHE A 63 -4.36 -6.96 -6.40
CA PHE A 63 -3.47 -6.93 -5.26
C PHE A 63 -3.51 -8.26 -4.51
N VAL A 64 -2.33 -8.75 -4.12
CA VAL A 64 -2.23 -10.00 -3.40
C VAL A 64 -1.08 -9.98 -2.39
N PHE A 65 -1.37 -10.37 -1.16
CA PHE A 65 -0.35 -10.39 -0.11
C PHE A 65 -0.29 -11.76 0.55
N ASN A 66 0.91 -12.13 1.00
CA ASN A 66 1.11 -13.42 1.65
C ASN A 66 0.97 -13.30 3.16
N LYS A 67 0.49 -12.14 3.61
CA LYS A 67 0.29 -11.90 5.04
C LYS A 67 1.40 -12.55 5.86
N ASP A 68 2.63 -12.44 5.37
CA ASP A 68 3.78 -13.01 6.06
C ASP A 68 4.88 -11.97 6.25
N THR A 69 5.37 -11.43 5.14
CA THR A 69 6.43 -10.43 5.17
C THR A 69 5.86 -9.03 4.97
N GLY A 70 4.94 -8.90 4.03
CA GLY A 70 4.33 -7.60 3.76
C GLY A 70 4.77 -7.02 2.44
N GLU A 71 4.68 -7.82 1.37
CA GLU A 71 5.08 -7.37 0.05
C GLU A 71 3.87 -7.29 -0.89
N LEU A 72 3.14 -6.17 -0.79
CA LEU A 72 1.96 -5.96 -1.62
C LEU A 72 2.35 -5.82 -3.09
N ASN A 73 2.28 -6.93 -3.83
CA ASN A 73 2.62 -6.93 -5.24
C ASN A 73 1.37 -6.82 -6.10
N VAL A 74 1.32 -5.80 -6.95
CA VAL A 74 0.18 -5.59 -7.83
C VAL A 74 0.27 -6.46 -9.08
N THR A 75 -0.70 -7.36 -9.24
CA THR A 75 -0.72 -8.26 -10.39
C THR A 75 -1.63 -7.72 -11.48
N SER A 76 -1.56 -6.42 -11.72
CA SER A 76 -2.39 -5.78 -12.74
C SER A 76 -1.81 -4.42 -13.13
N ILE A 77 -2.09 -4.00 -14.36
CA ILE A 77 -1.60 -2.71 -14.85
C ILE A 77 -2.63 -1.61 -14.62
N LEU A 78 -2.32 -0.71 -13.69
CA LEU A 78 -3.21 0.40 -13.37
C LEU A 78 -3.67 1.12 -14.64
N ASP A 79 -4.94 1.48 -14.68
CA ASP A 79 -5.50 2.18 -15.83
C ASP A 79 -6.24 3.44 -15.40
N ARG A 80 -5.50 4.54 -15.27
CA ARG A 80 -6.09 5.80 -14.86
C ARG A 80 -7.46 6.01 -15.50
N GLU A 81 -7.51 5.87 -16.82
CA GLU A 81 -8.75 6.04 -17.55
C GLU A 81 -9.94 5.51 -16.74
N GLU A 82 -9.81 4.28 -16.24
CA GLU A 82 -10.86 3.67 -15.45
C GLU A 82 -10.66 3.93 -13.97
N THR A 83 -9.59 3.36 -13.42
CA THR A 83 -9.28 3.53 -12.00
C THR A 83 -8.20 4.58 -11.80
N PRO A 84 -8.62 5.80 -11.45
CA PRO A 84 -7.70 6.93 -11.20
C PRO A 84 -6.86 6.74 -9.95
N PHE A 85 -7.36 5.92 -9.03
CA PHE A 85 -6.67 5.65 -7.77
C PHE A 85 -7.05 4.28 -7.22
N PHE A 86 -6.19 3.74 -6.36
CA PHE A 86 -6.44 2.44 -5.76
C PHE A 86 -6.14 2.46 -4.26
N LEU A 87 -7.08 3.02 -3.49
CA LEU A 87 -6.92 3.11 -2.04
C LEU A 87 -7.01 1.73 -1.40
N LEU A 88 -6.31 1.55 -0.29
CA LEU A 88 -6.31 0.29 0.44
C LEU A 88 -6.11 0.50 1.94
N THR A 89 -6.63 -0.43 2.73
CA THR A 89 -6.51 -0.34 4.19
C THR A 89 -5.44 -1.29 4.71
N GLY A 90 -4.92 -1.00 5.90
CA GLY A 90 -3.90 -1.84 6.49
C GLY A 90 -4.29 -2.33 7.88
N TYR A 91 -5.31 -3.18 7.93
CA TYR A 91 -5.78 -3.73 9.20
C TYR A 91 -4.66 -4.47 9.92
N ALA A 92 -4.24 -3.93 11.06
CA ALA A 92 -3.18 -4.55 11.85
C ALA A 92 -3.74 -5.57 12.82
N LEU A 93 -3.54 -6.85 12.51
CA LEU A 93 -4.03 -7.93 13.36
C LEU A 93 -2.92 -8.45 14.26
N ASP A 94 -3.09 -8.28 15.57
CA ASP A 94 -2.11 -8.73 16.55
C ASP A 94 -2.17 -10.25 16.70
N ALA A 95 -3.27 -10.74 17.27
CA ALA A 95 -3.46 -12.17 17.48
C ALA A 95 -4.85 -12.61 17.05
N ARG A 96 -5.87 -12.09 17.75
CA ARG A 96 -7.25 -12.44 17.45
C ARG A 96 -7.87 -11.41 16.51
N GLY A 97 -7.05 -10.80 15.68
CA GLY A 97 -7.54 -9.80 14.74
C GLY A 97 -8.56 -8.86 15.37
N ASN A 98 -8.31 -8.47 16.61
CA ASN A 98 -9.21 -7.58 17.32
C ASN A 98 -8.96 -6.12 16.93
N ASN A 99 -8.27 -5.92 15.83
CA ASN A 99 -7.97 -4.58 15.34
C ASN A 99 -6.98 -3.88 16.26
N VAL A 100 -5.86 -4.56 16.55
CA VAL A 100 -4.83 -4.00 17.42
C VAL A 100 -4.50 -2.57 17.03
N GLU A 101 -4.83 -2.21 15.79
CA GLU A 101 -4.56 -0.87 15.29
C GLU A 101 -5.50 -0.52 14.14
N LYS A 102 -5.77 0.78 13.98
CA LYS A 102 -6.65 1.24 12.92
C LYS A 102 -5.92 1.29 11.58
N PRO A 103 -6.61 0.87 10.51
CA PRO A 103 -6.05 0.86 9.16
C PRO A 103 -5.83 2.27 8.60
N LEU A 104 -4.98 2.39 7.59
CA LEU A 104 -4.69 3.67 6.97
C LEU A 104 -5.20 3.71 5.54
N GLU A 105 -5.05 4.86 4.89
CA GLU A 105 -5.49 5.03 3.51
C GLU A 105 -4.31 5.00 2.55
N LEU A 106 -4.21 3.92 1.79
CA LEU A 106 -3.12 3.76 0.83
C LEU A 106 -3.57 4.19 -0.57
N ARG A 107 -3.68 5.49 -0.77
CA ARG A 107 -4.09 6.04 -2.06
C ARG A 107 -2.97 5.91 -3.09
N ILE A 108 -3.19 5.08 -4.09
CA ILE A 108 -2.20 4.86 -5.14
C ILE A 108 -2.50 5.73 -6.36
N LYS A 109 -2.14 7.01 -6.27
CA LYS A 109 -2.37 7.94 -7.37
C LYS A 109 -1.75 7.42 -8.66
N VAL A 110 -2.61 7.04 -9.60
CA VAL A 110 -2.14 6.52 -10.89
C VAL A 110 -1.62 7.65 -11.77
N LEU A 111 -0.30 7.87 -11.72
CA LEU A 111 0.32 8.92 -12.51
C LEU A 111 -0.04 8.77 -13.98
N ASP A 112 0.10 9.87 -14.73
CA ASP A 112 -0.21 9.86 -16.16
C ASP A 112 0.89 9.17 -16.95
N ILE A 113 0.70 9.07 -18.26
CA ILE A 113 1.68 8.43 -19.13
C ILE A 113 2.74 9.42 -19.59
N ASN A 114 2.37 10.70 -19.64
CA ASN A 114 3.29 11.75 -20.06
C ASN A 114 3.65 12.66 -18.88
N ASP A 115 3.89 12.05 -17.73
CA ASP A 115 4.25 12.81 -16.54
C ASP A 115 5.76 12.78 -16.30
N ASN A 116 6.41 13.90 -16.58
CA ASN A 116 7.85 14.01 -16.41
C ASN A 116 8.22 14.22 -14.94
N GLU A 117 9.05 13.34 -14.40
CA GLU A 117 9.47 13.42 -13.01
C GLU A 117 9.79 14.87 -12.64
N PRO A 118 9.02 15.41 -11.69
CA PRO A 118 9.20 16.79 -11.21
C PRO A 118 10.48 16.96 -10.41
N VAL A 119 11.11 18.12 -10.54
CA VAL A 119 12.34 18.41 -9.82
C VAL A 119 12.16 18.20 -8.32
N PHE A 120 13.05 17.41 -7.72
CA PHE A 120 12.99 17.13 -6.30
C PHE A 120 14.02 17.95 -5.53
N THR A 121 13.57 18.66 -4.51
CA THR A 121 14.47 19.48 -3.70
C THR A 121 14.84 18.78 -2.39
N GLN A 122 16.11 18.83 -2.05
CA GLN A 122 16.60 18.20 -0.82
C GLN A 122 16.59 19.19 0.34
N ASP A 123 16.24 18.69 1.52
CA ASP A 123 16.18 19.53 2.72
C ASP A 123 17.56 20.08 3.06
N GLY A 1 17.46 5.85 2.37
CA GLY A 1 18.51 6.70 2.89
C GLY A 1 17.98 7.77 3.84
N SER A 2 17.35 8.79 3.26
CA SER A 2 16.80 9.88 4.06
C SER A 2 15.28 9.94 3.93
N SER A 3 14.60 9.78 5.06
CA SER A 3 13.14 9.80 5.08
C SER A 3 12.63 10.80 6.11
N GLY A 4 13.26 11.96 6.18
CA GLY A 4 12.86 12.99 7.13
C GLY A 4 14.04 13.67 7.79
N SER A 5 14.27 14.93 7.45
CA SER A 5 15.37 15.69 8.01
C SER A 5 15.42 15.54 9.53
N SER A 6 14.28 15.76 10.18
CA SER A 6 14.19 15.66 11.63
C SER A 6 12.75 15.77 12.10
N GLY A 7 12.26 14.70 12.74
CA GLY A 7 10.90 14.71 13.23
C GLY A 7 10.67 13.66 14.31
N GLN A 8 9.40 13.38 14.61
CA GLN A 8 9.06 12.41 15.63
C GLN A 8 8.81 11.04 15.02
N LYS A 9 8.24 11.02 13.82
CA LYS A 9 7.94 9.78 13.12
C LYS A 9 7.32 8.76 14.07
N ARG A 10 6.44 9.23 14.95
CA ARG A 10 5.77 8.35 15.91
C ARG A 10 4.79 7.42 15.21
N ALA A 11 3.88 8.00 14.44
CA ALA A 11 2.89 7.22 13.71
C ALA A 11 3.55 6.37 12.63
N TRP A 12 2.99 5.18 12.40
CA TRP A 12 3.52 4.26 11.39
C TRP A 12 2.98 4.60 10.01
N ILE A 13 2.71 5.88 9.77
CA ILE A 13 2.19 6.33 8.49
C ILE A 13 3.07 5.85 7.34
N THR A 14 2.52 5.87 6.14
CA THR A 14 3.25 5.44 4.95
C THR A 14 3.24 6.53 3.87
N ALA A 15 4.12 6.39 2.89
CA ALA A 15 4.21 7.36 1.80
C ALA A 15 3.21 7.03 0.71
N PRO A 16 2.76 8.08 -0.02
CA PRO A 16 1.79 7.93 -1.12
C PRO A 16 2.38 7.20 -2.32
N VAL A 17 1.97 5.96 -2.52
CA VAL A 17 2.45 5.16 -3.64
C VAL A 17 1.90 5.67 -4.96
N ALA A 18 2.72 6.41 -5.69
CA ALA A 18 2.31 6.96 -6.97
C ALA A 18 2.85 6.11 -8.13
N LEU A 19 2.05 5.16 -8.59
CA LEU A 19 2.45 4.29 -9.69
C LEU A 19 1.98 4.86 -11.03
N ARG A 20 2.53 4.32 -12.11
CA ARG A 20 2.16 4.76 -13.45
C ARG A 20 1.35 3.70 -14.18
N GLU A 21 0.48 4.14 -15.08
CA GLU A 21 -0.36 3.22 -15.85
C GLU A 21 0.16 3.06 -17.27
N GLY A 22 0.36 1.81 -17.69
CA GLY A 22 0.86 1.55 -19.02
C GLY A 22 1.58 0.21 -19.11
N GLU A 23 2.76 0.12 -18.51
CA GLU A 23 3.54 -1.10 -18.54
C GLU A 23 3.39 -1.87 -17.23
N ASP A 24 3.94 -3.07 -17.18
CA ASP A 24 3.87 -3.91 -16.00
C ASP A 24 4.88 -3.47 -14.95
N LEU A 25 4.38 -3.04 -13.79
CA LEU A 25 5.24 -2.59 -12.71
C LEU A 25 5.64 -3.75 -11.80
N SER A 26 6.01 -4.87 -12.41
CA SER A 26 6.42 -6.05 -11.65
C SER A 26 7.75 -5.82 -10.95
N LYS A 27 8.72 -5.29 -11.69
CA LYS A 27 10.04 -5.01 -11.13
C LYS A 27 9.96 -3.96 -10.02
N LYS A 28 9.25 -2.87 -10.30
CA LYS A 28 9.09 -1.80 -9.33
C LYS A 28 8.89 -2.37 -7.92
N ASN A 29 8.04 -3.37 -7.81
CA ASN A 29 7.77 -4.00 -6.52
C ASN A 29 9.06 -4.22 -5.73
N PRO A 30 8.95 -4.26 -4.40
CA PRO A 30 7.67 -4.09 -3.71
C PRO A 30 7.12 -2.67 -3.82
N ILE A 31 5.81 -2.54 -3.92
CA ILE A 31 5.16 -1.24 -4.03
C ILE A 31 4.72 -0.73 -2.65
N ALA A 32 4.53 -1.66 -1.72
CA ALA A 32 4.11 -1.31 -0.37
C ALA A 32 4.57 -2.35 0.64
N LYS A 33 4.78 -1.92 1.88
CA LYS A 33 5.22 -2.81 2.94
C LYS A 33 4.86 -2.25 4.31
N ILE A 34 4.25 -3.07 5.15
CA ILE A 34 3.86 -2.65 6.49
C ILE A 34 4.30 -3.67 7.53
N HIS A 35 4.82 -3.17 8.65
CA HIS A 35 5.29 -4.04 9.73
C HIS A 35 5.26 -3.31 11.06
N SER A 36 4.50 -3.85 12.02
CA SER A 36 4.39 -3.24 13.34
C SER A 36 5.72 -3.33 14.09
N ASP A 37 6.06 -2.25 14.78
CA ASP A 37 7.30 -2.20 15.55
C ASP A 37 7.33 -3.30 16.60
N LEU A 38 6.27 -3.37 17.40
CA LEU A 38 6.17 -4.38 18.46
C LEU A 38 6.65 -5.73 17.96
N ALA A 39 6.08 -6.20 16.85
CA ALA A 39 6.46 -7.49 16.27
C ALA A 39 7.94 -7.76 16.47
N GLU A 40 8.78 -6.96 15.82
CA GLU A 40 10.23 -7.12 15.93
C GLU A 40 10.72 -6.73 17.31
N GLU A 41 10.34 -5.53 17.75
CA GLU A 41 10.75 -5.03 19.06
C GLU A 41 10.71 -6.15 20.10
N ARG A 42 9.50 -6.62 20.40
CA ARG A 42 9.32 -7.69 21.39
C ARG A 42 9.58 -9.05 20.76
N GLY A 43 8.84 -9.36 19.70
CA GLY A 43 9.00 -10.64 19.03
C GLY A 43 7.69 -11.38 18.88
N LEU A 44 6.61 -10.63 18.66
CA LEU A 44 5.29 -11.23 18.50
C LEU A 44 4.90 -11.30 17.03
N LYS A 45 3.96 -12.18 16.70
CA LYS A 45 3.49 -12.34 15.33
C LYS A 45 2.16 -11.62 15.12
N ILE A 46 2.09 -10.81 14.07
CA ILE A 46 0.87 -10.07 13.75
C ILE A 46 0.42 -10.35 12.33
N THR A 47 -0.88 -10.61 12.17
CA THR A 47 -1.44 -10.88 10.85
C THR A 47 -1.85 -9.60 10.15
N TYR A 48 -1.48 -9.47 8.87
CA TYR A 48 -1.80 -8.29 8.10
C TYR A 48 -2.90 -8.60 7.08
N LYS A 49 -3.95 -7.79 7.08
CA LYS A 49 -5.06 -7.97 6.15
C LYS A 49 -5.32 -6.70 5.35
N TYR A 50 -5.74 -6.88 4.10
CA TYR A 50 -6.01 -5.75 3.22
C TYR A 50 -7.43 -5.83 2.64
N THR A 51 -8.18 -4.75 2.78
CA THR A 51 -9.55 -4.70 2.27
C THR A 51 -9.80 -3.39 1.52
N GLY A 52 -10.12 -3.50 0.23
CA GLY A 52 -10.38 -2.33 -0.57
C GLY A 52 -10.63 -2.67 -2.03
N LYS A 53 -10.44 -1.69 -2.90
CA LYS A 53 -10.65 -1.89 -4.34
C LYS A 53 -9.44 -2.59 -4.97
N GLY A 54 -9.70 -3.68 -5.68
CA GLY A 54 -8.63 -4.41 -6.32
C GLY A 54 -8.41 -5.78 -5.71
N ILE A 55 -8.52 -5.85 -4.38
CA ILE A 55 -8.33 -7.11 -3.67
C ILE A 55 -9.67 -7.81 -3.42
N THR A 56 -10.65 -7.05 -2.94
CA THR A 56 -11.97 -7.60 -2.67
C THR A 56 -12.98 -7.17 -3.72
N GLU A 57 -13.04 -5.87 -3.98
CA GLU A 57 -13.96 -5.33 -4.97
C GLU A 57 -13.35 -5.39 -6.37
N PRO A 58 -14.22 -5.38 -7.40
CA PRO A 58 -13.78 -5.44 -8.80
C PRO A 58 -13.09 -4.15 -9.24
N PRO A 59 -12.16 -4.29 -10.20
CA PRO A 59 -11.81 -5.59 -10.79
C PRO A 59 -11.08 -6.49 -9.80
N PHE A 60 -11.31 -7.80 -9.90
CA PHE A 60 -10.67 -8.76 -9.02
C PHE A 60 -9.32 -9.20 -9.59
N GLY A 61 -8.42 -9.62 -8.70
CA GLY A 61 -7.11 -10.06 -9.13
C GLY A 61 -6.22 -8.91 -9.54
N ILE A 62 -6.07 -7.93 -8.66
CA ILE A 62 -5.24 -6.77 -8.94
C ILE A 62 -4.00 -6.74 -8.05
N PHE A 63 -4.21 -6.84 -6.74
CA PHE A 63 -3.12 -6.84 -5.79
C PHE A 63 -3.09 -8.14 -4.99
N VAL A 64 -1.88 -8.66 -4.77
CA VAL A 64 -1.71 -9.90 -4.03
C VAL A 64 -0.94 -9.67 -2.74
N PHE A 65 -1.23 -10.47 -1.72
CA PHE A 65 -0.55 -10.35 -0.43
C PHE A 65 -0.73 -11.62 0.40
N ASN A 66 -0.08 -11.65 1.55
CA ASN A 66 -0.16 -12.81 2.44
C ASN A 66 0.05 -12.40 3.89
N LYS A 67 0.09 -13.39 4.78
CA LYS A 67 0.28 -13.13 6.20
C LYS A 67 1.65 -13.64 6.66
N ASP A 68 2.13 -14.69 6.01
CA ASP A 68 3.43 -15.26 6.35
C ASP A 68 4.56 -14.39 5.85
N THR A 69 4.47 -13.96 4.59
CA THR A 69 5.49 -13.13 3.99
C THR A 69 5.32 -11.66 4.40
N GLY A 70 4.06 -11.23 4.51
CA GLY A 70 3.77 -9.86 4.89
C GLY A 70 4.31 -8.86 3.88
N GLU A 71 3.69 -8.82 2.71
CA GLU A 71 4.12 -7.90 1.65
C GLU A 71 3.00 -7.70 0.63
N LEU A 72 3.12 -6.65 -0.17
CA LEU A 72 2.13 -6.35 -1.20
C LEU A 72 2.80 -6.02 -2.52
N ASN A 73 2.38 -6.69 -3.59
CA ASN A 73 2.94 -6.47 -4.91
C ASN A 73 1.84 -6.46 -5.97
N VAL A 74 1.87 -5.45 -6.83
CA VAL A 74 0.88 -5.33 -7.89
C VAL A 74 1.07 -6.39 -8.96
N THR A 75 -0.03 -7.01 -9.37
CA THR A 75 0.02 -8.06 -10.38
C THR A 75 -0.87 -7.71 -11.58
N SER A 76 -0.91 -6.42 -11.91
CA SER A 76 -1.71 -5.96 -13.04
C SER A 76 -1.37 -4.52 -13.40
N ILE A 77 -1.62 -4.14 -14.65
CA ILE A 77 -1.34 -2.79 -15.11
C ILE A 77 -2.49 -1.86 -14.81
N LEU A 78 -2.24 -0.86 -13.98
CA LEU A 78 -3.26 0.12 -13.60
C LEU A 78 -3.85 0.78 -14.85
N ASP A 79 -5.11 1.19 -14.74
CA ASP A 79 -5.79 1.85 -15.86
C ASP A 79 -6.50 3.12 -15.39
N ARG A 80 -5.84 4.26 -15.56
CA ARG A 80 -6.42 5.54 -15.15
C ARG A 80 -7.85 5.67 -15.64
N GLU A 81 -8.06 5.41 -16.93
CA GLU A 81 -9.38 5.51 -17.52
C GLU A 81 -10.42 4.78 -16.67
N GLU A 82 -10.24 3.46 -16.54
CA GLU A 82 -11.16 2.64 -15.76
C GLU A 82 -11.16 3.08 -14.29
N THR A 83 -10.00 2.95 -13.64
CA THR A 83 -9.88 3.33 -12.24
C THR A 83 -8.89 4.48 -12.08
N PRO A 84 -9.38 5.59 -11.50
CA PRO A 84 -8.56 6.78 -11.27
C PRO A 84 -7.50 6.57 -10.19
N PHE A 85 -7.88 5.84 -9.14
CA PHE A 85 -6.96 5.56 -8.04
C PHE A 85 -7.38 4.30 -7.29
N PHE A 86 -6.56 3.89 -6.33
CA PHE A 86 -6.84 2.69 -5.54
C PHE A 86 -6.65 2.97 -4.05
N LEU A 87 -7.69 3.50 -3.41
CA LEU A 87 -7.64 3.81 -1.99
C LEU A 87 -7.81 2.55 -1.15
N LEU A 88 -6.69 2.06 -0.60
CA LEU A 88 -6.71 0.86 0.23
C LEU A 88 -6.47 1.21 1.69
N THR A 89 -6.53 0.20 2.55
CA THR A 89 -6.31 0.39 3.98
C THR A 89 -5.70 -0.85 4.62
N GLY A 90 -4.68 -0.65 5.45
CA GLY A 90 -4.02 -1.75 6.11
C GLY A 90 -4.25 -1.74 7.61
N TYR A 91 -4.69 -2.87 8.15
CA TYR A 91 -4.95 -2.99 9.59
C TYR A 91 -4.01 -4.01 10.22
N ALA A 92 -4.00 -4.05 11.55
CA ALA A 92 -3.16 -4.98 12.28
C ALA A 92 -3.99 -5.90 13.17
N LEU A 93 -4.02 -7.18 12.82
CA LEU A 93 -4.78 -8.17 13.58
C LEU A 93 -3.89 -8.83 14.63
N ASP A 94 -4.45 -9.01 15.83
CA ASP A 94 -3.72 -9.64 16.93
C ASP A 94 -4.11 -11.11 17.07
N ALA A 95 -5.32 -11.34 17.56
CA ALA A 95 -5.82 -12.70 17.74
C ALA A 95 -7.21 -12.85 17.14
N ARG A 96 -8.20 -12.21 17.75
CA ARG A 96 -9.57 -12.29 17.29
C ARG A 96 -9.69 -11.70 15.87
N GLY A 97 -8.96 -10.62 15.63
CA GLY A 97 -9.01 -9.98 14.33
C GLY A 97 -9.51 -8.55 14.39
N ASN A 98 -9.26 -7.89 15.52
CA ASN A 98 -9.70 -6.51 15.71
C ASN A 98 -8.52 -5.55 15.56
N ASN A 99 -8.68 -4.56 14.67
CA ASN A 99 -7.64 -3.58 14.43
C ASN A 99 -7.20 -2.92 15.74
N VAL A 100 -6.09 -3.41 16.29
CA VAL A 100 -5.55 -2.88 17.54
C VAL A 100 -4.79 -1.57 17.29
N GLU A 101 -4.42 -1.35 16.04
CA GLU A 101 -3.68 -0.14 15.68
C GLU A 101 -4.36 0.59 14.52
N LYS A 102 -4.50 1.91 14.68
CA LYS A 102 -5.15 2.73 13.65
C LYS A 102 -4.72 2.28 12.26
N PRO A 103 -5.64 2.42 11.28
CA PRO A 103 -5.39 2.03 9.90
C PRO A 103 -4.39 2.97 9.21
N LEU A 104 -4.02 2.64 7.98
CA LEU A 104 -3.08 3.45 7.22
C LEU A 104 -3.72 4.00 5.96
N GLU A 105 -3.76 5.33 5.85
CA GLU A 105 -4.36 5.99 4.69
C GLU A 105 -3.49 5.80 3.45
N LEU A 106 -3.60 4.63 2.84
CA LEU A 106 -2.83 4.31 1.64
C LEU A 106 -3.61 4.68 0.38
N ARG A 107 -3.11 5.67 -0.35
CA ARG A 107 -3.76 6.12 -1.59
C ARG A 107 -2.83 5.92 -2.79
N ILE A 108 -3.11 4.89 -3.58
CA ILE A 108 -2.31 4.61 -4.76
C ILE A 108 -2.80 5.38 -5.97
N LYS A 109 -2.35 6.63 -6.10
CA LYS A 109 -2.75 7.48 -7.21
C LYS A 109 -2.21 6.94 -8.53
N VAL A 110 -3.10 6.76 -9.50
CA VAL A 110 -2.71 6.25 -10.81
C VAL A 110 -2.27 7.38 -11.73
N LEU A 111 -0.96 7.50 -11.95
CA LEU A 111 -0.41 8.53 -12.80
C LEU A 111 -0.78 8.28 -14.26
N ASP A 112 -0.75 9.34 -15.07
CA ASP A 112 -1.07 9.23 -16.48
C ASP A 112 -0.10 8.29 -17.19
N ILE A 113 -0.43 7.95 -18.44
CA ILE A 113 0.42 7.06 -19.23
C ILE A 113 1.73 7.73 -19.61
N ASN A 114 1.63 8.98 -20.07
CA ASN A 114 2.82 9.74 -20.47
C ASN A 114 3.31 10.61 -19.32
N ASP A 115 3.23 10.08 -18.10
CA ASP A 115 3.67 10.82 -16.92
C ASP A 115 5.02 10.30 -16.44
N ASN A 116 6.08 11.04 -16.74
CA ASN A 116 7.43 10.67 -16.34
C ASN A 116 7.60 10.79 -14.82
N GLU A 117 8.48 9.97 -14.26
CA GLU A 117 8.74 9.99 -12.83
C GLU A 117 10.14 10.50 -12.54
N PRO A 118 10.24 11.80 -12.19
CA PRO A 118 11.54 12.43 -11.89
C PRO A 118 12.13 11.93 -10.57
N VAL A 119 13.45 11.77 -10.55
CA VAL A 119 14.14 11.30 -9.36
C VAL A 119 14.62 12.47 -8.51
N PHE A 120 14.34 12.39 -7.21
CA PHE A 120 14.74 13.45 -6.28
C PHE A 120 14.47 13.03 -4.84
N THR A 121 15.51 13.02 -4.01
CA THR A 121 15.38 12.64 -2.62
C THR A 121 14.55 13.66 -1.85
N GLN A 122 13.46 13.20 -1.24
CA GLN A 122 12.58 14.07 -0.48
C GLN A 122 13.22 14.48 0.83
N ASP A 123 12.91 15.69 1.30
CA ASP A 123 13.46 16.20 2.55
C ASP A 123 12.63 15.75 3.74
N GLY A 1 -8.05 16.08 -12.51
CA GLY A 1 -8.67 16.85 -11.45
C GLY A 1 -8.73 16.09 -10.14
N SER A 2 -8.70 16.82 -9.03
CA SER A 2 -8.74 16.20 -7.71
C SER A 2 -9.33 17.17 -6.69
N SER A 3 -9.97 16.62 -5.66
CA SER A 3 -10.58 17.42 -4.61
C SER A 3 -10.06 17.01 -3.23
N GLY A 4 -10.22 17.89 -2.26
CA GLY A 4 -9.77 17.61 -0.91
C GLY A 4 -10.91 17.53 0.09
N SER A 5 -11.14 16.33 0.62
CA SER A 5 -12.22 16.12 1.59
C SER A 5 -11.66 15.70 2.93
N SER A 6 -10.77 14.70 2.90
CA SER A 6 -10.16 14.19 4.13
C SER A 6 -9.03 15.10 4.59
N GLY A 7 -8.66 14.99 5.86
CA GLY A 7 -7.58 15.79 6.40
C GLY A 7 -6.43 14.96 6.91
N GLN A 8 -5.90 15.32 8.08
CA GLN A 8 -4.80 14.60 8.68
C GLN A 8 -5.22 13.90 9.97
N LYS A 9 -4.39 12.98 10.44
CA LYS A 9 -4.67 12.23 11.65
C LYS A 9 -3.39 11.96 12.44
N ARG A 10 -3.51 11.92 13.76
CA ARG A 10 -2.36 11.66 14.62
C ARG A 10 -2.10 10.16 14.74
N ALA A 11 -2.04 9.48 13.59
CA ALA A 11 -1.79 8.05 13.57
C ALA A 11 -0.69 7.70 12.58
N TRP A 12 0.08 6.66 12.90
CA TRP A 12 1.17 6.23 12.04
C TRP A 12 0.81 6.44 10.56
N ILE A 13 1.58 7.30 9.89
CA ILE A 13 1.35 7.58 8.49
C ILE A 13 2.34 6.84 7.60
N THR A 14 1.88 6.39 6.44
CA THR A 14 2.74 5.68 5.50
C THR A 14 2.91 6.45 4.21
N ALA A 15 4.06 6.27 3.56
CA ALA A 15 4.35 6.95 2.31
C ALA A 15 3.40 6.51 1.20
N PRO A 16 2.99 7.47 0.35
CA PRO A 16 2.08 7.19 -0.77
C PRO A 16 2.72 6.34 -1.85
N VAL A 17 1.93 5.43 -2.43
CA VAL A 17 2.43 4.56 -3.48
C VAL A 17 2.09 5.12 -4.86
N ALA A 18 3.11 5.27 -5.70
CA ALA A 18 2.92 5.79 -7.04
C ALA A 18 3.43 4.80 -8.10
N LEU A 19 2.68 4.66 -9.19
CA LEU A 19 3.06 3.74 -10.25
C LEU A 19 2.67 4.31 -11.62
N ARG A 20 3.43 3.94 -12.64
CA ARG A 20 3.16 4.41 -14.00
C ARG A 20 2.23 3.45 -14.74
N GLU A 21 0.94 3.72 -14.69
CA GLU A 21 -0.04 2.88 -15.36
C GLU A 21 0.32 2.66 -16.83
N GLY A 22 0.27 1.41 -17.26
CA GLY A 22 0.60 1.09 -18.65
C GLY A 22 1.23 -0.28 -18.78
N GLU A 23 2.12 -0.62 -17.86
CA GLU A 23 2.80 -1.91 -17.88
C GLU A 23 2.49 -2.71 -16.62
N ASP A 24 2.89 -3.98 -16.63
CA ASP A 24 2.67 -4.86 -15.48
C ASP A 24 3.30 -4.28 -14.21
N LEU A 25 4.45 -3.64 -14.38
CA LEU A 25 5.16 -3.05 -13.25
C LEU A 25 5.24 -4.02 -12.08
N SER A 26 5.48 -5.29 -12.39
CA SER A 26 5.57 -6.32 -11.36
C SER A 26 6.95 -6.31 -10.71
N LYS A 27 7.99 -6.06 -11.51
CA LYS A 27 9.35 -6.02 -11.01
C LYS A 27 9.48 -5.05 -9.83
N LYS A 28 9.12 -3.79 -10.07
CA LYS A 28 9.20 -2.77 -9.03
C LYS A 28 8.83 -3.36 -7.67
N ASN A 29 7.79 -4.19 -7.64
CA ASN A 29 7.35 -4.83 -6.41
C ASN A 29 8.53 -5.25 -5.56
N PRO A 30 8.34 -5.25 -4.23
CA PRO A 30 7.06 -4.87 -3.62
C PRO A 30 6.78 -3.37 -3.76
N ILE A 31 5.53 -3.03 -4.05
CA ILE A 31 5.15 -1.63 -4.21
C ILE A 31 4.72 -1.02 -2.87
N ALA A 32 4.10 -1.84 -2.03
CA ALA A 32 3.65 -1.39 -0.73
C ALA A 32 4.04 -2.37 0.36
N LYS A 33 4.35 -1.85 1.55
CA LYS A 33 4.74 -2.69 2.68
C LYS A 33 4.57 -1.95 3.99
N ILE A 34 3.75 -2.50 4.88
CA ILE A 34 3.50 -1.89 6.18
C ILE A 34 4.46 -2.42 7.23
N HIS A 35 4.99 -1.52 8.06
CA HIS A 35 5.92 -1.91 9.12
C HIS A 35 5.48 -1.33 10.46
N SER A 36 4.67 -2.10 11.18
CA SER A 36 4.18 -1.66 12.48
C SER A 36 5.33 -1.51 13.48
N ASP A 37 5.12 -0.68 14.49
CA ASP A 37 6.14 -0.45 15.51
C ASP A 37 6.21 -1.63 16.48
N LEU A 38 5.12 -1.86 17.19
CA LEU A 38 5.06 -2.96 18.15
C LEU A 38 5.51 -4.27 17.52
N ALA A 39 4.93 -4.59 16.37
CA ALA A 39 5.29 -5.82 15.65
C ALA A 39 6.78 -6.13 15.80
N GLU A 40 7.61 -5.10 15.62
CA GLU A 40 9.05 -5.26 15.73
C GLU A 40 9.54 -4.88 17.12
N GLU A 41 9.31 -3.63 17.50
CA GLU A 41 9.73 -3.14 18.82
C GLU A 41 9.62 -4.24 19.87
N ARG A 42 8.51 -4.97 19.84
CA ARG A 42 8.27 -6.05 20.80
C ARG A 42 8.52 -7.41 20.14
N GLY A 43 7.72 -7.71 19.12
CA GLY A 43 7.86 -8.98 18.42
C GLY A 43 6.60 -9.81 18.49
N LEU A 44 5.46 -9.19 18.24
CA LEU A 44 4.18 -9.88 18.27
C LEU A 44 3.82 -10.43 16.89
N LYS A 45 4.67 -10.13 15.90
CA LYS A 45 4.44 -10.60 14.54
C LYS A 45 3.04 -10.23 14.06
N ILE A 46 2.71 -8.95 14.16
CA ILE A 46 1.39 -8.46 13.74
C ILE A 46 1.17 -8.72 12.24
N THR A 47 -0.02 -9.20 11.91
CA THR A 47 -0.36 -9.49 10.52
C THR A 47 -0.97 -8.26 9.84
N TYR A 48 -0.55 -8.00 8.61
CA TYR A 48 -1.07 -6.86 7.85
C TYR A 48 -2.13 -7.31 6.86
N LYS A 49 -3.30 -6.69 6.94
CA LYS A 49 -4.40 -7.02 6.04
C LYS A 49 -4.86 -5.78 5.27
N TYR A 50 -5.04 -5.94 3.96
CA TYR A 50 -5.48 -4.83 3.11
C TYR A 50 -6.81 -5.15 2.46
N THR A 51 -7.74 -4.20 2.54
CA THR A 51 -9.07 -4.36 1.96
C THR A 51 -9.47 -3.13 1.15
N GLY A 52 -10.14 -3.37 0.02
CA GLY A 52 -10.57 -2.28 -0.82
C GLY A 52 -10.55 -2.64 -2.29
N LYS A 53 -10.79 -1.66 -3.16
CA LYS A 53 -10.80 -1.88 -4.59
C LYS A 53 -9.61 -2.73 -5.03
N GLY A 54 -9.88 -3.89 -5.62
CA GLY A 54 -8.82 -4.77 -6.06
C GLY A 54 -8.72 -6.02 -5.22
N ILE A 55 -9.19 -5.95 -3.99
CA ILE A 55 -9.14 -7.09 -3.08
C ILE A 55 -10.55 -7.54 -2.69
N THR A 56 -11.39 -6.57 -2.32
CA THR A 56 -12.76 -6.87 -1.93
C THR A 56 -13.73 -6.62 -3.09
N GLU A 57 -13.56 -5.49 -3.76
CA GLU A 57 -14.43 -5.15 -4.88
C GLU A 57 -13.67 -5.26 -6.21
N PRO A 58 -14.39 -5.66 -7.27
CA PRO A 58 -13.80 -5.81 -8.60
C PRO A 58 -13.43 -4.47 -9.23
N PRO A 59 -12.59 -4.51 -10.26
CA PRO A 59 -12.02 -5.77 -10.78
C PRO A 59 -11.03 -6.40 -9.82
N PHE A 60 -10.83 -7.70 -9.94
CA PHE A 60 -9.91 -8.43 -9.08
C PHE A 60 -8.65 -8.82 -9.84
N GLY A 61 -7.74 -9.51 -9.16
CA GLY A 61 -6.51 -9.94 -9.79
C GLY A 61 -5.56 -8.78 -10.07
N ILE A 62 -5.53 -7.82 -9.16
CA ILE A 62 -4.66 -6.66 -9.32
C ILE A 62 -3.63 -6.58 -8.20
N PHE A 63 -4.11 -6.69 -6.96
CA PHE A 63 -3.23 -6.63 -5.80
C PHE A 63 -3.32 -7.92 -4.98
N VAL A 64 -2.16 -8.49 -4.67
CA VAL A 64 -2.11 -9.73 -3.89
C VAL A 64 -1.22 -9.57 -2.66
N PHE A 65 -1.73 -10.01 -1.51
CA PHE A 65 -0.98 -9.91 -0.27
C PHE A 65 -1.03 -11.23 0.50
N ASN A 66 -0.12 -11.39 1.45
CA ASN A 66 -0.05 -12.60 2.25
C ASN A 66 -0.17 -12.28 3.73
N LYS A 67 -0.12 -13.32 4.57
CA LYS A 67 -0.23 -13.15 6.01
C LYS A 67 1.14 -13.28 6.68
N ASP A 68 1.93 -14.25 6.21
CA ASP A 68 3.26 -14.48 6.76
C ASP A 68 4.17 -13.28 6.51
N THR A 69 4.51 -13.07 5.24
CA THR A 69 5.37 -11.96 4.86
C THR A 69 4.63 -10.63 4.91
N GLY A 70 3.41 -10.62 4.38
CA GLY A 70 2.61 -9.41 4.38
C GLY A 70 2.91 -8.51 3.19
N GLU A 71 4.10 -8.65 2.64
CA GLU A 71 4.51 -7.85 1.49
C GLU A 71 3.40 -7.78 0.45
N LEU A 72 3.37 -6.70 -0.30
CA LEU A 72 2.35 -6.50 -1.34
C LEU A 72 2.99 -6.36 -2.71
N ASN A 73 2.21 -6.65 -3.75
CA ASN A 73 2.69 -6.55 -5.12
C ASN A 73 1.54 -6.32 -6.09
N VAL A 74 1.87 -5.95 -7.32
CA VAL A 74 0.87 -5.71 -8.35
C VAL A 74 0.98 -6.73 -9.49
N THR A 75 -0.14 -7.36 -9.83
CA THR A 75 -0.16 -8.35 -10.89
C THR A 75 -1.15 -7.96 -11.99
N SER A 76 -1.17 -6.67 -12.32
CA SER A 76 -2.07 -6.16 -13.35
C SER A 76 -1.54 -4.85 -13.93
N ILE A 77 -2.19 -4.36 -14.98
CA ILE A 77 -1.78 -3.13 -15.63
C ILE A 77 -2.75 -1.99 -15.28
N LEU A 78 -2.36 -1.18 -14.31
CA LEU A 78 -3.18 -0.05 -13.87
C LEU A 78 -3.83 0.64 -15.08
N ASP A 79 -5.11 0.97 -14.95
CA ASP A 79 -5.84 1.63 -16.02
C ASP A 79 -6.50 2.92 -15.51
N ARG A 80 -5.75 4.01 -15.54
CA ARG A 80 -6.26 5.30 -15.08
C ARG A 80 -7.64 5.58 -15.67
N GLU A 81 -7.78 5.35 -16.97
CA GLU A 81 -9.06 5.57 -17.65
C GLU A 81 -10.21 5.03 -16.83
N GLU A 82 -9.99 3.90 -16.17
CA GLU A 82 -11.01 3.27 -15.34
C GLU A 82 -10.77 3.52 -13.87
N THR A 83 -9.64 3.03 -13.37
CA THR A 83 -9.27 3.20 -11.97
C THR A 83 -8.16 4.21 -11.81
N PRO A 84 -8.52 5.50 -11.70
CA PRO A 84 -7.56 6.59 -11.54
C PRO A 84 -6.88 6.57 -10.17
N PHE A 85 -7.48 5.86 -9.23
CA PHE A 85 -6.94 5.76 -7.88
C PHE A 85 -7.45 4.50 -7.18
N PHE A 86 -6.64 3.97 -6.28
CA PHE A 86 -7.02 2.77 -5.53
C PHE A 86 -7.00 3.03 -4.02
N LEU A 87 -8.15 3.41 -3.49
CA LEU A 87 -8.28 3.70 -2.06
C LEU A 87 -8.36 2.41 -1.26
N LEU A 88 -7.27 2.05 -0.59
CA LEU A 88 -7.22 0.84 0.22
C LEU A 88 -7.05 1.18 1.70
N THR A 89 -7.15 0.16 2.55
CA THR A 89 -6.99 0.36 3.99
C THR A 89 -6.17 -0.77 4.60
N GLY A 90 -5.08 -0.40 5.28
CA GLY A 90 -4.23 -1.39 5.91
C GLY A 90 -4.55 -1.58 7.38
N TYR A 91 -4.58 -2.84 7.81
CA TYR A 91 -4.88 -3.15 9.20
C TYR A 91 -3.73 -3.92 9.84
N ALA A 92 -3.57 -3.75 11.16
CA ALA A 92 -2.51 -4.43 11.89
C ALA A 92 -3.07 -5.29 13.01
N LEU A 93 -3.43 -6.53 12.69
CA LEU A 93 -3.99 -7.45 13.66
C LEU A 93 -2.88 -8.16 14.43
N ASP A 94 -3.09 -8.33 15.74
CA ASP A 94 -2.11 -9.00 16.59
C ASP A 94 -2.33 -10.51 16.59
N ALA A 95 -1.45 -11.24 17.27
CA ALA A 95 -1.54 -12.68 17.34
C ALA A 95 -2.96 -13.13 17.72
N ARG A 96 -3.65 -12.28 18.48
CA ARG A 96 -5.00 -12.58 18.92
C ARG A 96 -6.03 -12.05 17.92
N GLY A 97 -5.66 -10.97 17.23
CA GLY A 97 -6.56 -10.38 16.24
C GLY A 97 -7.46 -9.32 16.86
N ASN A 98 -6.86 -8.39 17.58
CA ASN A 98 -7.62 -7.32 18.22
C ASN A 98 -7.26 -5.96 17.62
N ASN A 99 -6.57 -5.99 16.48
CA ASN A 99 -6.16 -4.76 15.81
C ASN A 99 -5.55 -3.77 16.79
N VAL A 100 -4.69 -4.27 17.67
CA VAL A 100 -4.04 -3.43 18.67
C VAL A 100 -3.65 -2.08 18.08
N GLU A 101 -3.13 -2.09 16.86
CA GLU A 101 -2.72 -0.87 16.18
C GLU A 101 -3.77 -0.43 15.17
N LYS A 102 -4.24 0.81 15.32
CA LYS A 102 -5.24 1.36 14.42
C LYS A 102 -4.81 1.21 12.96
N PRO A 103 -5.78 0.91 12.09
CA PRO A 103 -5.53 0.74 10.65
C PRO A 103 -5.18 2.06 9.97
N LEU A 104 -4.48 1.95 8.84
CA LEU A 104 -4.08 3.14 8.09
C LEU A 104 -4.81 3.21 6.75
N GLU A 105 -4.97 4.42 6.23
CA GLU A 105 -5.66 4.62 4.95
C GLU A 105 -4.66 4.66 3.80
N LEU A 106 -4.27 3.47 3.33
CA LEU A 106 -3.31 3.37 2.22
C LEU A 106 -3.92 3.90 0.93
N ARG A 107 -3.09 4.54 0.11
CA ARG A 107 -3.54 5.10 -1.16
C ARG A 107 -2.50 4.86 -2.25
N ILE A 108 -2.98 4.54 -3.45
CA ILE A 108 -2.10 4.28 -4.58
C ILE A 108 -2.46 5.18 -5.77
N LYS A 109 -1.77 6.31 -5.87
CA LYS A 109 -2.02 7.25 -6.95
C LYS A 109 -1.59 6.66 -8.29
N VAL A 110 -2.50 6.65 -9.25
CA VAL A 110 -2.23 6.12 -10.58
C VAL A 110 -1.64 7.19 -11.49
N LEU A 111 -0.32 7.15 -11.68
CA LEU A 111 0.36 8.12 -12.53
C LEU A 111 -0.08 7.97 -13.99
N ASP A 112 0.07 9.04 -14.76
CA ASP A 112 -0.31 9.03 -16.16
C ASP A 112 0.86 8.57 -17.03
N ILE A 113 0.55 7.86 -18.11
CA ILE A 113 1.57 7.37 -19.02
C ILE A 113 2.66 8.41 -19.23
N ASN A 114 2.27 9.67 -19.26
CA ASN A 114 3.22 10.76 -19.45
C ASN A 114 3.40 11.57 -18.16
N ASP A 115 3.57 10.87 -17.06
CA ASP A 115 3.75 11.51 -15.76
C ASP A 115 5.01 11.00 -15.06
N ASN A 116 5.80 11.92 -14.52
CA ASN A 116 7.03 11.56 -13.83
C ASN A 116 7.31 12.52 -12.68
N GLU A 117 7.26 12.01 -11.46
CA GLU A 117 7.51 12.82 -10.27
C GLU A 117 8.71 12.29 -9.50
N PRO A 118 9.42 13.20 -8.81
CA PRO A 118 10.59 12.85 -8.01
C PRO A 118 10.23 12.04 -6.76
N VAL A 119 11.02 11.02 -6.47
CA VAL A 119 10.78 10.18 -5.30
C VAL A 119 11.78 10.50 -4.18
N PHE A 120 11.24 10.82 -3.01
CA PHE A 120 12.07 11.15 -1.86
C PHE A 120 11.29 11.01 -0.56
N THR A 121 11.76 10.14 0.33
CA THR A 121 11.09 9.91 1.60
C THR A 121 12.00 9.15 2.57
N GLN A 122 12.01 9.58 3.83
CA GLN A 122 12.83 8.94 4.85
C GLN A 122 11.97 8.20 5.87
N ASP A 123 12.44 7.04 6.30
CA ASP A 123 11.72 6.24 7.27
C ASP A 123 12.00 6.71 8.69
N GLY A 1 -7.06 16.93 -0.87
CA GLY A 1 -6.83 16.50 0.50
C GLY A 1 -6.08 17.54 1.31
N SER A 2 -6.49 17.71 2.57
CA SER A 2 -5.85 18.69 3.45
C SER A 2 -6.39 18.58 4.87
N SER A 3 -5.65 19.11 5.83
CA SER A 3 -6.05 19.06 7.22
C SER A 3 -5.90 20.44 7.88
N GLY A 4 -6.94 20.86 8.59
CA GLY A 4 -6.92 22.16 9.24
C GLY A 4 -6.53 22.06 10.71
N SER A 5 -5.46 21.32 10.98
CA SER A 5 -4.98 21.14 12.35
C SER A 5 -3.46 21.00 12.39
N SER A 6 -2.79 22.01 12.92
CA SER A 6 -1.33 22.00 13.00
C SER A 6 -0.87 21.98 14.46
N GLY A 7 -0.16 20.93 14.83
CA GLY A 7 0.33 20.80 16.20
C GLY A 7 0.75 19.39 16.54
N GLN A 8 -0.17 18.62 17.11
CA GLN A 8 0.12 17.24 17.48
C GLN A 8 -0.48 16.26 16.48
N LYS A 9 0.26 15.20 16.19
CA LYS A 9 -0.19 14.18 15.24
C LYS A 9 -0.39 12.84 15.93
N ARG A 10 -1.61 12.61 16.42
CA ARG A 10 -1.93 11.36 17.11
C ARG A 10 -2.46 10.32 16.12
N ALA A 11 -2.11 10.48 14.85
CA ALA A 11 -2.54 9.55 13.82
C ALA A 11 -1.36 9.09 12.96
N TRP A 12 -1.47 7.88 12.42
CA TRP A 12 -0.42 7.32 11.59
C TRP A 12 -0.89 7.15 10.15
N ILE A 13 -0.14 7.72 9.21
CA ILE A 13 -0.49 7.63 7.80
C ILE A 13 0.76 7.47 6.93
N THR A 14 0.60 6.82 5.79
CA THR A 14 1.71 6.60 4.87
C THR A 14 1.65 7.57 3.69
N ALA A 15 2.56 7.39 2.74
CA ALA A 15 2.60 8.24 1.56
C ALA A 15 2.04 7.53 0.34
N PRO A 16 1.51 8.30 -0.61
CA PRO A 16 0.93 7.77 -1.85
C PRO A 16 1.98 7.18 -2.78
N VAL A 17 1.95 5.86 -2.94
CA VAL A 17 2.89 5.16 -3.79
C VAL A 17 2.88 5.75 -5.20
N ALA A 18 1.82 6.46 -5.54
CA ALA A 18 1.68 7.08 -6.85
C ALA A 18 2.06 6.09 -7.96
N LEU A 19 1.44 4.92 -7.93
CA LEU A 19 1.71 3.89 -8.92
C LEU A 19 1.40 4.39 -10.32
N ARG A 20 2.20 3.96 -11.30
CA ARG A 20 2.00 4.38 -12.69
C ARG A 20 1.06 3.42 -13.41
N GLU A 21 0.69 3.78 -14.63
CA GLU A 21 -0.22 2.95 -15.43
C GLU A 21 0.39 2.67 -16.81
N GLY A 22 0.06 1.50 -17.36
CA GLY A 22 0.57 1.12 -18.66
C GLY A 22 1.89 0.40 -18.58
N GLU A 23 2.62 0.61 -17.48
CA GLU A 23 3.91 -0.02 -17.28
C GLU A 23 3.80 -1.21 -16.31
N ASP A 24 4.59 -2.25 -16.55
CA ASP A 24 4.57 -3.43 -15.71
C ASP A 24 5.19 -3.13 -14.35
N LEU A 25 4.34 -2.78 -13.39
CA LEU A 25 4.80 -2.47 -12.04
C LEU A 25 5.21 -3.74 -11.29
N SER A 26 6.29 -4.37 -11.74
CA SER A 26 6.79 -5.59 -11.12
C SER A 26 8.13 -5.35 -10.45
N LYS A 27 9.13 -4.97 -11.24
CA LYS A 27 10.46 -4.71 -10.73
C LYS A 27 10.40 -3.88 -9.46
N LYS A 28 9.71 -2.75 -9.54
CA LYS A 28 9.57 -1.86 -8.38
C LYS A 28 9.27 -2.64 -7.12
N ASN A 29 8.37 -3.62 -7.23
CA ASN A 29 8.00 -4.45 -6.09
C ASN A 29 9.21 -4.80 -5.25
N PRO A 30 9.04 -4.77 -3.91
CA PRO A 30 7.76 -4.43 -3.29
C PRO A 30 7.39 -2.96 -3.47
N ILE A 31 6.11 -2.68 -3.60
CA ILE A 31 5.63 -1.31 -3.78
C ILE A 31 5.01 -0.78 -2.49
N ALA A 32 4.73 -1.69 -1.56
CA ALA A 32 4.13 -1.30 -0.29
C ALA A 32 4.82 -2.01 0.88
N LYS A 33 5.10 -1.26 1.94
CA LYS A 33 5.75 -1.82 3.12
C LYS A 33 5.16 -1.24 4.40
N ILE A 34 4.69 -2.13 5.27
CA ILE A 34 4.10 -1.70 6.53
C ILE A 34 4.51 -2.63 7.67
N HIS A 35 4.69 -2.05 8.86
CA HIS A 35 5.08 -2.84 10.03
C HIS A 35 4.98 -1.99 11.31
N SER A 36 4.46 -2.59 12.36
CA SER A 36 4.29 -1.90 13.63
C SER A 36 5.60 -1.92 14.44
N ASP A 37 5.99 -0.76 14.96
CA ASP A 37 7.21 -0.65 15.75
C ASP A 37 7.31 -1.78 16.76
N LEU A 38 6.28 -1.90 17.59
CA LEU A 38 6.24 -2.94 18.63
C LEU A 38 6.75 -4.27 18.08
N ALA A 39 6.30 -4.63 16.88
CA ALA A 39 6.72 -5.87 16.25
C ALA A 39 8.22 -6.06 16.35
N GLU A 40 8.98 -4.98 16.11
CA GLU A 40 10.43 -5.04 16.18
C GLU A 40 10.92 -4.67 17.58
N GLU A 41 10.56 -3.47 18.03
CA GLU A 41 10.97 -2.99 19.34
C GLU A 41 10.99 -4.14 20.36
N ARG A 42 9.88 -4.87 20.42
CA ARG A 42 9.77 -6.00 21.35
C ARG A 42 10.07 -7.31 20.65
N GLY A 43 9.64 -7.41 19.39
CA GLY A 43 9.88 -8.62 18.63
C GLY A 43 8.60 -9.43 18.39
N LEU A 44 7.46 -8.77 18.57
CA LEU A 44 6.17 -9.42 18.38
C LEU A 44 5.87 -9.60 16.89
N LYS A 45 4.88 -10.44 16.59
CA LYS A 45 4.49 -10.69 15.21
C LYS A 45 3.13 -10.06 14.91
N ILE A 46 3.01 -9.52 13.70
CA ILE A 46 1.76 -8.88 13.28
C ILE A 46 1.34 -9.36 11.89
N THR A 47 0.04 -9.37 11.64
CA THR A 47 -0.50 -9.80 10.36
C THR A 47 -0.94 -8.61 9.52
N TYR A 48 -0.72 -8.71 8.20
CA TYR A 48 -1.09 -7.64 7.29
C TYR A 48 -2.33 -8.02 6.49
N LYS A 49 -3.31 -7.12 6.46
CA LYS A 49 -4.55 -7.35 5.73
C LYS A 49 -4.93 -6.13 4.90
N TYR A 50 -5.27 -6.35 3.64
CA TYR A 50 -5.66 -5.26 2.74
C TYR A 50 -7.09 -5.44 2.26
N THR A 51 -7.86 -4.36 2.28
CA THR A 51 -9.25 -4.39 1.85
C THR A 51 -9.64 -3.10 1.15
N GLY A 52 -10.07 -3.23 -0.11
CA GLY A 52 -10.46 -2.06 -0.87
C GLY A 52 -10.51 -2.33 -2.37
N LYS A 53 -10.94 -1.34 -3.14
CA LYS A 53 -11.03 -1.47 -4.58
C LYS A 53 -9.84 -2.26 -5.14
N GLY A 54 -10.13 -3.36 -5.83
CA GLY A 54 -9.08 -4.18 -6.39
C GLY A 54 -8.98 -5.54 -5.72
N ILE A 55 -9.41 -5.61 -4.47
CA ILE A 55 -9.37 -6.86 -3.71
C ILE A 55 -10.77 -7.35 -3.39
N THR A 56 -11.47 -6.61 -2.53
CA THR A 56 -12.83 -6.97 -2.14
C THR A 56 -13.81 -6.73 -3.28
N GLU A 57 -13.64 -5.62 -3.98
CA GLU A 57 -14.52 -5.27 -5.09
C GLU A 57 -13.77 -5.38 -6.42
N PRO A 58 -14.50 -5.79 -7.47
CA PRO A 58 -13.93 -5.94 -8.82
C PRO A 58 -13.58 -4.60 -9.45
N PRO A 59 -12.64 -4.63 -10.41
CA PRO A 59 -11.99 -5.87 -10.84
C PRO A 59 -11.05 -6.43 -9.77
N PHE A 60 -11.21 -7.70 -9.46
CA PHE A 60 -10.38 -8.36 -8.46
C PHE A 60 -9.21 -9.09 -9.11
N GLY A 61 -8.08 -9.12 -8.42
CA GLY A 61 -6.91 -9.78 -8.94
C GLY A 61 -5.79 -8.81 -9.29
N ILE A 62 -5.96 -7.55 -8.89
CA ILE A 62 -4.97 -6.53 -9.16
C ILE A 62 -3.78 -6.66 -8.23
N PHE A 63 -3.99 -6.37 -6.95
CA PHE A 63 -2.93 -6.45 -5.94
C PHE A 63 -3.10 -7.70 -5.08
N VAL A 64 -1.97 -8.23 -4.61
CA VAL A 64 -1.99 -9.43 -3.77
C VAL A 64 -1.19 -9.21 -2.49
N PHE A 65 -1.77 -9.61 -1.36
CA PHE A 65 -1.11 -9.46 -0.07
C PHE A 65 -1.01 -10.81 0.65
N ASN A 66 0.02 -10.95 1.48
CA ASN A 66 0.23 -12.18 2.23
C ASN A 66 0.57 -11.89 3.69
N LYS A 67 0.33 -12.87 4.55
CA LYS A 67 0.61 -12.72 5.97
C LYS A 67 1.91 -13.42 6.35
N ASP A 68 2.42 -14.25 5.45
CA ASP A 68 3.66 -14.98 5.69
C ASP A 68 4.87 -14.09 5.43
N THR A 69 5.03 -13.64 4.20
CA THR A 69 6.14 -12.78 3.83
C THR A 69 5.83 -11.32 4.11
N GLY A 70 4.57 -10.94 3.94
CA GLY A 70 4.16 -9.57 4.19
C GLY A 70 4.70 -8.60 3.16
N GLU A 71 3.97 -8.43 2.06
CA GLU A 71 4.39 -7.54 0.99
C GLU A 71 3.28 -7.38 -0.06
N LEU A 72 3.24 -6.21 -0.69
CA LEU A 72 2.23 -5.94 -1.71
C LEU A 72 2.84 -6.00 -3.10
N ASN A 73 2.56 -7.07 -3.82
CA ASN A 73 3.07 -7.25 -5.18
C ASN A 73 1.94 -7.19 -6.21
N VAL A 74 1.91 -6.10 -6.96
CA VAL A 74 0.89 -5.91 -7.98
C VAL A 74 1.08 -6.89 -9.15
N THR A 75 0.03 -7.64 -9.46
CA THR A 75 0.10 -8.61 -10.55
C THR A 75 -0.82 -8.20 -11.70
N SER A 76 -0.89 -6.90 -11.97
CA SER A 76 -1.74 -6.38 -13.04
C SER A 76 -1.31 -4.97 -13.42
N ILE A 77 -1.69 -4.56 -14.64
CA ILE A 77 -1.36 -3.23 -15.12
C ILE A 77 -2.52 -2.26 -14.92
N LEU A 78 -2.39 -1.39 -13.93
CA LEU A 78 -3.43 -0.41 -13.63
C LEU A 78 -3.81 0.37 -14.88
N ASP A 79 -5.04 0.88 -14.90
CA ASP A 79 -5.54 1.65 -16.03
C ASP A 79 -6.22 2.93 -15.57
N ARG A 80 -5.43 4.01 -15.46
CA ARG A 80 -5.97 5.29 -15.03
C ARG A 80 -7.35 5.54 -15.62
N GLU A 81 -7.48 5.30 -16.92
CA GLU A 81 -8.75 5.50 -17.61
C GLU A 81 -9.90 4.90 -16.81
N GLU A 82 -9.68 3.69 -16.29
CA GLU A 82 -10.70 3.00 -15.52
C GLU A 82 -10.57 3.31 -14.03
N THR A 83 -9.45 2.87 -13.44
CA THR A 83 -9.20 3.12 -12.02
C THR A 83 -8.24 4.27 -11.82
N PRO A 84 -8.80 5.45 -11.51
CA PRO A 84 -8.00 6.66 -11.28
C PRO A 84 -7.19 6.59 -10.00
N PHE A 85 -7.56 5.68 -9.11
CA PHE A 85 -6.86 5.50 -7.85
C PHE A 85 -7.38 4.27 -7.11
N PHE A 86 -6.53 3.71 -6.24
CA PHE A 86 -6.90 2.53 -5.47
C PHE A 86 -6.71 2.79 -3.98
N LEU A 87 -7.81 3.10 -3.30
CA LEU A 87 -7.78 3.37 -1.86
C LEU A 87 -7.85 2.07 -1.07
N LEU A 88 -6.77 1.75 -0.37
CA LEU A 88 -6.72 0.53 0.44
C LEU A 88 -6.61 0.87 1.92
N THR A 89 -6.57 -0.17 2.76
CA THR A 89 -6.47 0.01 4.20
C THR A 89 -5.70 -1.13 4.84
N GLY A 90 -4.55 -0.80 5.44
CA GLY A 90 -3.73 -1.81 6.09
C GLY A 90 -4.15 -2.07 7.52
N TYR A 91 -4.84 -3.17 7.75
CA TYR A 91 -5.31 -3.53 9.08
C TYR A 91 -4.24 -4.31 9.84
N ALA A 92 -3.43 -3.59 10.61
CA ALA A 92 -2.37 -4.21 11.39
C ALA A 92 -2.93 -4.89 12.64
N LEU A 93 -3.29 -6.17 12.50
CA LEU A 93 -3.85 -6.93 13.61
C LEU A 93 -2.80 -7.86 14.21
N ASP A 94 -3.07 -8.36 15.40
CA ASP A 94 -2.15 -9.26 16.08
C ASP A 94 -2.63 -10.70 15.99
N ALA A 95 -1.87 -11.62 16.57
CA ALA A 95 -2.21 -13.04 16.54
C ALA A 95 -3.61 -13.27 17.09
N ARG A 96 -4.11 -12.30 17.86
CA ARG A 96 -5.44 -12.40 18.45
C ARG A 96 -6.47 -11.67 17.58
N GLY A 97 -5.99 -10.73 16.77
CA GLY A 97 -6.88 -9.97 15.92
C GLY A 97 -7.73 -8.98 16.68
N ASN A 98 -7.12 -8.31 17.65
CA ASN A 98 -7.82 -7.33 18.47
C ASN A 98 -7.53 -5.91 17.98
N ASN A 99 -6.93 -5.81 16.80
CA ASN A 99 -6.60 -4.51 16.22
C ASN A 99 -5.75 -3.68 17.19
N VAL A 100 -4.75 -4.32 17.79
CA VAL A 100 -3.86 -3.66 18.73
C VAL A 100 -3.41 -2.30 18.18
N GLU A 101 -3.50 -2.14 16.87
CA GLU A 101 -3.10 -0.90 16.23
C GLU A 101 -4.08 -0.49 15.14
N LYS A 102 -4.49 0.77 15.15
CA LYS A 102 -5.43 1.28 14.17
C LYS A 102 -4.83 1.24 12.76
N PRO A 103 -5.67 0.93 11.77
CA PRO A 103 -5.26 0.86 10.36
C PRO A 103 -4.92 2.23 9.78
N LEU A 104 -4.24 2.22 8.64
CA LEU A 104 -3.85 3.47 7.98
C LEU A 104 -4.65 3.67 6.70
N GLU A 105 -4.48 4.84 6.09
CA GLU A 105 -5.19 5.17 4.86
C GLU A 105 -4.22 5.22 3.67
N LEU A 106 -3.97 4.06 3.07
CA LEU A 106 -3.07 3.98 1.94
C LEU A 106 -3.77 4.37 0.64
N ARG A 107 -3.62 5.64 0.24
CA ARG A 107 -4.25 6.14 -0.97
C ARG A 107 -3.29 6.01 -2.16
N ILE A 108 -3.59 5.07 -3.06
CA ILE A 108 -2.78 4.85 -4.24
C ILE A 108 -3.29 5.66 -5.43
N LYS A 109 -2.49 6.62 -5.87
CA LYS A 109 -2.86 7.46 -7.00
C LYS A 109 -2.23 6.94 -8.30
N VAL A 110 -3.07 6.50 -9.22
CA VAL A 110 -2.59 5.98 -10.50
C VAL A 110 -2.19 7.12 -11.44
N LEU A 111 -0.90 7.25 -11.68
CA LEU A 111 -0.39 8.30 -12.57
C LEU A 111 -0.55 7.90 -14.03
N ASP A 112 -0.42 8.89 -14.92
CA ASP A 112 -0.54 8.64 -16.35
C ASP A 112 0.80 8.27 -16.96
N ILE A 113 0.77 7.47 -18.01
CA ILE A 113 1.99 7.04 -18.69
C ILE A 113 2.79 8.24 -19.18
N ASN A 114 2.10 9.37 -19.36
CA ASN A 114 2.76 10.59 -19.82
C ASN A 114 3.55 11.25 -18.70
N ASP A 115 3.00 11.22 -17.49
CA ASP A 115 3.67 11.81 -16.33
C ASP A 115 5.04 11.19 -16.12
N ASN A 116 6.06 11.82 -16.66
CA ASN A 116 7.43 11.33 -16.52
C ASN A 116 8.21 12.15 -15.50
N GLU A 117 8.15 11.71 -14.25
CA GLU A 117 8.85 12.41 -13.16
C GLU A 117 10.27 11.86 -12.99
N PRO A 118 11.21 12.75 -12.65
CA PRO A 118 12.62 12.39 -12.45
C PRO A 118 12.82 11.54 -11.20
N VAL A 119 13.90 10.76 -11.20
CA VAL A 119 14.21 9.91 -10.05
C VAL A 119 14.55 10.73 -8.82
N PHE A 120 14.00 10.33 -7.68
CA PHE A 120 14.24 11.04 -6.43
C PHE A 120 15.07 10.18 -5.47
N THR A 121 15.47 10.77 -4.35
CA THR A 121 16.27 10.07 -3.35
C THR A 121 15.78 10.36 -1.95
N GLN A 122 15.84 9.35 -1.08
CA GLN A 122 15.40 9.51 0.31
C GLN A 122 16.43 10.28 1.12
N ASP A 123 16.11 11.51 1.46
CA ASP A 123 17.00 12.36 2.24
C ASP A 123 18.44 12.21 1.76
N GLY A 1 7.45 24.82 0.01
CA GLY A 1 7.08 24.00 1.16
C GLY A 1 8.08 22.90 1.44
N SER A 2 7.97 22.29 2.61
CA SER A 2 8.88 21.21 3.00
C SER A 2 8.11 20.05 3.62
N SER A 3 8.70 18.86 3.57
CA SER A 3 8.07 17.66 4.12
C SER A 3 8.61 17.37 5.52
N GLY A 4 9.94 17.28 5.63
CA GLY A 4 10.55 17.00 6.90
C GLY A 4 10.71 15.51 7.16
N SER A 5 11.70 14.90 6.51
CA SER A 5 11.95 13.47 6.66
C SER A 5 11.78 13.04 8.12
N SER A 6 12.37 13.82 9.03
CA SER A 6 12.29 13.52 10.45
C SER A 6 11.60 14.65 11.20
N GLY A 7 10.89 14.30 12.28
CA GLY A 7 10.20 15.31 13.07
C GLY A 7 9.75 14.76 14.41
N GLN A 8 10.64 14.05 15.09
CA GLN A 8 10.32 13.47 16.39
C GLN A 8 8.85 13.06 16.47
N LYS A 9 8.40 12.33 15.45
CA LYS A 9 7.02 11.87 15.40
C LYS A 9 6.90 10.44 15.94
N ARG A 10 5.73 10.10 16.44
CA ARG A 10 5.48 8.77 16.98
C ARG A 10 4.30 8.10 16.28
N ALA A 11 4.56 7.54 15.11
CA ALA A 11 3.52 6.86 14.33
C ALA A 11 4.13 5.93 13.29
N TRP A 12 3.27 5.16 12.63
CA TRP A 12 3.73 4.22 11.61
C TRP A 12 3.07 4.50 10.27
N ILE A 13 2.91 5.79 9.96
CA ILE A 13 2.28 6.20 8.71
C ILE A 13 3.22 5.99 7.52
N THR A 14 2.64 5.75 6.35
CA THR A 14 3.43 5.53 5.14
C THR A 14 3.26 6.67 4.15
N ALA A 15 4.05 6.65 3.09
CA ALA A 15 3.97 7.69 2.07
C ALA A 15 2.99 7.30 0.97
N PRO A 16 2.47 8.31 0.25
CA PRO A 16 1.51 8.12 -0.83
C PRO A 16 2.14 7.44 -2.05
N VAL A 17 1.74 6.20 -2.31
CA VAL A 17 2.26 5.45 -3.44
C VAL A 17 1.80 6.06 -4.76
N ALA A 18 2.77 6.50 -5.57
CA ALA A 18 2.46 7.09 -6.86
C ALA A 18 3.12 6.32 -7.99
N LEU A 19 2.42 5.32 -8.51
CA LEU A 19 2.95 4.50 -9.60
C LEU A 19 2.51 5.04 -10.94
N ARG A 20 3.04 4.46 -12.02
CA ARG A 20 2.70 4.89 -13.37
C ARG A 20 1.86 3.84 -14.08
N GLU A 21 1.00 4.29 -14.98
CA GLU A 21 0.13 3.38 -15.73
C GLU A 21 0.69 3.13 -17.13
N GLY A 22 0.35 1.98 -17.69
CA GLY A 22 0.82 1.64 -19.02
C GLY A 22 1.46 0.26 -19.08
N GLU A 23 2.67 0.15 -18.56
CA GLU A 23 3.39 -1.12 -18.57
C GLU A 23 3.20 -1.86 -17.25
N ASP A 24 3.69 -3.09 -17.18
CA ASP A 24 3.57 -3.90 -15.97
C ASP A 24 4.64 -3.52 -14.95
N LEU A 25 4.20 -3.11 -13.77
CA LEU A 25 5.11 -2.71 -12.70
C LEU A 25 5.26 -3.84 -11.68
N SER A 26 5.46 -5.05 -12.17
CA SER A 26 5.62 -6.21 -11.30
C SER A 26 7.09 -6.45 -10.97
N LYS A 27 7.85 -5.36 -10.88
CA LYS A 27 9.27 -5.44 -10.56
C LYS A 27 9.62 -4.57 -9.36
N LYS A 28 9.04 -3.37 -9.33
CA LYS A 28 9.29 -2.44 -8.22
C LYS A 28 9.00 -3.10 -6.88
N ASN A 29 7.84 -3.74 -6.77
CA ASN A 29 7.46 -4.42 -5.54
C ASN A 29 8.67 -5.03 -4.85
N PRO A 30 8.60 -5.14 -3.51
CA PRO A 30 7.44 -4.70 -2.74
C PRO A 30 7.30 -3.17 -2.72
N ILE A 31 6.07 -2.70 -2.82
CA ILE A 31 5.80 -1.26 -2.81
C ILE A 31 5.39 -0.79 -1.42
N ALA A 32 4.79 -1.68 -0.64
CA ALA A 32 4.37 -1.35 0.71
C ALA A 32 4.95 -2.33 1.72
N LYS A 33 5.47 -1.79 2.82
CA LYS A 33 6.07 -2.60 3.87
C LYS A 33 5.59 -2.15 5.24
N ILE A 34 4.75 -2.97 5.87
CA ILE A 34 4.23 -2.65 7.19
C ILE A 34 4.69 -3.67 8.23
N HIS A 35 5.14 -3.18 9.38
CA HIS A 35 5.62 -4.05 10.45
C HIS A 35 5.04 -3.61 11.79
N SER A 36 3.98 -4.30 12.22
CA SER A 36 3.33 -3.98 13.49
C SER A 36 4.36 -3.83 14.61
N ASP A 37 4.13 -2.86 15.48
CA ASP A 37 5.04 -2.60 16.59
C ASP A 37 4.98 -3.73 17.61
N LEU A 38 3.79 -3.98 18.14
CA LEU A 38 3.59 -5.04 19.13
C LEU A 38 4.19 -6.35 18.64
N ALA A 39 3.91 -6.70 17.40
CA ALA A 39 4.44 -7.94 16.81
C ALA A 39 5.90 -8.14 17.18
N GLU A 40 6.71 -7.10 17.01
CA GLU A 40 8.12 -7.16 17.32
C GLU A 40 8.36 -6.88 18.81
N GLU A 41 7.98 -5.68 19.24
CA GLU A 41 8.16 -5.29 20.63
C GLU A 41 7.99 -6.49 21.57
N ARG A 42 6.83 -7.13 21.48
CA ARG A 42 6.53 -8.29 22.31
C ARG A 42 6.96 -9.58 21.62
N GLY A 43 6.31 -9.87 20.49
CA GLY A 43 6.63 -11.08 19.76
C GLY A 43 5.39 -11.85 19.33
N LEU A 44 4.41 -11.13 18.79
CA LEU A 44 3.17 -11.76 18.35
C LEU A 44 3.09 -11.80 16.83
N LYS A 45 2.29 -12.73 16.31
CA LYS A 45 2.13 -12.87 14.87
C LYS A 45 0.92 -12.08 14.37
N ILE A 46 1.12 -10.79 14.12
CA ILE A 46 0.05 -9.93 13.65
C ILE A 46 -0.32 -10.25 12.20
N THR A 47 -1.61 -10.22 11.90
CA THR A 47 -2.08 -10.50 10.55
C THR A 47 -2.31 -9.22 9.76
N TYR A 48 -2.03 -9.26 8.46
CA TYR A 48 -2.20 -8.09 7.61
C TYR A 48 -3.39 -8.29 6.67
N LYS A 49 -3.97 -7.18 6.23
CA LYS A 49 -5.11 -7.21 5.32
C LYS A 49 -5.32 -5.86 4.64
N TYR A 50 -5.38 -5.87 3.32
CA TYR A 50 -5.58 -4.65 2.56
C TYR A 50 -6.94 -4.63 1.89
N THR A 51 -7.94 -4.09 2.59
CA THR A 51 -9.30 -4.02 2.07
C THR A 51 -9.43 -2.91 1.04
N GLY A 52 -10.31 -3.11 0.07
CA GLY A 52 -10.52 -2.11 -0.96
C GLY A 52 -10.63 -2.72 -2.35
N LYS A 53 -10.74 -1.88 -3.36
CA LYS A 53 -10.86 -2.33 -4.74
C LYS A 53 -9.51 -2.81 -5.27
N GLY A 54 -9.54 -3.92 -6.01
CA GLY A 54 -8.31 -4.47 -6.55
C GLY A 54 -7.73 -5.58 -5.71
N ILE A 55 -8.05 -5.56 -4.41
CA ILE A 55 -7.56 -6.57 -3.49
C ILE A 55 -8.69 -7.51 -3.06
N THR A 56 -9.83 -6.93 -2.71
CA THR A 56 -10.99 -7.72 -2.27
C THR A 56 -12.25 -7.27 -2.98
N GLU A 57 -12.38 -5.96 -3.18
CA GLU A 57 -13.55 -5.39 -3.85
C GLU A 57 -13.39 -5.45 -5.36
N PRO A 58 -14.51 -5.61 -6.08
CA PRO A 58 -14.52 -5.68 -7.54
C PRO A 58 -14.19 -4.33 -8.18
N PRO A 59 -13.30 -4.36 -9.19
CA PRO A 59 -12.67 -5.60 -9.65
C PRO A 59 -11.69 -6.18 -8.63
N PHE A 60 -11.68 -7.49 -8.49
CA PHE A 60 -10.80 -8.16 -7.54
C PHE A 60 -9.80 -9.06 -8.27
N GLY A 61 -8.60 -9.17 -7.73
CA GLY A 61 -7.57 -9.99 -8.34
C GLY A 61 -6.56 -9.19 -9.13
N ILE A 62 -6.12 -8.07 -8.55
CA ILE A 62 -5.15 -7.21 -9.21
C ILE A 62 -3.83 -7.18 -8.44
N PHE A 63 -3.92 -7.23 -7.12
CA PHE A 63 -2.73 -7.22 -6.27
C PHE A 63 -2.59 -8.53 -5.51
N VAL A 64 -1.44 -8.72 -4.88
CA VAL A 64 -1.18 -9.93 -4.11
C VAL A 64 -0.41 -9.62 -2.83
N PHE A 65 -0.81 -10.25 -1.73
CA PHE A 65 -0.16 -10.04 -0.45
C PHE A 65 -0.46 -11.18 0.52
N ASN A 66 0.25 -11.21 1.64
CA ASN A 66 0.06 -12.25 2.64
C ASN A 66 0.35 -11.72 4.04
N LYS A 67 0.03 -12.52 5.05
CA LYS A 67 0.26 -12.13 6.44
C LYS A 67 1.54 -12.75 6.97
N ASP A 68 2.05 -13.75 6.26
CA ASP A 68 3.28 -14.43 6.66
C ASP A 68 4.51 -13.65 6.19
N THR A 69 4.47 -13.19 4.94
CA THR A 69 5.58 -12.44 4.36
C THR A 69 5.33 -10.94 4.47
N GLY A 70 4.05 -10.54 4.39
CA GLY A 70 3.71 -9.14 4.47
C GLY A 70 4.27 -8.33 3.31
N GLU A 71 4.18 -8.88 2.10
CA GLU A 71 4.68 -8.21 0.92
C GLU A 71 3.54 -7.87 -0.03
N LEU A 72 3.52 -6.62 -0.50
CA LEU A 72 2.49 -6.17 -1.42
C LEU A 72 3.03 -6.03 -2.83
N ASN A 73 2.47 -6.80 -3.76
CA ASN A 73 2.90 -6.78 -5.15
C ASN A 73 1.71 -6.71 -6.09
N VAL A 74 1.83 -5.90 -7.14
CA VAL A 74 0.76 -5.75 -8.12
C VAL A 74 0.96 -6.70 -9.31
N THR A 75 -0.07 -7.47 -9.62
CA THR A 75 0.01 -8.41 -10.74
C THR A 75 -0.90 -7.97 -11.89
N SER A 76 -0.91 -6.66 -12.16
CA SER A 76 -1.74 -6.12 -13.23
C SER A 76 -1.30 -4.71 -13.58
N ILE A 77 -1.53 -4.31 -14.83
CA ILE A 77 -1.15 -2.99 -15.30
C ILE A 77 -2.22 -1.96 -14.95
N LEU A 78 -1.86 -0.99 -14.12
CA LEU A 78 -2.79 0.05 -13.71
C LEU A 78 -3.28 0.85 -14.91
N ASP A 79 -4.50 1.35 -14.83
CA ASP A 79 -5.09 2.13 -15.92
C ASP A 79 -5.90 3.31 -15.36
N ARG A 80 -5.69 4.49 -15.94
CA ARG A 80 -6.40 5.68 -15.51
C ARG A 80 -7.86 5.63 -15.92
N GLU A 81 -8.11 5.49 -17.22
CA GLU A 81 -9.47 5.43 -17.74
C GLU A 81 -10.32 4.47 -16.92
N GLU A 82 -9.77 3.30 -16.63
CA GLU A 82 -10.48 2.28 -15.85
C GLU A 82 -10.69 2.76 -14.41
N THR A 83 -9.59 2.88 -13.67
CA THR A 83 -9.66 3.32 -12.28
C THR A 83 -8.74 4.51 -12.04
N PRO A 84 -9.31 5.59 -11.48
CA PRO A 84 -8.56 6.81 -11.18
C PRO A 84 -7.56 6.62 -10.04
N PHE A 85 -7.97 5.84 -9.05
CA PHE A 85 -7.11 5.59 -7.90
C PHE A 85 -7.57 4.34 -7.15
N PHE A 86 -6.72 3.84 -6.26
CA PHE A 86 -7.04 2.65 -5.48
C PHE A 86 -6.96 2.94 -3.99
N LEU A 87 -8.10 3.27 -3.40
CA LEU A 87 -8.18 3.58 -1.98
C LEU A 87 -8.12 2.30 -1.14
N LEU A 88 -6.97 2.05 -0.52
CA LEU A 88 -6.79 0.86 0.31
C LEU A 88 -6.62 1.25 1.78
N THR A 89 -6.64 0.24 2.64
CA THR A 89 -6.49 0.47 4.08
C THR A 89 -5.83 -0.72 4.76
N GLY A 90 -4.65 -0.49 5.34
CA GLY A 90 -3.95 -1.56 6.02
C GLY A 90 -4.57 -1.91 7.36
N TYR A 91 -5.03 -3.16 7.48
CA TYR A 91 -5.65 -3.61 8.72
C TYR A 91 -4.79 -4.68 9.40
N ALA A 92 -4.32 -4.35 10.59
CA ALA A 92 -3.49 -5.28 11.36
C ALA A 92 -4.31 -6.05 12.37
N LEU A 93 -4.88 -7.18 11.93
CA LEU A 93 -5.69 -8.02 12.81
C LEU A 93 -4.82 -8.85 13.74
N ASP A 94 -5.24 -8.95 15.00
CA ASP A 94 -4.49 -9.73 15.99
C ASP A 94 -4.84 -11.21 15.89
N ALA A 95 -4.04 -12.04 16.56
CA ALA A 95 -4.26 -13.48 16.54
C ALA A 95 -5.76 -13.81 16.60
N ARG A 96 -6.49 -13.05 17.42
CA ARG A 96 -7.92 -13.26 17.56
C ARG A 96 -8.67 -12.79 16.31
N GLY A 97 -8.23 -11.66 15.76
CA GLY A 97 -8.88 -11.12 14.57
C GLY A 97 -9.55 -9.80 14.83
N ASN A 98 -8.91 -8.96 15.64
CA ASN A 98 -9.45 -7.65 15.97
C ASN A 98 -8.41 -6.56 15.76
N ASN A 99 -8.74 -5.58 14.93
CA ASN A 99 -7.83 -4.48 14.64
C ASN A 99 -7.39 -3.79 15.93
N VAL A 100 -6.28 -4.28 16.50
CA VAL A 100 -5.75 -3.71 17.73
C VAL A 100 -5.08 -2.36 17.47
N GLU A 101 -4.35 -2.28 16.37
CA GLU A 101 -3.65 -1.06 16.01
C GLU A 101 -4.46 -0.25 14.99
N LYS A 102 -4.17 1.05 14.92
CA LYS A 102 -4.88 1.94 14.00
C LYS A 102 -4.45 1.67 12.56
N PRO A 103 -5.44 1.55 11.66
CA PRO A 103 -5.20 1.30 10.24
C PRO A 103 -4.57 2.49 9.54
N LEU A 104 -4.08 2.26 8.32
CA LEU A 104 -3.46 3.33 7.53
C LEU A 104 -4.26 3.61 6.27
N GLU A 105 -4.42 4.89 5.95
CA GLU A 105 -5.17 5.28 4.76
C GLU A 105 -4.24 5.40 3.55
N LEU A 106 -3.92 4.27 2.94
CA LEU A 106 -3.04 4.25 1.78
C LEU A 106 -3.76 4.73 0.53
N ARG A 107 -3.15 5.65 -0.19
CA ARG A 107 -3.74 6.19 -1.42
C ARG A 107 -2.79 6.03 -2.60
N ILE A 108 -3.09 5.07 -3.47
CA ILE A 108 -2.26 4.82 -4.64
C ILE A 108 -2.69 5.69 -5.82
N LYS A 109 -2.16 6.90 -5.87
CA LYS A 109 -2.50 7.83 -6.95
C LYS A 109 -2.03 7.29 -8.30
N VAL A 110 -2.98 6.99 -9.18
CA VAL A 110 -2.66 6.47 -10.49
C VAL A 110 -2.26 7.59 -11.45
N LEU A 111 -0.98 7.62 -11.80
CA LEU A 111 -0.47 8.64 -12.71
C LEU A 111 -0.96 8.41 -14.12
N ASP A 112 -0.48 9.22 -15.06
CA ASP A 112 -0.87 9.10 -16.46
C ASP A 112 0.35 8.93 -17.36
N ILE A 113 0.11 8.55 -18.60
CA ILE A 113 1.20 8.34 -19.56
C ILE A 113 1.98 9.63 -19.79
N ASN A 114 1.25 10.73 -19.93
CA ASN A 114 1.88 12.03 -20.16
C ASN A 114 2.08 12.77 -18.84
N ASP A 115 2.45 12.04 -17.81
CA ASP A 115 2.68 12.62 -16.49
C ASP A 115 4.06 13.29 -16.43
N ASN A 116 4.09 14.52 -15.92
CA ASN A 116 5.34 15.26 -15.80
C ASN A 116 5.50 15.84 -14.40
N GLU A 117 4.99 15.12 -13.41
CA GLU A 117 5.09 15.55 -12.02
C GLU A 117 6.21 14.83 -11.29
N PRO A 118 7.25 15.59 -10.91
CA PRO A 118 8.41 15.05 -10.21
C PRO A 118 8.08 14.64 -8.77
N VAL A 119 9.04 14.00 -8.11
CA VAL A 119 8.85 13.56 -6.73
C VAL A 119 9.31 14.60 -5.74
N PHE A 120 8.64 14.66 -4.59
CA PHE A 120 8.99 15.63 -3.55
C PHE A 120 9.32 16.99 -4.17
N THR A 121 8.45 17.46 -5.06
CA THR A 121 8.66 18.74 -5.72
C THR A 121 9.11 19.80 -4.72
N GLN A 122 9.97 20.70 -5.18
CA GLN A 122 10.48 21.78 -4.33
C GLN A 122 10.75 23.04 -5.15
N ASP A 123 10.03 24.11 -4.81
CA ASP A 123 10.19 25.38 -5.51
C ASP A 123 9.47 26.50 -4.77
N GLY A 1 -7.18 27.27 3.69
CA GLY A 1 -7.56 26.55 2.49
C GLY A 1 -6.61 25.40 2.19
N SER A 2 -7.09 24.17 2.40
CA SER A 2 -6.28 22.99 2.15
C SER A 2 -7.14 21.73 2.11
N SER A 3 -7.10 21.03 0.99
CA SER A 3 -7.88 19.81 0.82
C SER A 3 -6.99 18.61 0.52
N GLY A 4 -6.47 17.99 1.56
CA GLY A 4 -5.61 16.84 1.39
C GLY A 4 -5.28 16.15 2.70
N SER A 5 -6.29 15.53 3.30
CA SER A 5 -6.11 14.83 4.57
C SER A 5 -5.21 15.63 5.51
N SER A 6 -5.43 16.94 5.56
CA SER A 6 -4.64 17.82 6.41
C SER A 6 -5.01 17.63 7.88
N GLY A 7 -4.15 16.93 8.61
CA GLY A 7 -4.40 16.69 10.03
C GLY A 7 -3.33 17.29 10.92
N GLN A 8 -3.68 17.53 12.17
CA GLN A 8 -2.74 18.11 13.12
C GLN A 8 -2.18 17.04 14.05
N LYS A 9 -2.97 16.01 14.31
CA LYS A 9 -2.55 14.91 15.18
C LYS A 9 -1.61 13.97 14.45
N ARG A 10 -0.44 13.74 15.05
CA ARG A 10 0.56 12.86 14.45
C ARG A 10 0.02 11.43 14.33
N ALA A 11 0.27 10.81 13.18
CA ALA A 11 -0.18 9.45 12.94
C ALA A 11 0.62 8.80 11.83
N TRP A 12 0.94 7.52 12.00
CA TRP A 12 1.71 6.77 11.02
C TRP A 12 0.97 6.71 9.68
N ILE A 13 1.23 7.70 8.82
CA ILE A 13 0.59 7.76 7.52
C ILE A 13 1.60 7.49 6.40
N THR A 14 1.75 6.23 6.04
CA THR A 14 2.67 5.84 4.98
C THR A 14 2.59 6.79 3.79
N ALA A 15 3.73 7.12 3.21
CA ALA A 15 3.78 8.02 2.06
C ALA A 15 2.93 7.50 0.92
N PRO A 16 2.36 8.42 0.14
CA PRO A 16 1.50 8.07 -1.00
C PRO A 16 2.29 7.46 -2.15
N VAL A 17 1.80 6.33 -2.66
CA VAL A 17 2.46 5.64 -3.77
C VAL A 17 2.09 6.26 -5.11
N ALA A 18 3.07 6.37 -5.99
CA ALA A 18 2.85 6.95 -7.31
C ALA A 18 3.41 6.05 -8.41
N LEU A 19 2.56 5.19 -8.95
CA LEU A 19 2.97 4.26 -10.01
C LEU A 19 2.48 4.75 -11.36
N ARG A 20 3.05 4.17 -12.42
CA ARG A 20 2.66 4.54 -13.79
C ARG A 20 1.78 3.47 -14.41
N GLU A 21 0.81 3.91 -15.21
CA GLU A 21 -0.11 2.99 -15.87
C GLU A 21 0.36 2.67 -17.29
N GLY A 22 0.68 1.41 -17.53
CA GLY A 22 1.14 1.01 -18.85
C GLY A 22 2.29 0.01 -18.78
N GLU A 23 3.24 0.28 -17.89
CA GLU A 23 4.40 -0.59 -17.73
C GLU A 23 4.16 -1.62 -16.63
N ASP A 24 4.80 -2.77 -16.74
CA ASP A 24 4.67 -3.83 -15.75
C ASP A 24 5.45 -3.49 -14.49
N LEU A 25 4.78 -3.60 -13.35
CA LEU A 25 5.42 -3.30 -12.06
C LEU A 25 5.78 -4.58 -11.34
N SER A 26 6.84 -5.25 -11.79
CA SER A 26 7.30 -6.49 -11.19
C SER A 26 8.40 -6.23 -10.17
N LYS A 27 9.45 -5.54 -10.61
CA LYS A 27 10.57 -5.22 -9.73
C LYS A 27 10.19 -4.13 -8.74
N LYS A 28 9.22 -3.31 -9.12
CA LYS A 28 8.76 -2.22 -8.26
C LYS A 28 8.37 -2.75 -6.88
N ASN A 29 7.48 -3.73 -6.86
CA ASN A 29 7.03 -4.31 -5.60
C ASN A 29 8.20 -4.82 -4.78
N PRO A 30 8.04 -4.85 -3.46
CA PRO A 30 6.79 -4.40 -2.80
C PRO A 30 6.59 -2.89 -2.91
N ILE A 31 5.40 -2.48 -3.34
CA ILE A 31 5.08 -1.07 -3.47
C ILE A 31 4.47 -0.51 -2.20
N ALA A 32 4.59 -1.27 -1.11
CA ALA A 32 4.05 -0.85 0.18
C ALA A 32 4.47 -1.80 1.29
N LYS A 33 4.58 -1.28 2.50
CA LYS A 33 4.99 -2.08 3.65
C LYS A 33 4.69 -1.35 4.96
N ILE A 34 4.01 -2.03 5.87
CA ILE A 34 3.66 -1.44 7.16
C ILE A 34 4.57 -1.96 8.26
N HIS A 35 5.27 -1.04 8.93
CA HIS A 35 6.18 -1.41 10.02
C HIS A 35 5.47 -1.36 11.36
N SER A 36 5.32 -2.52 12.00
CA SER A 36 4.66 -2.60 13.29
C SER A 36 5.67 -2.62 14.42
N ASP A 37 6.85 -3.15 14.14
CA ASP A 37 7.92 -3.23 15.13
C ASP A 37 7.38 -3.71 16.47
N LEU A 38 6.26 -4.43 16.43
CA LEU A 38 5.64 -4.94 17.64
C LEU A 38 5.60 -6.47 17.63
N ALA A 39 5.69 -7.05 16.44
CA ALA A 39 5.66 -8.49 16.29
C ALA A 39 6.99 -9.12 16.70
N GLU A 40 8.08 -8.63 16.11
CA GLU A 40 9.41 -9.14 16.41
C GLU A 40 9.86 -8.70 17.80
N GLU A 41 9.18 -7.69 18.34
CA GLU A 41 9.50 -7.17 19.67
C GLU A 41 8.90 -8.06 20.76
N ARG A 42 7.60 -8.29 20.67
CA ARG A 42 6.89 -9.11 21.65
C ARG A 42 6.86 -10.57 21.20
N GLY A 43 7.12 -10.80 19.92
CA GLY A 43 7.10 -12.15 19.40
C GLY A 43 5.71 -12.63 19.06
N LEU A 44 4.85 -11.72 18.65
CA LEU A 44 3.48 -12.06 18.29
C LEU A 44 3.38 -12.55 16.85
N LYS A 45 2.26 -13.17 16.51
CA LYS A 45 2.05 -13.68 15.16
C LYS A 45 1.27 -12.68 14.32
N ILE A 46 1.34 -11.41 14.70
CA ILE A 46 0.64 -10.34 13.98
C ILE A 46 0.58 -10.65 12.48
N THR A 47 -0.52 -10.27 11.85
CA THR A 47 -0.70 -10.51 10.42
C THR A 47 -1.16 -9.24 9.71
N TYR A 48 -0.65 -9.01 8.51
CA TYR A 48 -1.01 -7.83 7.73
C TYR A 48 -2.06 -8.17 6.68
N LYS A 49 -3.15 -7.41 6.67
CA LYS A 49 -4.23 -7.63 5.72
C LYS A 49 -4.51 -6.37 4.91
N TYR A 50 -5.15 -6.52 3.76
CA TYR A 50 -5.47 -5.39 2.90
C TYR A 50 -6.86 -5.56 2.29
N THR A 51 -7.71 -4.55 2.48
CA THR A 51 -9.06 -4.58 1.95
C THR A 51 -9.39 -3.31 1.18
N GLY A 52 -10.04 -3.46 0.03
CA GLY A 52 -10.40 -2.31 -0.78
C GLY A 52 -10.36 -2.60 -2.26
N LYS A 53 -10.92 -1.70 -3.06
CA LYS A 53 -10.94 -1.87 -4.51
C LYS A 53 -9.65 -2.52 -5.00
N GLY A 54 -9.79 -3.55 -5.82
CA GLY A 54 -8.63 -4.23 -6.35
C GLY A 54 -8.41 -5.59 -5.72
N ILE A 55 -9.00 -5.79 -4.54
CA ILE A 55 -8.88 -7.04 -3.82
C ILE A 55 -10.23 -7.68 -3.56
N THR A 56 -11.05 -6.99 -2.76
CA THR A 56 -12.38 -7.49 -2.43
C THR A 56 -13.37 -7.14 -3.52
N GLU A 57 -13.52 -5.85 -3.81
CA GLU A 57 -14.43 -5.39 -4.84
C GLU A 57 -13.78 -5.42 -6.22
N PRO A 58 -14.57 -5.77 -7.25
CA PRO A 58 -14.08 -5.85 -8.63
C PRO A 58 -13.78 -4.47 -9.21
N PRO A 59 -12.83 -4.42 -10.15
CA PRO A 59 -12.12 -5.62 -10.62
C PRO A 59 -11.17 -6.17 -9.57
N PHE A 60 -11.28 -7.47 -9.30
CA PHE A 60 -10.43 -8.12 -8.32
C PHE A 60 -9.31 -8.90 -8.99
N GLY A 61 -8.45 -9.51 -8.18
CA GLY A 61 -7.34 -10.28 -8.72
C GLY A 61 -6.20 -9.39 -9.18
N ILE A 62 -6.09 -8.20 -8.59
CA ILE A 62 -5.04 -7.26 -8.94
C ILE A 62 -3.91 -7.28 -7.91
N PHE A 63 -4.20 -6.76 -6.73
CA PHE A 63 -3.22 -6.71 -5.65
C PHE A 63 -3.30 -7.97 -4.79
N VAL A 64 -2.15 -8.45 -4.32
CA VAL A 64 -2.09 -9.63 -3.49
C VAL A 64 -1.23 -9.40 -2.25
N PHE A 65 -1.44 -10.21 -1.23
CA PHE A 65 -0.68 -10.09 0.01
C PHE A 65 -0.55 -11.44 0.71
N ASN A 66 0.53 -11.62 1.46
CA ASN A 66 0.77 -12.86 2.17
C ASN A 66 0.48 -12.71 3.66
N LYS A 67 0.50 -13.82 4.38
CA LYS A 67 0.23 -13.81 5.82
C LYS A 67 1.53 -13.78 6.62
N ASP A 68 2.45 -14.68 6.27
CA ASP A 68 3.74 -14.76 6.94
C ASP A 68 4.53 -13.48 6.77
N THR A 69 5.08 -13.28 5.58
CA THR A 69 5.85 -12.08 5.28
C THR A 69 4.97 -10.84 5.22
N GLY A 70 3.89 -10.94 4.45
CA GLY A 70 2.98 -9.81 4.32
C GLY A 70 3.54 -8.70 3.47
N GLU A 71 3.56 -8.90 2.16
CA GLU A 71 4.09 -7.91 1.24
C GLU A 71 3.09 -7.61 0.13
N LEU A 72 3.02 -6.34 -0.27
CA LEU A 72 2.10 -5.92 -1.32
C LEU A 72 2.74 -6.06 -2.70
N ASN A 73 2.03 -6.70 -3.62
CA ASN A 73 2.53 -6.90 -4.97
C ASN A 73 1.39 -6.82 -5.99
N VAL A 74 1.48 -5.86 -6.89
CA VAL A 74 0.46 -5.67 -7.92
C VAL A 74 0.66 -6.66 -9.07
N THR A 75 -0.38 -7.39 -9.41
CA THR A 75 -0.32 -8.37 -10.49
C THR A 75 -1.18 -7.93 -11.67
N SER A 76 -1.14 -6.64 -11.98
CA SER A 76 -1.91 -6.10 -13.09
C SER A 76 -1.37 -4.72 -13.51
N ILE A 77 -1.69 -4.33 -14.73
CA ILE A 77 -1.24 -3.04 -15.24
C ILE A 77 -2.26 -1.94 -14.96
N LEU A 78 -2.00 -1.16 -13.91
CA LEU A 78 -2.90 -0.08 -13.53
C LEU A 78 -3.35 0.72 -14.76
N ASP A 79 -4.51 1.35 -14.66
CA ASP A 79 -5.04 2.15 -15.75
C ASP A 79 -5.88 3.31 -15.22
N ARG A 80 -5.62 4.50 -15.74
CA ARG A 80 -6.35 5.69 -15.32
C ARG A 80 -7.78 5.68 -15.86
N GLU A 81 -7.90 5.39 -17.16
CA GLU A 81 -9.21 5.35 -17.80
C GLU A 81 -10.20 4.52 -16.97
N GLU A 82 -9.79 3.32 -16.60
CA GLU A 82 -10.63 2.42 -15.81
C GLU A 82 -10.79 2.95 -14.39
N THR A 83 -9.66 3.12 -13.69
CA THR A 83 -9.67 3.62 -12.33
C THR A 83 -8.66 4.75 -12.14
N PRO A 84 -9.12 5.87 -11.59
CA PRO A 84 -8.28 7.04 -11.34
C PRO A 84 -7.26 6.80 -10.23
N PHE A 85 -7.66 6.05 -9.22
CA PHE A 85 -6.79 5.75 -8.09
C PHE A 85 -7.31 4.53 -7.32
N PHE A 86 -6.51 4.07 -6.36
CA PHE A 86 -6.87 2.91 -5.55
C PHE A 86 -6.80 3.24 -4.07
N LEU A 87 -7.95 3.16 -3.40
CA LEU A 87 -8.02 3.45 -1.97
C LEU A 87 -8.01 2.16 -1.14
N LEU A 88 -6.86 1.86 -0.55
CA LEU A 88 -6.71 0.67 0.26
C LEU A 88 -6.57 1.02 1.74
N THR A 89 -6.36 0.01 2.57
CA THR A 89 -6.20 0.22 4.00
C THR A 89 -5.52 -0.98 4.66
N GLY A 90 -4.52 -0.69 5.50
CA GLY A 90 -3.80 -1.76 6.18
C GLY A 90 -4.36 -2.04 7.56
N TYR A 91 -4.37 -3.31 7.94
CA TYR A 91 -4.88 -3.71 9.24
C TYR A 91 -3.93 -4.70 9.92
N ALA A 92 -3.26 -4.23 10.98
CA ALA A 92 -2.33 -5.07 11.71
C ALA A 92 -3.05 -5.94 12.73
N LEU A 93 -3.60 -7.06 12.28
CA LEU A 93 -4.32 -7.97 13.16
C LEU A 93 -3.36 -8.69 14.10
N ASP A 94 -3.78 -8.83 15.35
CA ASP A 94 -2.96 -9.51 16.36
C ASP A 94 -3.08 -11.03 16.23
N ALA A 95 -2.27 -11.75 17.00
CA ALA A 95 -2.29 -13.20 16.97
C ALA A 95 -3.72 -13.74 16.88
N ARG A 96 -4.62 -13.12 17.63
CA ARG A 96 -6.02 -13.52 17.63
C ARG A 96 -6.69 -13.20 16.30
N GLY A 97 -6.40 -12.02 15.77
CA GLY A 97 -6.97 -11.61 14.50
C GLY A 97 -7.85 -10.38 14.62
N ASN A 98 -7.53 -9.54 15.60
CA ASN A 98 -8.29 -8.32 15.82
C ASN A 98 -7.44 -7.08 15.57
N ASN A 99 -8.01 -6.09 14.90
CA ASN A 99 -7.30 -4.86 14.58
C ASN A 99 -7.07 -4.03 15.84
N VAL A 100 -6.06 -4.40 16.61
CA VAL A 100 -5.73 -3.68 17.84
C VAL A 100 -5.16 -2.30 17.54
N GLU A 101 -4.66 -2.13 16.33
CA GLU A 101 -4.09 -0.85 15.92
C GLU A 101 -5.02 -0.11 14.96
N LYS A 102 -4.87 1.21 14.90
CA LYS A 102 -5.70 2.03 14.03
C LYS A 102 -5.30 1.86 12.57
N PRO A 103 -6.27 1.56 11.70
CA PRO A 103 -6.04 1.37 10.28
C PRO A 103 -5.69 2.68 9.56
N LEU A 104 -4.52 2.71 8.94
CA LEU A 104 -4.07 3.91 8.23
C LEU A 104 -4.77 4.03 6.87
N GLU A 105 -4.68 5.21 6.27
CA GLU A 105 -5.30 5.45 4.97
C GLU A 105 -4.24 5.49 3.87
N LEU A 106 -4.25 4.47 3.02
CA LEU A 106 -3.31 4.38 1.91
C LEU A 106 -4.00 4.59 0.57
N ARG A 107 -3.49 5.52 -0.22
CA ARG A 107 -4.06 5.80 -1.54
C ARG A 107 -2.99 5.78 -2.62
N ILE A 108 -3.28 5.11 -3.72
CA ILE A 108 -2.34 5.01 -4.83
C ILE A 108 -2.78 5.89 -6.00
N LYS A 109 -1.89 6.80 -6.40
CA LYS A 109 -2.17 7.72 -7.50
C LYS A 109 -1.70 7.13 -8.82
N VAL A 110 -2.62 7.01 -9.77
CA VAL A 110 -2.29 6.47 -11.09
C VAL A 110 -1.73 7.55 -12.01
N LEU A 111 -0.42 7.49 -12.23
CA LEU A 111 0.25 8.46 -13.09
C LEU A 111 0.01 8.14 -14.56
N ASP A 112 -0.25 9.17 -15.35
CA ASP A 112 -0.50 9.00 -16.78
C ASP A 112 0.77 8.52 -17.49
N ILE A 113 0.59 7.94 -18.67
CA ILE A 113 1.72 7.44 -19.45
C ILE A 113 2.68 8.57 -19.82
N ASN A 114 2.13 9.76 -20.02
CA ASN A 114 2.93 10.93 -20.38
C ASN A 114 3.16 11.82 -19.16
N ASP A 115 3.30 11.21 -18.00
CA ASP A 115 3.52 11.96 -16.76
C ASP A 115 4.67 12.94 -16.92
N ASN A 116 5.90 12.42 -16.91
CA ASN A 116 7.08 13.25 -17.06
C ASN A 116 7.08 14.39 -16.03
N GLU A 117 6.50 14.12 -14.86
CA GLU A 117 6.43 15.11 -13.80
C GLU A 117 7.83 15.56 -13.38
N PRO A 118 7.95 16.85 -13.03
CA PRO A 118 9.22 17.43 -12.60
C PRO A 118 9.67 16.92 -11.24
N VAL A 119 10.91 17.25 -10.86
CA VAL A 119 11.45 16.82 -9.58
C VAL A 119 11.28 17.90 -8.53
N PHE A 120 10.99 17.48 -7.29
CA PHE A 120 10.80 18.41 -6.19
C PHE A 120 11.60 17.96 -4.97
N THR A 121 12.21 18.93 -4.29
CA THR A 121 13.00 18.65 -3.10
C THR A 121 12.25 19.00 -1.82
N GLN A 122 12.56 18.31 -0.75
CA GLN A 122 11.91 18.56 0.54
C GLN A 122 12.87 19.17 1.54
N ASP A 123 12.69 20.45 1.81
CA ASP A 123 13.55 21.16 2.76
C ASP A 123 13.95 20.26 3.92
N GLY A 1 0.40 22.22 -6.68
CA GLY A 1 1.82 22.48 -6.57
C GLY A 1 2.41 21.95 -5.28
N SER A 2 3.29 20.95 -5.40
CA SER A 2 3.92 20.34 -4.23
C SER A 2 5.21 19.63 -4.62
N SER A 3 6.26 19.84 -3.84
CA SER A 3 7.55 19.22 -4.10
C SER A 3 8.40 19.17 -2.84
N GLY A 4 8.97 18.00 -2.57
CA GLY A 4 9.80 17.84 -1.39
C GLY A 4 9.73 16.43 -0.83
N SER A 5 10.87 15.95 -0.32
CA SER A 5 10.94 14.60 0.23
C SER A 5 11.21 14.66 1.74
N SER A 6 10.18 14.37 2.53
CA SER A 6 10.30 14.40 3.98
C SER A 6 9.78 13.10 4.59
N GLY A 7 10.25 12.79 5.80
CA GLY A 7 9.82 11.57 6.47
C GLY A 7 10.81 10.44 6.30
N GLN A 8 11.75 10.34 7.24
CA GLN A 8 12.76 9.28 7.19
C GLN A 8 12.85 8.55 8.52
N LYS A 9 11.69 8.27 9.11
CA LYS A 9 11.63 7.56 10.39
C LYS A 9 10.74 6.32 10.29
N ARG A 10 11.12 5.28 11.00
CA ARG A 10 10.36 4.03 10.99
C ARG A 10 9.12 4.14 11.88
N ALA A 11 8.01 4.61 11.30
CA ALA A 11 6.77 4.76 12.04
C ALA A 11 5.61 4.11 11.29
N TRP A 12 4.62 3.63 12.03
CA TRP A 12 3.45 2.99 11.44
C TRP A 12 3.02 3.72 10.18
N ILE A 13 2.92 5.05 10.26
CA ILE A 13 2.53 5.86 9.12
C ILE A 13 3.41 5.59 7.91
N THR A 14 2.78 5.43 6.74
CA THR A 14 3.51 5.17 5.51
C THR A 14 3.32 6.30 4.50
N ALA A 15 4.28 6.44 3.60
CA ALA A 15 4.20 7.49 2.58
C ALA A 15 3.27 7.09 1.45
N PRO A 16 2.87 8.07 0.62
CA PRO A 16 1.98 7.83 -0.52
C PRO A 16 2.63 7.03 -1.63
N VAL A 17 1.82 6.37 -2.45
CA VAL A 17 2.33 5.56 -3.56
C VAL A 17 1.88 6.12 -4.90
N ALA A 18 2.84 6.44 -5.75
CA ALA A 18 2.54 6.99 -7.07
C ALA A 18 3.08 6.09 -8.17
N LEU A 19 2.20 5.32 -8.80
CA LEU A 19 2.59 4.42 -9.88
C LEU A 19 2.13 4.95 -11.23
N ARG A 20 2.74 4.43 -12.30
CA ARG A 20 2.39 4.86 -13.64
C ARG A 20 1.30 3.96 -14.23
N GLU A 21 0.69 4.41 -15.31
CA GLU A 21 -0.37 3.66 -15.97
C GLU A 21 0.04 3.26 -17.38
N GLY A 22 0.05 1.95 -17.65
CA GLY A 22 0.43 1.46 -18.96
C GLY A 22 1.71 0.67 -18.93
N GLU A 23 2.70 1.16 -18.20
CA GLU A 23 3.99 0.50 -18.10
C GLU A 23 3.90 -0.74 -17.20
N ASP A 24 4.72 -1.74 -17.51
CA ASP A 24 4.72 -2.98 -16.73
C ASP A 24 5.46 -2.79 -15.41
N LEU A 25 4.76 -2.30 -14.40
CA LEU A 25 5.36 -2.07 -13.09
C LEU A 25 5.39 -3.37 -12.28
N SER A 26 5.82 -4.45 -12.92
CA SER A 26 5.91 -5.74 -12.27
C SER A 26 7.24 -5.89 -11.53
N LYS A 27 8.32 -5.51 -12.19
CA LYS A 27 9.65 -5.60 -11.60
C LYS A 27 9.81 -4.61 -10.45
N LYS A 28 9.37 -3.37 -10.67
CA LYS A 28 9.44 -2.34 -9.65
C LYS A 28 9.09 -2.90 -8.28
N ASN A 29 8.01 -3.69 -8.23
CA ASN A 29 7.56 -4.28 -6.98
C ASN A 29 8.74 -4.73 -6.13
N PRO A 30 8.56 -4.74 -4.80
CA PRO A 30 7.29 -4.35 -4.19
C PRO A 30 7.03 -2.84 -4.31
N ILE A 31 5.76 -2.48 -4.39
CA ILE A 31 5.38 -1.08 -4.51
C ILE A 31 5.03 -0.48 -3.15
N ALA A 32 4.85 -1.35 -2.16
CA ALA A 32 4.52 -0.90 -0.81
C ALA A 32 4.74 -2.02 0.20
N LYS A 33 5.26 -1.66 1.37
CA LYS A 33 5.51 -2.64 2.43
C LYS A 33 5.05 -2.11 3.78
N ILE A 34 4.40 -2.97 4.55
CA ILE A 34 3.90 -2.59 5.87
C ILE A 34 4.16 -3.69 6.89
N HIS A 35 4.62 -3.29 8.08
CA HIS A 35 4.91 -4.24 9.14
C HIS A 35 4.87 -3.55 10.50
N SER A 36 4.20 -4.20 11.46
CA SER A 36 4.08 -3.65 12.80
C SER A 36 5.34 -3.92 13.62
N ASP A 37 5.42 -3.31 14.80
CA ASP A 37 6.56 -3.48 15.67
C ASP A 37 6.23 -4.42 16.84
N LEU A 38 5.20 -4.07 17.58
CA LEU A 38 4.77 -4.87 18.72
C LEU A 38 4.93 -6.36 18.44
N ALA A 39 4.25 -6.83 17.40
CA ALA A 39 4.31 -8.23 17.02
C ALA A 39 5.73 -8.77 17.17
N GLU A 40 6.69 -8.11 16.53
CA GLU A 40 8.09 -8.52 16.59
C GLU A 40 8.68 -8.23 17.96
N GLU A 41 8.72 -6.94 18.31
CA GLU A 41 9.26 -6.52 19.61
C GLU A 41 8.91 -7.53 20.69
N ARG A 42 7.62 -7.69 20.94
CA ARG A 42 7.15 -8.61 21.98
C ARG A 42 7.14 -10.04 21.44
N GLY A 43 6.38 -10.28 20.37
CA GLY A 43 6.30 -11.60 19.78
C GLY A 43 4.87 -12.07 19.61
N LEU A 44 4.02 -11.18 19.11
CA LEU A 44 2.62 -11.51 18.88
C LEU A 44 2.40 -12.06 17.49
N LYS A 45 1.26 -12.72 17.29
CA LYS A 45 0.93 -13.29 15.98
C LYS A 45 0.01 -12.36 15.20
N ILE A 46 0.14 -11.06 15.44
CA ILE A 46 -0.67 -10.07 14.76
C ILE A 46 -0.68 -10.31 13.26
N THR A 47 -1.88 -10.28 12.67
CA THR A 47 -2.03 -10.49 11.23
C THR A 47 -2.50 -9.22 10.54
N TYR A 48 -2.02 -9.00 9.32
CA TYR A 48 -2.40 -7.82 8.54
C TYR A 48 -3.54 -8.16 7.58
N LYS A 49 -4.10 -7.12 6.97
CA LYS A 49 -5.19 -7.29 6.03
C LYS A 49 -5.36 -6.05 5.14
N TYR A 50 -5.78 -6.26 3.91
CA TYR A 50 -5.97 -5.15 2.97
C TYR A 50 -7.43 -5.06 2.53
N THR A 51 -7.95 -3.85 2.47
CA THR A 51 -9.34 -3.62 2.06
C THR A 51 -9.44 -2.49 1.05
N GLY A 52 -10.08 -2.77 -0.08
CA GLY A 52 -10.23 -1.77 -1.12
C GLY A 52 -10.30 -2.37 -2.50
N LYS A 53 -10.84 -1.61 -3.45
CA LYS A 53 -10.96 -2.07 -4.83
C LYS A 53 -9.66 -2.70 -5.31
N GLY A 54 -9.78 -3.81 -6.04
CA GLY A 54 -8.60 -4.49 -6.55
C GLY A 54 -8.27 -5.75 -5.77
N ILE A 55 -8.53 -5.72 -4.47
CA ILE A 55 -8.27 -6.86 -3.62
C ILE A 55 -9.55 -7.57 -3.20
N THR A 56 -10.49 -6.79 -2.66
CA THR A 56 -11.78 -7.34 -2.23
C THR A 56 -12.85 -7.13 -3.30
N GLU A 57 -13.06 -5.87 -3.67
CA GLU A 57 -14.06 -5.53 -4.68
C GLU A 57 -13.49 -5.69 -6.09
N PRO A 58 -14.36 -6.04 -7.04
CA PRO A 58 -13.96 -6.23 -8.44
C PRO A 58 -13.60 -4.92 -9.13
N PRO A 59 -12.62 -4.98 -10.05
CA PRO A 59 -11.93 -6.23 -10.38
C PRO A 59 -11.03 -6.72 -9.25
N PHE A 60 -11.07 -8.02 -8.99
CA PHE A 60 -10.27 -8.63 -7.94
C PHE A 60 -9.16 -9.50 -8.52
N GLY A 61 -8.00 -9.50 -7.86
CA GLY A 61 -6.89 -10.31 -8.33
C GLY A 61 -5.72 -9.45 -8.80
N ILE A 62 -6.03 -8.23 -9.23
CA ILE A 62 -5.00 -7.31 -9.70
C ILE A 62 -3.89 -7.13 -8.67
N PHE A 63 -4.29 -6.89 -7.42
CA PHE A 63 -3.32 -6.72 -6.34
C PHE A 63 -3.09 -8.02 -5.58
N VAL A 64 -1.85 -8.27 -5.22
CA VAL A 64 -1.49 -9.48 -4.49
C VAL A 64 -0.83 -9.16 -3.16
N PHE A 65 -1.18 -9.93 -2.12
CA PHE A 65 -0.62 -9.71 -0.79
C PHE A 65 -1.01 -10.85 0.14
N ASN A 66 -0.33 -10.93 1.28
CA ASN A 66 -0.60 -11.98 2.27
C ASN A 66 -0.93 -11.37 3.63
N LYS A 67 -1.62 -12.14 4.46
CA LYS A 67 -1.99 -11.68 5.79
C LYS A 67 -0.81 -11.78 6.75
N ASP A 68 0.15 -12.64 6.42
CA ASP A 68 1.33 -12.83 7.26
C ASP A 68 2.39 -11.77 6.94
N THR A 69 2.80 -11.70 5.68
CA THR A 69 3.80 -10.73 5.26
C THR A 69 3.20 -9.34 5.11
N GLY A 70 1.99 -9.27 4.53
CA GLY A 70 1.33 -8.01 4.34
C GLY A 70 1.82 -7.28 3.10
N GLU A 71 2.99 -7.66 2.61
CA GLU A 71 3.57 -7.03 1.42
C GLU A 71 2.53 -6.96 0.30
N LEU A 72 2.45 -5.79 -0.33
CA LEU A 72 1.51 -5.59 -1.43
C LEU A 72 2.24 -5.44 -2.76
N ASN A 73 1.58 -5.88 -3.83
CA ASN A 73 2.16 -5.80 -5.17
C ASN A 73 1.08 -5.69 -6.23
N VAL A 74 1.48 -5.25 -7.42
CA VAL A 74 0.53 -5.10 -8.52
C VAL A 74 0.95 -5.95 -9.72
N THR A 75 0.09 -6.88 -10.11
CA THR A 75 0.36 -7.76 -11.24
C THR A 75 -0.53 -7.43 -12.43
N SER A 76 -0.67 -6.14 -12.71
CA SER A 76 -1.50 -5.68 -13.82
C SER A 76 -1.16 -4.24 -14.21
N ILE A 77 -1.42 -3.89 -15.46
CA ILE A 77 -1.15 -2.55 -15.95
C ILE A 77 -2.22 -1.57 -15.52
N LEU A 78 -2.00 -0.92 -14.38
CA LEU A 78 -2.95 0.05 -13.84
C LEU A 78 -3.64 0.81 -14.96
N ASP A 79 -4.96 0.78 -14.97
CA ASP A 79 -5.73 1.48 -16.00
C ASP A 79 -6.36 2.75 -15.43
N ARG A 80 -5.77 3.90 -15.75
CA ARG A 80 -6.27 5.18 -15.28
C ARG A 80 -7.72 5.39 -15.70
N GLU A 81 -8.00 5.18 -16.99
CA GLU A 81 -9.34 5.35 -17.53
C GLU A 81 -10.36 4.59 -16.68
N GLU A 82 -10.06 3.33 -16.38
CA GLU A 82 -10.95 2.49 -15.58
C GLU A 82 -10.90 2.90 -14.12
N THR A 83 -9.79 2.58 -13.46
CA THR A 83 -9.62 2.92 -12.05
C THR A 83 -8.74 4.15 -11.88
N PRO A 84 -9.36 5.27 -11.48
CA PRO A 84 -8.66 6.54 -11.26
C PRO A 84 -7.75 6.50 -10.04
N PHE A 85 -8.10 5.66 -9.07
CA PHE A 85 -7.32 5.53 -7.85
C PHE A 85 -7.70 4.26 -7.10
N PHE A 86 -6.75 3.74 -6.32
CA PHE A 86 -6.98 2.53 -5.54
C PHE A 86 -6.87 2.80 -4.05
N LEU A 87 -7.94 3.34 -3.47
CA LEU A 87 -7.96 3.66 -2.04
C LEU A 87 -7.93 2.38 -1.20
N LEU A 88 -6.79 2.10 -0.60
CA LEU A 88 -6.63 0.92 0.23
C LEU A 88 -6.35 1.30 1.68
N THR A 89 -6.40 0.31 2.57
CA THR A 89 -6.15 0.55 3.99
C THR A 89 -5.64 -0.71 4.67
N GLY A 90 -4.66 -0.55 5.55
CA GLY A 90 -4.10 -1.68 6.26
C GLY A 90 -4.71 -1.87 7.64
N TYR A 91 -4.86 -3.12 8.06
CA TYR A 91 -5.44 -3.43 9.36
C TYR A 91 -4.51 -4.33 10.17
N ALA A 92 -4.59 -4.21 11.49
CA ALA A 92 -3.77 -5.02 12.38
C ALA A 92 -4.62 -5.89 13.28
N LEU A 93 -5.05 -7.04 12.75
CA LEU A 93 -5.88 -7.97 13.52
C LEU A 93 -5.09 -8.60 14.65
N ASP A 94 -5.80 -9.06 15.67
CA ASP A 94 -5.16 -9.69 16.82
C ASP A 94 -5.70 -11.10 17.04
N ALA A 95 -6.96 -11.18 17.47
CA ALA A 95 -7.60 -12.48 17.71
C ALA A 95 -8.98 -12.54 17.06
N ARG A 96 -9.89 -11.70 17.53
CA ARG A 96 -11.24 -11.66 16.99
C ARG A 96 -11.24 -11.22 15.54
N GLY A 97 -10.34 -10.29 15.20
CA GLY A 97 -10.24 -9.80 13.84
C GLY A 97 -10.80 -8.40 13.69
N ASN A 98 -10.68 -7.60 14.75
CA ASN A 98 -11.18 -6.23 14.74
C ASN A 98 -10.04 -5.24 14.96
N ASN A 99 -9.85 -4.33 14.01
CA ASN A 99 -8.80 -3.32 14.11
C ASN A 99 -8.61 -2.88 15.56
N VAL A 100 -7.50 -3.30 16.16
CA VAL A 100 -7.20 -2.94 17.55
C VAL A 100 -6.22 -1.78 17.61
N GLU A 101 -5.45 -1.60 16.54
CA GLU A 101 -4.46 -0.53 16.47
C GLU A 101 -4.79 0.44 15.33
N LYS A 102 -4.37 1.69 15.49
CA LYS A 102 -4.62 2.72 14.49
C LYS A 102 -4.18 2.24 13.10
N PRO A 103 -5.16 1.92 12.24
CA PRO A 103 -4.89 1.45 10.88
C PRO A 103 -4.32 2.54 9.99
N LEU A 104 -3.20 2.23 9.32
CA LEU A 104 -2.56 3.20 8.44
C LEU A 104 -3.39 3.42 7.17
N GLU A 105 -3.07 4.49 6.45
CA GLU A 105 -3.79 4.80 5.21
C GLU A 105 -2.88 4.69 4.00
N LEU A 106 -3.21 3.79 3.09
CA LEU A 106 -2.42 3.58 1.89
C LEU A 106 -3.16 4.07 0.66
N ARG A 107 -2.54 4.97 -0.09
CA ARG A 107 -3.14 5.51 -1.30
C ARG A 107 -2.25 5.28 -2.51
N ILE A 108 -2.87 4.91 -3.63
CA ILE A 108 -2.13 4.65 -4.86
C ILE A 108 -2.69 5.47 -6.02
N LYS A 109 -2.26 6.72 -6.13
CA LYS A 109 -2.72 7.60 -7.19
C LYS A 109 -2.16 7.16 -8.53
N VAL A 110 -3.05 6.73 -9.42
CA VAL A 110 -2.65 6.29 -10.76
C VAL A 110 -2.22 7.46 -11.62
N LEU A 111 -0.97 7.42 -12.08
CA LEU A 111 -0.44 8.49 -12.93
C LEU A 111 -0.56 8.13 -14.40
N ASP A 112 -0.32 9.10 -15.27
CA ASP A 112 -0.40 8.89 -16.71
C ASP A 112 0.91 8.36 -17.26
N ILE A 113 0.84 7.72 -18.43
CA ILE A 113 2.03 7.17 -19.06
C ILE A 113 3.04 8.26 -19.37
N ASN A 114 2.55 9.42 -19.82
CA ASN A 114 3.42 10.54 -20.15
C ASN A 114 4.15 11.05 -18.91
N ASP A 115 3.40 11.28 -17.84
CA ASP A 115 3.96 11.77 -16.59
C ASP A 115 5.22 10.99 -16.23
N ASN A 116 6.31 11.72 -16.02
CA ASN A 116 7.59 11.09 -15.66
C ASN A 116 8.19 11.75 -14.42
N GLU A 117 8.93 10.96 -13.64
CA GLU A 117 9.55 11.46 -12.43
C GLU A 117 11.06 11.67 -12.63
N PRO A 118 11.63 12.62 -11.88
CA PRO A 118 13.06 12.93 -11.96
C PRO A 118 13.93 11.82 -11.38
N VAL A 119 15.23 11.89 -11.64
CA VAL A 119 16.17 10.88 -11.15
C VAL A 119 15.97 10.64 -9.65
N PHE A 120 16.11 9.38 -9.24
CA PHE A 120 15.95 9.02 -7.84
C PHE A 120 17.31 8.81 -7.17
N THR A 121 17.43 9.25 -5.93
CA THR A 121 18.67 9.11 -5.17
C THR A 121 18.47 8.24 -3.93
N GLN A 122 19.39 7.30 -3.74
CA GLN A 122 19.32 6.40 -2.58
C GLN A 122 20.55 5.50 -2.52
N ASP A 123 20.70 4.80 -1.40
CA ASP A 123 21.84 3.90 -1.21
C ASP A 123 22.10 3.08 -2.47
N GLY A 1 14.95 3.76 5.20
CA GLY A 1 15.88 4.43 6.08
C GLY A 1 15.57 5.90 6.26
N SER A 2 15.39 6.60 5.14
CA SER A 2 15.09 8.03 5.18
C SER A 2 14.15 8.36 6.34
N SER A 3 14.37 9.51 6.95
CA SER A 3 13.55 9.95 8.08
C SER A 3 12.90 11.29 7.79
N GLY A 4 11.89 11.64 8.59
CA GLY A 4 11.20 12.90 8.40
C GLY A 4 10.93 13.62 9.71
N SER A 5 9.79 14.29 9.80
CA SER A 5 9.42 15.01 11.00
C SER A 5 8.39 14.24 11.82
N SER A 6 8.31 14.56 13.11
CA SER A 6 7.38 13.88 14.01
C SER A 6 5.94 14.27 13.69
N GLY A 7 5.03 13.30 13.74
CA GLY A 7 3.63 13.57 13.46
C GLY A 7 2.80 13.70 14.72
N GLN A 8 1.84 14.61 14.69
CA GLN A 8 0.97 14.83 15.84
C GLN A 8 0.22 13.55 16.21
N LYS A 9 -0.12 12.77 15.20
CA LYS A 9 -0.84 11.51 15.42
C LYS A 9 0.09 10.43 15.95
N ARG A 10 -0.38 9.69 16.96
CA ARG A 10 0.41 8.63 17.56
C ARG A 10 0.32 7.35 16.72
N ALA A 11 1.20 7.24 15.74
CA ALA A 11 1.23 6.06 14.88
C ALA A 11 2.48 6.05 14.00
N TRP A 12 2.69 4.95 13.30
CA TRP A 12 3.86 4.80 12.42
C TRP A 12 3.82 5.85 11.31
N ILE A 13 4.92 5.93 10.56
CA ILE A 13 5.01 6.88 9.45
C ILE A 13 4.93 6.18 8.11
N THR A 14 4.20 6.77 7.17
CA THR A 14 4.04 6.20 5.85
C THR A 14 3.98 7.29 4.78
N ALA A 15 4.38 6.94 3.56
CA ALA A 15 4.36 7.90 2.46
C ALA A 15 3.39 7.46 1.37
N PRO A 16 3.02 8.39 0.48
CA PRO A 16 2.10 8.11 -0.63
C PRO A 16 2.73 7.22 -1.69
N VAL A 17 1.91 6.33 -2.26
CA VAL A 17 2.38 5.42 -3.29
C VAL A 17 1.86 5.82 -4.67
N ALA A 18 2.75 6.34 -5.50
CA ALA A 18 2.38 6.77 -6.84
C ALA A 18 2.92 5.80 -7.89
N LEU A 19 2.12 4.79 -8.21
CA LEU A 19 2.50 3.79 -9.20
C LEU A 19 2.15 4.26 -10.61
N ARG A 20 2.89 3.75 -11.59
CA ARG A 20 2.67 4.11 -12.99
C ARG A 20 1.99 2.96 -13.74
N GLU A 21 1.39 3.30 -14.88
CA GLU A 21 0.70 2.30 -15.70
C GLU A 21 1.58 1.83 -16.85
N GLY A 22 1.87 0.54 -16.87
CA GLY A 22 2.71 -0.01 -17.93
C GLY A 22 3.66 -1.08 -17.42
N GLU A 23 3.78 -2.17 -18.17
CA GLU A 23 4.64 -3.28 -17.79
C GLU A 23 4.17 -3.91 -16.47
N ASP A 24 2.88 -3.79 -16.19
CA ASP A 24 2.30 -4.34 -14.98
C ASP A 24 3.26 -4.20 -13.81
N LEU A 25 4.12 -3.19 -13.88
CA LEU A 25 5.08 -2.93 -12.82
C LEU A 25 5.54 -4.24 -12.17
N SER A 26 5.93 -5.20 -13.00
CA SER A 26 6.39 -6.49 -12.52
C SER A 26 7.76 -6.37 -11.86
N LYS A 27 8.69 -5.75 -12.57
CA LYS A 27 10.04 -5.56 -12.06
C LYS A 27 10.12 -4.34 -11.15
N LYS A 28 9.06 -4.11 -10.37
CA LYS A 28 9.01 -2.98 -9.47
C LYS A 28 8.77 -3.45 -8.03
N ASN A 29 7.88 -4.42 -7.87
CA ASN A 29 7.56 -4.96 -6.55
C ASN A 29 8.81 -5.48 -5.86
N PRO A 30 8.81 -5.43 -4.52
CA PRO A 30 7.67 -4.92 -3.75
C PRO A 30 7.50 -3.42 -3.90
N ILE A 31 6.29 -2.93 -3.65
CA ILE A 31 6.00 -1.51 -3.75
C ILE A 31 5.66 -0.92 -2.39
N ALA A 32 4.91 -1.67 -1.59
CA ALA A 32 4.52 -1.23 -0.27
C ALA A 32 5.08 -2.14 0.81
N LYS A 33 5.34 -1.59 1.99
CA LYS A 33 5.88 -2.36 3.10
C LYS A 33 5.50 -1.73 4.44
N ILE A 34 5.20 -2.58 5.42
CA ILE A 34 4.82 -2.09 6.75
C ILE A 34 5.29 -3.06 7.83
N HIS A 35 5.77 -2.51 8.94
CA HIS A 35 6.25 -3.32 10.06
C HIS A 35 6.04 -2.59 11.39
N SER A 36 5.13 -3.11 12.20
CA SER A 36 4.84 -2.50 13.50
C SER A 36 6.06 -2.58 14.42
N ASP A 37 6.48 -1.43 14.93
CA ASP A 37 7.63 -1.36 15.81
C ASP A 37 7.57 -2.47 16.86
N LEU A 38 6.49 -2.49 17.63
CA LEU A 38 6.31 -3.49 18.67
C LEU A 38 6.64 -4.88 18.14
N ALA A 39 6.15 -5.18 16.94
CA ALA A 39 6.39 -6.48 16.32
C ALA A 39 7.85 -6.90 16.47
N GLU A 40 8.76 -5.95 16.24
CA GLU A 40 10.18 -6.22 16.34
C GLU A 40 10.71 -5.80 17.71
N GLU A 41 10.56 -4.52 18.04
CA GLU A 41 11.02 -4.01 19.32
C GLU A 41 10.81 -5.03 20.44
N ARG A 42 9.60 -5.54 20.53
CA ARG A 42 9.26 -6.52 21.56
C ARG A 42 9.41 -7.94 21.01
N GLY A 43 8.59 -8.27 20.01
CA GLY A 43 8.65 -9.59 19.42
C GLY A 43 7.29 -10.25 19.34
N LEU A 44 6.29 -9.49 18.90
CA LEU A 44 4.93 -10.01 18.78
C LEU A 44 4.64 -10.47 17.35
N LYS A 45 3.57 -11.23 17.19
CA LYS A 45 3.18 -11.72 15.88
C LYS A 45 1.96 -10.98 15.35
N ILE A 46 2.20 -10.06 14.42
CA ILE A 46 1.12 -9.28 13.82
C ILE A 46 0.86 -9.69 12.38
N THR A 47 -0.40 -9.65 11.98
CA THR A 47 -0.78 -10.03 10.63
C THR A 47 -1.20 -8.80 9.81
N TYR A 48 -0.71 -8.73 8.58
CA TYR A 48 -1.02 -7.61 7.69
C TYR A 48 -2.16 -7.97 6.75
N LYS A 49 -3.20 -7.14 6.74
CA LYS A 49 -4.36 -7.36 5.88
C LYS A 49 -4.62 -6.15 5.00
N TYR A 50 -4.76 -6.39 3.70
CA TYR A 50 -5.02 -5.33 2.74
C TYR A 50 -6.41 -5.46 2.13
N THR A 51 -7.35 -4.67 2.64
CA THR A 51 -8.72 -4.70 2.14
C THR A 51 -9.08 -3.40 1.42
N GLY A 52 -9.77 -3.53 0.29
CA GLY A 52 -10.15 -2.36 -0.47
C GLY A 52 -10.45 -2.69 -1.93
N LYS A 53 -10.45 -1.66 -2.77
CA LYS A 53 -10.72 -1.85 -4.19
C LYS A 53 -9.67 -2.74 -4.84
N GLY A 54 -10.11 -3.60 -5.77
CA GLY A 54 -9.19 -4.50 -6.44
C GLY A 54 -9.04 -5.82 -5.71
N ILE A 55 -9.07 -5.78 -4.39
CA ILE A 55 -8.93 -6.98 -3.59
C ILE A 55 -10.30 -7.50 -3.15
N THR A 56 -11.11 -6.62 -2.58
CA THR A 56 -12.43 -7.00 -2.11
C THR A 56 -13.48 -6.77 -3.20
N GLU A 57 -13.37 -5.63 -3.89
CA GLU A 57 -14.31 -5.30 -4.96
C GLU A 57 -13.64 -5.44 -6.32
N PRO A 58 -14.46 -5.77 -7.34
CA PRO A 58 -13.98 -5.95 -8.72
C PRO A 58 -13.55 -4.63 -9.35
N PRO A 59 -12.65 -4.70 -10.34
CA PRO A 59 -12.10 -5.98 -10.80
C PRO A 59 -11.17 -6.63 -9.78
N PHE A 60 -11.15 -7.95 -9.74
CA PHE A 60 -10.31 -8.68 -8.80
C PHE A 60 -8.98 -9.06 -9.45
N GLY A 61 -8.05 -9.56 -8.64
CA GLY A 61 -6.76 -9.94 -9.15
C GLY A 61 -5.89 -8.76 -9.51
N ILE A 62 -5.86 -7.75 -8.64
CA ILE A 62 -5.08 -6.55 -8.88
C ILE A 62 -3.98 -6.40 -7.84
N PHE A 63 -4.29 -6.76 -6.61
CA PHE A 63 -3.32 -6.66 -5.51
C PHE A 63 -3.27 -7.96 -4.71
N VAL A 64 -2.07 -8.43 -4.43
CA VAL A 64 -1.88 -9.67 -3.68
C VAL A 64 -1.07 -9.42 -2.41
N PHE A 65 -1.59 -9.88 -1.27
CA PHE A 65 -0.91 -9.71 0.00
C PHE A 65 -0.93 -11.00 0.81
N ASN A 66 0.07 -11.18 1.66
CA ASN A 66 0.17 -12.38 2.49
C ASN A 66 0.45 -12.01 3.94
N LYS A 67 0.41 -13.01 4.82
CA LYS A 67 0.65 -12.78 6.23
C LYS A 67 1.96 -13.45 6.67
N ASP A 68 2.39 -14.45 5.90
CA ASP A 68 3.63 -15.16 6.21
C ASP A 68 4.81 -14.19 6.24
N THR A 69 4.97 -13.42 5.18
CA THR A 69 6.06 -12.47 5.08
C THR A 69 5.54 -11.03 5.12
N GLY A 70 4.54 -10.75 4.30
CA GLY A 70 3.97 -9.41 4.26
C GLY A 70 4.54 -8.58 3.14
N GLU A 71 3.89 -8.59 1.98
CA GLU A 71 4.35 -7.83 0.83
C GLU A 71 3.19 -7.53 -0.12
N LEU A 72 3.20 -6.34 -0.71
CA LEU A 72 2.16 -5.93 -1.63
C LEU A 72 2.67 -5.94 -3.08
N ASN A 73 2.18 -6.90 -3.85
CA ASN A 73 2.58 -7.04 -5.25
C ASN A 73 1.40 -6.81 -6.18
N VAL A 74 1.53 -5.83 -7.07
CA VAL A 74 0.46 -5.52 -8.01
C VAL A 74 0.44 -6.52 -9.16
N THR A 75 -0.71 -7.17 -9.35
CA THR A 75 -0.86 -8.16 -10.41
C THR A 75 -1.79 -7.63 -11.51
N SER A 76 -1.63 -6.36 -11.85
CA SER A 76 -2.45 -5.74 -12.88
C SER A 76 -1.81 -4.46 -13.40
N ILE A 77 -2.22 -4.03 -14.58
CA ILE A 77 -1.68 -2.81 -15.18
C ILE A 77 -2.61 -1.63 -14.96
N LEU A 78 -2.37 -0.87 -13.90
CA LEU A 78 -3.18 0.28 -13.58
C LEU A 78 -3.65 0.99 -14.85
N ASP A 79 -4.95 1.24 -14.94
CA ASP A 79 -5.52 1.90 -16.11
C ASP A 79 -6.26 3.17 -15.69
N ARG A 80 -5.57 4.30 -15.71
CA ARG A 80 -6.16 5.57 -15.34
C ARG A 80 -7.56 5.72 -15.93
N GLU A 81 -7.68 5.46 -17.22
CA GLU A 81 -8.96 5.56 -17.91
C GLU A 81 -10.10 5.00 -17.03
N GLU A 82 -9.94 3.75 -16.60
CA GLU A 82 -10.94 3.11 -15.76
C GLU A 82 -10.70 3.43 -14.29
N THR A 83 -9.58 2.94 -13.76
CA THR A 83 -9.23 3.18 -12.35
C THR A 83 -8.12 4.21 -12.23
N PRO A 84 -8.50 5.47 -11.98
CA PRO A 84 -7.55 6.56 -11.82
C PRO A 84 -6.72 6.45 -10.54
N PHE A 85 -7.26 5.72 -9.56
CA PHE A 85 -6.57 5.53 -8.29
C PHE A 85 -7.25 4.44 -7.47
N PHE A 86 -6.58 4.00 -6.40
CA PHE A 86 -7.12 2.97 -5.54
C PHE A 86 -7.05 3.39 -4.07
N LEU A 87 -7.95 2.84 -3.26
CA LEU A 87 -7.99 3.16 -1.83
C LEU A 87 -7.94 1.89 -0.99
N LEU A 88 -6.79 1.66 -0.35
CA LEU A 88 -6.61 0.48 0.49
C LEU A 88 -6.54 0.87 1.97
N THR A 89 -6.49 -0.13 2.84
CA THR A 89 -6.42 0.11 4.27
C THR A 89 -5.73 -1.04 4.99
N GLY A 90 -4.54 -0.77 5.53
CA GLY A 90 -3.79 -1.79 6.23
C GLY A 90 -4.35 -2.07 7.61
N TYR A 91 -4.45 -3.35 7.95
CA TYR A 91 -4.98 -3.76 9.25
C TYR A 91 -3.99 -4.66 9.98
N ALA A 92 -3.36 -4.12 11.01
CA ALA A 92 -2.40 -4.88 11.80
C ALA A 92 -3.08 -5.63 12.94
N LEU A 93 -3.78 -6.71 12.59
CA LEU A 93 -4.48 -7.52 13.57
C LEU A 93 -3.50 -8.17 14.55
N ASP A 94 -3.83 -8.11 15.84
CA ASP A 94 -2.99 -8.69 16.87
C ASP A 94 -3.01 -10.21 16.81
N ALA A 95 -2.24 -10.85 17.69
CA ALA A 95 -2.18 -12.31 17.72
C ALA A 95 -3.58 -12.91 17.74
N ARG A 96 -4.51 -12.21 18.36
CA ARG A 96 -5.90 -12.69 18.45
C ARG A 96 -6.60 -12.54 17.11
N GLY A 97 -6.39 -11.40 16.46
CA GLY A 97 -7.01 -11.15 15.17
C GLY A 97 -7.93 -9.94 15.20
N ASN A 98 -7.53 -8.91 15.95
CA ASN A 98 -8.33 -7.70 16.06
C ASN A 98 -7.47 -6.46 15.83
N ASN A 99 -7.98 -5.52 15.04
CA ASN A 99 -7.26 -4.29 14.75
C ASN A 99 -7.30 -3.34 15.95
N VAL A 100 -6.44 -3.58 16.93
CA VAL A 100 -6.38 -2.74 18.12
C VAL A 100 -5.72 -1.40 17.82
N GLU A 101 -5.00 -1.35 16.71
CA GLU A 101 -4.31 -0.11 16.30
C GLU A 101 -5.15 0.68 15.30
N LYS A 102 -4.72 1.89 15.00
CA LYS A 102 -5.43 2.74 14.06
C LYS A 102 -4.97 2.48 12.63
N PRO A 103 -5.87 1.93 11.81
CA PRO A 103 -5.58 1.62 10.41
C PRO A 103 -5.43 2.87 9.56
N LEU A 104 -4.58 2.79 8.52
CA LEU A 104 -4.35 3.92 7.63
C LEU A 104 -5.00 3.69 6.27
N GLU A 105 -5.60 4.73 5.72
CA GLU A 105 -6.27 4.64 4.43
C GLU A 105 -5.25 4.76 3.29
N LEU A 106 -4.23 3.91 3.32
CA LEU A 106 -3.19 3.92 2.29
C LEU A 106 -3.78 4.26 0.93
N ARG A 107 -3.28 5.34 0.32
CA ARG A 107 -3.75 5.77 -0.99
C ARG A 107 -2.74 5.42 -2.08
N ILE A 108 -3.23 5.17 -3.29
CA ILE A 108 -2.36 4.83 -4.40
C ILE A 108 -2.81 5.55 -5.68
N LYS A 109 -1.97 6.47 -6.15
CA LYS A 109 -2.28 7.23 -7.36
C LYS A 109 -1.67 6.55 -8.59
N VAL A 110 -2.34 6.70 -9.73
CA VAL A 110 -1.88 6.11 -10.97
C VAL A 110 -1.32 7.17 -11.92
N LEU A 111 -0.02 7.07 -12.22
CA LEU A 111 0.62 8.03 -13.10
C LEU A 111 0.82 7.43 -14.49
N ASP A 112 1.08 8.29 -15.48
CA ASP A 112 1.30 7.85 -16.85
C ASP A 112 2.78 7.61 -17.11
N ILE A 113 3.07 6.57 -17.88
CA ILE A 113 4.45 6.22 -18.21
C ILE A 113 5.16 7.42 -18.86
N ASN A 114 4.43 8.18 -19.66
CA ASN A 114 4.98 9.34 -20.33
C ASN A 114 4.54 10.63 -19.66
N ASP A 115 4.50 10.62 -18.33
CA ASP A 115 4.09 11.78 -17.57
C ASP A 115 5.24 12.79 -17.46
N ASN A 116 4.90 14.07 -17.45
CA ASN A 116 5.89 15.13 -17.35
C ASN A 116 7.05 14.71 -16.45
N GLU A 117 8.25 15.19 -16.76
CA GLU A 117 9.43 14.86 -15.99
C GLU A 117 9.55 15.77 -14.77
N PRO A 118 9.45 15.17 -13.57
CA PRO A 118 9.55 15.91 -12.30
C PRO A 118 10.95 16.43 -12.03
N VAL A 119 11.09 17.25 -10.99
CA VAL A 119 12.37 17.81 -10.63
C VAL A 119 12.54 17.90 -9.12
N PHE A 120 13.60 17.29 -8.60
CA PHE A 120 13.87 17.30 -7.17
C PHE A 120 15.18 18.04 -6.86
N THR A 121 15.10 19.36 -6.76
CA THR A 121 16.27 20.16 -6.47
C THR A 121 16.44 20.38 -4.97
N GLN A 122 15.48 19.89 -4.20
CA GLN A 122 15.52 20.02 -2.75
C GLN A 122 14.37 19.26 -2.10
N ASP A 123 14.42 19.15 -0.77
CA ASP A 123 13.37 18.45 -0.03
C ASP A 123 11.99 18.93 -0.46
N GLY A 1 -1.20 20.48 -2.86
CA GLY A 1 -0.23 19.82 -2.02
C GLY A 1 1.13 20.49 -2.04
N SER A 2 1.92 20.17 -3.06
CA SER A 2 3.26 20.75 -3.20
C SER A 2 3.90 20.96 -1.83
N SER A 3 3.73 19.99 -0.95
CA SER A 3 4.29 20.07 0.40
C SER A 3 5.44 19.08 0.58
N GLY A 4 5.19 17.83 0.19
CA GLY A 4 6.21 16.79 0.32
C GLY A 4 6.12 16.06 1.63
N SER A 5 5.58 14.85 1.61
CA SER A 5 5.44 14.05 2.81
C SER A 5 6.45 12.90 2.82
N SER A 6 7.61 13.15 3.45
CA SER A 6 8.66 12.15 3.53
C SER A 6 8.59 11.39 4.86
N GLY A 7 9.38 10.33 4.97
CA GLY A 7 9.39 9.53 6.19
C GLY A 7 10.47 8.46 6.17
N GLN A 8 11.67 8.84 6.56
CA GLN A 8 12.79 7.90 6.59
C GLN A 8 13.08 7.43 8.01
N LYS A 9 12.02 7.23 8.79
CA LYS A 9 12.16 6.79 10.18
C LYS A 9 11.19 5.66 10.48
N ARG A 10 11.59 4.76 11.38
CA ARG A 10 10.75 3.63 11.76
C ARG A 10 9.57 4.09 12.61
N ALA A 11 8.37 3.99 12.05
CA ALA A 11 7.16 4.39 12.77
C ALA A 11 5.91 3.83 12.09
N TRP A 12 4.76 4.05 12.71
CA TRP A 12 3.50 3.57 12.16
C TRP A 12 2.94 4.55 11.14
N ILE A 13 3.79 4.99 10.22
CA ILE A 13 3.38 5.93 9.18
C ILE A 13 3.54 5.32 7.79
N THR A 14 2.81 5.86 6.82
CA THR A 14 2.88 5.38 5.45
C THR A 14 3.15 6.52 4.47
N ALA A 15 3.33 6.17 3.20
CA ALA A 15 3.60 7.18 2.17
C ALA A 15 2.75 6.92 0.94
N PRO A 16 2.34 8.01 0.27
CA PRO A 16 1.52 7.93 -0.94
C PRO A 16 2.28 7.38 -2.13
N VAL A 17 1.75 6.31 -2.73
CA VAL A 17 2.39 5.68 -3.88
C VAL A 17 1.88 6.28 -5.18
N ALA A 18 2.81 6.58 -6.09
CA ALA A 18 2.45 7.15 -7.38
C ALA A 18 3.14 6.41 -8.53
N LEU A 19 2.48 5.36 -9.02
CA LEU A 19 3.03 4.56 -10.12
C LEU A 19 2.55 5.09 -11.46
N ARG A 20 3.03 4.47 -12.54
CA ARG A 20 2.65 4.87 -13.89
C ARG A 20 2.01 3.71 -14.64
N GLU A 21 0.82 3.95 -15.18
CA GLU A 21 0.11 2.92 -15.93
C GLU A 21 0.66 2.80 -17.35
N GLY A 22 0.70 1.57 -17.87
CA GLY A 22 1.21 1.34 -19.20
C GLY A 22 2.29 0.28 -19.24
N GLU A 23 3.43 0.58 -18.64
CA GLU A 23 4.55 -0.36 -18.60
C GLU A 23 4.46 -1.27 -17.39
N ASP A 24 4.89 -2.52 -17.55
CA ASP A 24 4.86 -3.49 -16.47
C ASP A 24 5.52 -2.92 -15.22
N LEU A 25 4.93 -3.23 -14.06
CA LEU A 25 5.46 -2.75 -12.78
C LEU A 25 5.66 -3.90 -11.81
N SER A 26 6.43 -4.90 -12.21
CA SER A 26 6.69 -6.06 -11.36
C SER A 26 8.05 -5.94 -10.69
N LYS A 27 8.78 -4.87 -11.00
CA LYS A 27 10.10 -4.64 -10.42
C LYS A 27 10.02 -3.59 -9.31
N LYS A 28 9.18 -2.58 -9.52
CA LYS A 28 9.02 -1.51 -8.54
C LYS A 28 8.60 -2.07 -7.18
N ASN A 29 7.86 -3.17 -7.20
CA ASN A 29 7.40 -3.81 -5.97
C ASN A 29 8.59 -4.29 -5.13
N PRO A 30 8.38 -4.39 -3.81
CA PRO A 30 7.10 -4.05 -3.19
C PRO A 30 6.80 -2.56 -3.23
N ILE A 31 5.53 -2.21 -3.41
CA ILE A 31 5.12 -0.81 -3.46
C ILE A 31 4.45 -0.39 -2.16
N ALA A 32 3.87 -1.36 -1.46
CA ALA A 32 3.20 -1.09 -0.20
C ALA A 32 3.56 -2.14 0.86
N LYS A 33 3.81 -1.68 2.09
CA LYS A 33 4.17 -2.57 3.18
C LYS A 33 4.28 -1.80 4.49
N ILE A 34 4.01 -2.49 5.59
CA ILE A 34 4.08 -1.86 6.92
C ILE A 34 4.41 -2.90 7.99
N HIS A 35 4.91 -2.43 9.12
CA HIS A 35 5.27 -3.31 10.23
C HIS A 35 5.11 -2.60 11.56
N SER A 36 4.28 -3.16 12.44
CA SER A 36 4.04 -2.58 13.75
C SER A 36 5.28 -2.68 14.64
N ASP A 37 5.88 -1.53 14.93
CA ASP A 37 7.07 -1.49 15.77
C ASP A 37 6.92 -2.39 16.99
N LEU A 38 5.68 -2.51 17.47
CA LEU A 38 5.40 -3.35 18.63
C LEU A 38 5.65 -4.82 18.33
N ALA A 39 5.23 -5.25 17.13
CA ALA A 39 5.41 -6.64 16.71
C ALA A 39 6.84 -7.11 17.00
N GLU A 40 7.77 -6.17 17.04
CA GLU A 40 9.17 -6.49 17.30
C GLU A 40 9.56 -6.12 18.73
N GLU A 41 9.38 -4.85 19.08
CA GLU A 41 9.71 -4.37 20.41
C GLU A 41 9.33 -5.39 21.48
N ARG A 42 8.13 -5.94 21.36
CA ARG A 42 7.64 -6.94 22.31
C ARG A 42 7.88 -8.35 21.78
N GLY A 43 7.19 -8.70 20.69
CA GLY A 43 7.34 -10.01 20.11
C GLY A 43 6.01 -10.65 19.78
N LEU A 44 5.14 -9.89 19.10
CA LEU A 44 3.83 -10.39 18.73
C LEU A 44 3.83 -10.88 17.28
N LYS A 45 2.71 -11.47 16.86
CA LYS A 45 2.57 -11.98 15.50
C LYS A 45 1.66 -11.08 14.68
N ILE A 46 1.78 -9.77 14.88
CA ILE A 46 0.96 -8.80 14.16
C ILE A 46 0.68 -9.28 12.73
N THR A 47 -0.58 -9.23 12.33
CA THR A 47 -0.98 -9.66 11.00
C THR A 47 -1.40 -8.46 10.14
N TYR A 48 -0.93 -8.45 8.90
CA TYR A 48 -1.25 -7.36 7.98
C TYR A 48 -2.34 -7.78 6.99
N LYS A 49 -3.21 -6.86 6.65
CA LYS A 49 -4.29 -7.13 5.71
C LYS A 49 -4.67 -5.87 4.93
N TYR A 50 -4.97 -6.05 3.64
CA TYR A 50 -5.33 -4.94 2.78
C TYR A 50 -6.76 -5.10 2.26
N THR A 51 -7.55 -4.04 2.38
CA THR A 51 -8.94 -4.06 1.91
C THR A 51 -9.20 -2.93 0.93
N GLY A 52 -10.33 -3.03 0.22
CA GLY A 52 -10.68 -2.00 -0.74
C GLY A 52 -10.70 -2.52 -2.16
N LYS A 53 -10.91 -1.63 -3.12
CA LYS A 53 -10.95 -2.00 -4.53
C LYS A 53 -9.63 -2.64 -4.96
N GLY A 54 -9.71 -3.87 -5.46
CA GLY A 54 -8.53 -4.58 -5.89
C GLY A 54 -8.31 -5.87 -5.14
N ILE A 55 -9.07 -6.07 -4.06
CA ILE A 55 -8.95 -7.28 -3.26
C ILE A 55 -10.32 -7.90 -3.00
N THR A 56 -11.21 -7.11 -2.40
CA THR A 56 -12.56 -7.59 -2.10
C THR A 56 -13.52 -7.26 -3.23
N GLU A 57 -13.60 -5.98 -3.58
CA GLU A 57 -14.49 -5.54 -4.65
C GLU A 57 -13.77 -5.53 -6.00
N PRO A 58 -14.48 -5.91 -7.06
CA PRO A 58 -13.93 -5.95 -8.42
C PRO A 58 -13.65 -4.56 -8.98
N PRO A 59 -12.74 -4.49 -9.96
CA PRO A 59 -12.03 -5.66 -10.47
C PRO A 59 -11.04 -6.23 -9.46
N PHE A 60 -11.13 -7.53 -9.22
CA PHE A 60 -10.25 -8.20 -8.27
C PHE A 60 -9.14 -8.95 -8.99
N GLY A 61 -8.16 -9.44 -8.23
CA GLY A 61 -7.06 -10.18 -8.83
C GLY A 61 -5.92 -9.27 -9.23
N ILE A 62 -6.19 -7.97 -9.31
CA ILE A 62 -5.16 -6.99 -9.68
C ILE A 62 -4.02 -6.99 -8.67
N PHE A 63 -4.37 -6.84 -7.39
CA PHE A 63 -3.37 -6.81 -6.33
C PHE A 63 -3.37 -8.12 -5.55
N VAL A 64 -2.19 -8.56 -5.15
CA VAL A 64 -2.05 -9.80 -4.40
C VAL A 64 -1.21 -9.59 -3.14
N PHE A 65 -1.69 -10.12 -2.03
CA PHE A 65 -0.98 -9.99 -0.76
C PHE A 65 -1.09 -11.27 0.07
N ASN A 66 -0.40 -11.30 1.20
CA ASN A 66 -0.43 -12.47 2.08
C ASN A 66 -0.01 -12.09 3.49
N LYS A 67 -0.18 -13.03 4.42
CA LYS A 67 0.18 -12.80 5.82
C LYS A 67 1.46 -13.57 6.19
N ASP A 68 2.18 -14.02 5.18
CA ASP A 68 3.42 -14.77 5.39
C ASP A 68 4.64 -13.90 5.08
N THR A 69 4.50 -13.02 4.09
CA THR A 69 5.59 -12.14 3.70
C THR A 69 5.22 -10.68 3.95
N GLY A 70 3.94 -10.42 4.19
CA GLY A 70 3.49 -9.07 4.44
C GLY A 70 3.97 -8.09 3.38
N GLU A 71 3.80 -8.45 2.12
CA GLU A 71 4.23 -7.59 1.01
C GLU A 71 3.12 -7.43 -0.01
N LEU A 72 3.07 -6.27 -0.65
CA LEU A 72 2.06 -5.99 -1.66
C LEU A 72 2.69 -5.82 -3.04
N ASN A 73 2.29 -6.67 -3.98
CA ASN A 73 2.80 -6.61 -5.34
C ASN A 73 1.68 -6.52 -6.36
N VAL A 74 1.94 -5.82 -7.46
CA VAL A 74 0.94 -5.65 -8.51
C VAL A 74 1.08 -6.72 -9.58
N THR A 75 -0.04 -7.25 -10.04
CA THR A 75 -0.04 -8.29 -11.07
C THR A 75 -0.87 -7.87 -12.27
N SER A 76 -0.95 -6.56 -12.51
CA SER A 76 -1.72 -6.02 -13.63
C SER A 76 -1.30 -4.59 -13.94
N ILE A 77 -1.58 -4.15 -15.16
CA ILE A 77 -1.24 -2.80 -15.58
C ILE A 77 -2.36 -1.82 -15.26
N LEU A 78 -2.16 -1.03 -14.21
CA LEU A 78 -3.15 -0.04 -13.80
C LEU A 78 -3.87 0.55 -15.00
N ASP A 79 -5.13 0.93 -14.81
CA ASP A 79 -5.92 1.52 -15.89
C ASP A 79 -6.51 2.86 -15.45
N ARG A 80 -5.68 3.88 -15.41
CA ARG A 80 -6.13 5.22 -15.00
C ARG A 80 -7.55 5.46 -15.45
N GLU A 81 -7.77 5.47 -16.77
CA GLU A 81 -9.09 5.69 -17.33
C GLU A 81 -10.18 5.11 -16.43
N GLU A 82 -10.01 3.85 -16.05
CA GLU A 82 -10.97 3.17 -15.19
C GLU A 82 -10.64 3.41 -13.72
N THR A 83 -9.48 2.92 -13.29
CA THR A 83 -9.05 3.07 -11.91
C THR A 83 -7.93 4.09 -11.79
N PRO A 84 -8.30 5.37 -11.68
CA PRO A 84 -7.34 6.47 -11.56
C PRO A 84 -6.62 6.46 -10.22
N PHE A 85 -7.19 5.75 -9.25
CA PHE A 85 -6.61 5.66 -7.92
C PHE A 85 -7.19 4.49 -7.14
N PHE A 86 -6.55 4.14 -6.03
CA PHE A 86 -7.02 3.04 -5.19
C PHE A 86 -6.89 3.39 -3.71
N LEU A 87 -7.99 3.32 -2.99
CA LEU A 87 -8.01 3.63 -1.57
C LEU A 87 -8.07 2.35 -0.73
N LEU A 88 -6.91 1.85 -0.34
CA LEU A 88 -6.83 0.64 0.46
C LEU A 88 -6.80 0.97 1.95
N THR A 89 -6.78 -0.08 2.78
CA THR A 89 -6.74 0.11 4.23
C THR A 89 -5.89 -0.95 4.90
N GLY A 90 -4.91 -0.51 5.68
CA GLY A 90 -4.03 -1.44 6.37
C GLY A 90 -4.53 -1.79 7.77
N TYR A 91 -4.54 -3.08 8.08
CA TYR A 91 -4.99 -3.55 9.39
C TYR A 91 -3.88 -4.31 10.12
N ALA A 92 -3.55 -3.85 11.32
CA ALA A 92 -2.52 -4.49 12.11
C ALA A 92 -3.12 -5.31 13.24
N LEU A 93 -3.87 -6.35 12.87
CA LEU A 93 -4.50 -7.23 13.85
C LEU A 93 -3.47 -7.82 14.80
N ASP A 94 -3.56 -7.44 16.08
CA ASP A 94 -2.64 -7.95 17.09
C ASP A 94 -2.72 -9.46 17.19
N ALA A 95 -1.91 -10.03 18.09
CA ALA A 95 -1.89 -11.47 18.29
C ALA A 95 -3.31 -12.01 18.51
N ARG A 96 -4.22 -11.12 18.90
CA ARG A 96 -5.60 -11.51 19.14
C ARG A 96 -6.37 -11.68 17.83
N GLY A 97 -6.15 -10.75 16.91
CA GLY A 97 -6.83 -10.81 15.62
C GLY A 97 -7.72 -9.61 15.37
N ASN A 98 -7.36 -8.48 15.99
CA ASN A 98 -8.13 -7.25 15.83
C ASN A 98 -7.22 -6.04 15.81
N ASN A 99 -7.69 -4.95 15.21
CA ASN A 99 -6.92 -3.71 15.13
C ASN A 99 -6.07 -3.52 16.39
N VAL A 100 -4.75 -3.48 16.20
CA VAL A 100 -3.83 -3.30 17.32
C VAL A 100 -3.74 -1.84 17.72
N GLU A 101 -3.52 -0.97 16.74
CA GLU A 101 -3.42 0.46 16.98
C GLU A 101 -4.54 1.23 16.30
N LYS A 102 -4.41 1.41 14.99
CA LYS A 102 -5.43 2.11 14.22
C LYS A 102 -5.30 1.80 12.73
N PRO A 103 -6.45 1.49 12.10
CA PRO A 103 -6.49 1.16 10.67
C PRO A 103 -6.20 2.37 9.78
N LEU A 104 -4.98 2.42 9.24
CA LEU A 104 -4.58 3.52 8.38
C LEU A 104 -5.06 3.29 6.95
N GLU A 105 -4.92 4.32 6.11
CA GLU A 105 -5.34 4.22 4.72
C GLU A 105 -4.14 4.33 3.78
N LEU A 106 -4.26 3.73 2.61
CA LEU A 106 -3.18 3.74 1.63
C LEU A 106 -3.71 4.12 0.24
N ARG A 107 -3.28 5.27 -0.26
CA ARG A 107 -3.72 5.74 -1.57
C ARG A 107 -2.67 5.44 -2.63
N ILE A 108 -3.12 5.05 -3.82
CA ILE A 108 -2.22 4.73 -4.91
C ILE A 108 -2.54 5.58 -6.14
N LYS A 109 -1.80 6.67 -6.31
CA LYS A 109 -1.99 7.55 -7.45
C LYS A 109 -1.54 6.89 -8.75
N VAL A 110 -2.36 7.04 -9.80
CA VAL A 110 -2.04 6.45 -11.09
C VAL A 110 -1.69 7.53 -12.12
N LEU A 111 -0.40 7.78 -12.30
CA LEU A 111 0.05 8.78 -13.25
C LEU A 111 -0.31 8.38 -14.68
N ASP A 112 0.00 9.27 -15.62
CA ASP A 112 -0.30 9.01 -17.03
C ASP A 112 0.80 8.16 -17.67
N ILE A 113 0.41 7.28 -18.58
CA ILE A 113 1.36 6.41 -19.27
C ILE A 113 2.38 7.23 -20.06
N ASN A 114 1.93 8.35 -20.62
CA ASN A 114 2.81 9.21 -21.41
C ASN A 114 3.22 10.43 -20.59
N ASP A 115 3.41 10.24 -19.29
CA ASP A 115 3.82 11.32 -18.40
C ASP A 115 5.32 11.56 -18.49
N ASN A 116 6.02 10.67 -19.17
CA ASN A 116 7.47 10.79 -19.33
C ASN A 116 8.01 9.69 -20.26
N GLU A 117 8.80 10.09 -21.24
CA GLU A 117 9.39 9.15 -22.18
C GLU A 117 10.60 8.45 -21.58
N PRO A 118 10.82 7.20 -22.01
CA PRO A 118 11.95 6.40 -21.52
C PRO A 118 13.29 6.92 -22.02
N VAL A 119 14.35 6.64 -21.26
CA VAL A 119 15.69 7.08 -21.64
C VAL A 119 16.72 5.99 -21.36
N PHE A 120 17.79 6.00 -22.14
CA PHE A 120 18.85 5.00 -21.98
C PHE A 120 19.61 5.21 -20.68
N THR A 121 19.57 4.21 -19.80
CA THR A 121 20.25 4.29 -18.52
C THR A 121 21.76 4.30 -18.70
N GLN A 122 22.41 5.32 -18.15
CA GLN A 122 23.85 5.45 -18.25
C GLN A 122 24.46 5.78 -16.89
N ASP A 123 25.30 4.88 -16.39
CA ASP A 123 25.97 5.07 -15.10
C ASP A 123 27.40 5.57 -15.29
N GLY A 1 12.91 21.00 -1.08
CA GLY A 1 12.18 22.25 -1.06
C GLY A 1 12.59 23.13 0.11
N SER A 2 11.61 23.83 0.69
CA SER A 2 11.88 24.72 1.81
C SER A 2 10.59 25.03 2.57
N SER A 3 10.73 25.32 3.86
CA SER A 3 9.58 25.63 4.70
C SER A 3 8.52 24.55 4.58
N GLY A 4 8.96 23.30 4.62
CA GLY A 4 8.02 22.19 4.51
C GLY A 4 8.08 21.27 5.72
N SER A 5 6.95 21.15 6.42
CA SER A 5 6.87 20.31 7.61
C SER A 5 5.43 19.94 7.92
N SER A 6 5.25 18.96 8.80
CA SER A 6 3.91 18.51 9.18
C SER A 6 3.91 17.97 10.61
N GLY A 7 2.76 18.09 11.28
CA GLY A 7 2.64 17.61 12.65
C GLY A 7 1.54 16.58 12.81
N GLN A 8 1.68 15.45 12.12
CA GLN A 8 0.69 14.39 12.19
C GLN A 8 1.34 13.07 12.58
N LYS A 9 1.18 12.68 13.84
CA LYS A 9 1.75 11.43 14.34
C LYS A 9 1.65 10.33 13.28
N ARG A 10 2.66 9.46 13.24
CA ARG A 10 2.69 8.36 12.28
C ARG A 10 3.37 7.14 12.88
N ALA A 11 2.82 5.97 12.61
CA ALA A 11 3.38 4.72 13.12
C ALA A 11 4.45 4.18 12.18
N TRP A 12 4.08 3.97 10.92
CA TRP A 12 5.02 3.45 9.94
C TRP A 12 5.31 4.51 8.87
N ILE A 13 6.56 4.57 8.43
CA ILE A 13 6.97 5.52 7.41
C ILE A 13 6.55 5.05 6.02
N THR A 14 5.25 5.08 5.75
CA THR A 14 4.72 4.66 4.47
C THR A 14 4.71 5.83 3.47
N ALA A 15 5.04 5.52 2.22
CA ALA A 15 5.07 6.54 1.17
C ALA A 15 4.01 6.27 0.12
N PRO A 16 3.53 7.35 -0.53
CA PRO A 16 2.50 7.25 -1.56
C PRO A 16 3.02 6.59 -2.84
N VAL A 17 2.37 5.50 -3.24
CA VAL A 17 2.76 4.78 -4.44
C VAL A 17 2.28 5.49 -5.70
N ALA A 18 3.22 5.79 -6.60
CA ALA A 18 2.89 6.47 -7.84
C ALA A 18 3.37 5.67 -9.06
N LEU A 19 2.57 4.69 -9.46
CA LEU A 19 2.92 3.85 -10.61
C LEU A 19 2.30 4.40 -11.88
N ARG A 20 2.94 4.11 -13.01
CA ARG A 20 2.46 4.57 -14.31
C ARG A 20 1.59 3.49 -14.98
N GLU A 21 0.46 3.92 -15.53
CA GLU A 21 -0.46 3.00 -16.19
C GLU A 21 0.04 2.65 -17.59
N GLY A 22 -0.37 1.50 -18.09
CA GLY A 22 0.05 1.07 -19.42
C GLY A 22 0.56 -0.37 -19.42
N GLU A 23 1.45 -0.68 -18.48
CA GLU A 23 2.01 -2.02 -18.40
C GLU A 23 1.92 -2.56 -16.97
N ASP A 24 2.20 -3.84 -16.81
CA ASP A 24 2.14 -4.48 -15.50
C ASP A 24 3.39 -4.14 -14.67
N LEU A 25 3.18 -3.38 -13.60
CA LEU A 25 4.29 -2.98 -12.73
C LEU A 25 4.62 -4.08 -11.73
N SER A 26 4.69 -5.32 -12.22
CA SER A 26 5.00 -6.46 -11.36
C SER A 26 6.50 -6.62 -11.19
N LYS A 27 7.19 -5.51 -10.97
CA LYS A 27 8.63 -5.52 -10.80
C LYS A 27 9.03 -4.81 -9.51
N LYS A 28 8.54 -3.59 -9.33
CA LYS A 28 8.83 -2.80 -8.15
C LYS A 28 8.37 -3.52 -6.88
N ASN A 29 7.17 -4.11 -6.94
CA ASN A 29 6.61 -4.83 -5.81
C ASN A 29 7.71 -5.56 -5.04
N PRO A 30 7.56 -5.62 -3.71
CA PRO A 30 6.42 -5.02 -3.01
C PRO A 30 6.47 -3.50 -3.03
N ILE A 31 5.35 -2.89 -3.38
CA ILE A 31 5.26 -1.42 -3.44
C ILE A 31 4.90 -0.85 -2.08
N ALA A 32 4.14 -1.61 -1.30
CA ALA A 32 3.74 -1.18 0.04
C ALA A 32 4.56 -1.87 1.12
N LYS A 33 4.57 -1.28 2.31
CA LYS A 33 5.31 -1.85 3.43
C LYS A 33 4.82 -1.26 4.76
N ILE A 34 4.22 -2.12 5.58
CA ILE A 34 3.71 -1.69 6.88
C ILE A 34 4.21 -2.59 8.00
N HIS A 35 4.78 -1.98 9.03
CA HIS A 35 5.32 -2.72 10.16
C HIS A 35 5.37 -1.85 11.42
N SER A 36 4.81 -2.36 12.51
CA SER A 36 4.79 -1.62 13.76
C SER A 36 6.04 -1.90 14.59
N ASP A 37 7.10 -2.32 13.90
CA ASP A 37 8.36 -2.63 14.56
C ASP A 37 8.12 -3.27 15.93
N LEU A 38 7.10 -4.11 16.00
CA LEU A 38 6.76 -4.79 17.25
C LEU A 38 6.63 -6.30 17.04
N ALA A 39 6.04 -6.68 15.91
CA ALA A 39 5.87 -8.09 15.57
C ALA A 39 7.20 -8.81 15.50
N GLU A 40 8.13 -8.25 14.74
CA GLU A 40 9.45 -8.84 14.58
C GLU A 40 10.35 -8.49 15.77
N GLU A 41 10.26 -7.25 16.23
CA GLU A 41 11.07 -6.79 17.35
C GLU A 41 10.72 -7.57 18.62
N ARG A 42 9.47 -7.45 19.06
CA ARG A 42 9.01 -8.14 20.26
C ARG A 42 8.41 -9.49 19.91
N GLY A 43 8.81 -10.03 18.77
CA GLY A 43 8.29 -11.32 18.34
C GLY A 43 6.81 -11.48 18.62
N LEU A 44 6.06 -10.38 18.50
CA LEU A 44 4.63 -10.41 18.73
C LEU A 44 3.88 -11.01 17.55
N LYS A 45 2.67 -11.50 17.81
CA LYS A 45 1.85 -12.10 16.76
C LYS A 45 0.89 -11.07 16.17
N ILE A 46 1.20 -10.61 14.97
CA ILE A 46 0.37 -9.63 14.29
C ILE A 46 0.03 -10.07 12.87
N THR A 47 -1.23 -9.97 12.50
CA THR A 47 -1.68 -10.36 11.18
C THR A 47 -2.01 -9.14 10.32
N TYR A 48 -1.50 -9.12 9.09
CA TYR A 48 -1.73 -8.01 8.17
C TYR A 48 -2.91 -8.31 7.25
N LYS A 49 -3.83 -7.36 7.15
CA LYS A 49 -5.00 -7.52 6.30
C LYS A 49 -5.08 -6.40 5.27
N TYR A 50 -5.74 -6.67 4.15
CA TYR A 50 -5.88 -5.69 3.08
C TYR A 50 -7.23 -5.83 2.39
N THR A 51 -7.78 -4.70 1.94
CA THR A 51 -9.07 -4.70 1.25
C THR A 51 -9.30 -3.39 0.53
N GLY A 52 -10.42 -3.30 -0.18
CA GLY A 52 -10.75 -2.09 -0.91
C GLY A 52 -10.75 -2.30 -2.41
N LYS A 53 -10.04 -1.44 -3.13
CA LYS A 53 -9.97 -1.54 -4.58
C LYS A 53 -8.69 -2.27 -5.01
N GLY A 54 -8.87 -3.42 -5.65
CA GLY A 54 -7.73 -4.20 -6.10
C GLY A 54 -7.38 -5.33 -5.15
N ILE A 55 -8.26 -5.57 -4.19
CA ILE A 55 -8.03 -6.63 -3.21
C ILE A 55 -9.26 -7.53 -3.07
N THR A 56 -10.35 -6.96 -2.57
CA THR A 56 -11.59 -7.71 -2.40
C THR A 56 -12.66 -7.23 -3.37
N GLU A 57 -12.49 -6.03 -3.89
CA GLU A 57 -13.44 -5.46 -4.83
C GLU A 57 -12.90 -5.52 -6.26
N PRO A 58 -13.76 -5.95 -7.20
CA PRO A 58 -13.39 -6.06 -8.61
C PRO A 58 -13.19 -4.70 -9.27
N PRO A 59 -12.04 -4.54 -9.94
CA PRO A 59 -11.02 -5.59 -10.05
C PRO A 59 -10.32 -5.86 -8.72
N PHE A 60 -10.19 -7.13 -8.37
CA PHE A 60 -9.54 -7.51 -7.12
C PHE A 60 -8.27 -8.30 -7.40
N GLY A 61 -8.18 -8.90 -8.58
CA GLY A 61 -7.01 -9.68 -8.95
C GLY A 61 -5.87 -8.81 -9.42
N ILE A 62 -5.81 -7.57 -8.92
CA ILE A 62 -4.76 -6.64 -9.31
C ILE A 62 -3.66 -6.59 -8.25
N PHE A 63 -4.06 -6.76 -6.99
CA PHE A 63 -3.11 -6.73 -5.88
C PHE A 63 -3.27 -7.95 -4.98
N VAL A 64 -2.17 -8.62 -4.70
CA VAL A 64 -2.20 -9.81 -3.86
C VAL A 64 -1.42 -9.58 -2.56
N PHE A 65 -1.95 -10.11 -1.46
CA PHE A 65 -1.30 -9.96 -0.16
C PHE A 65 -1.46 -11.23 0.68
N ASN A 66 -0.79 -11.26 1.83
CA ASN A 66 -0.86 -12.41 2.72
C ASN A 66 -0.65 -11.99 4.17
N LYS A 67 -0.64 -12.98 5.07
CA LYS A 67 -0.44 -12.71 6.48
C LYS A 67 0.94 -13.17 6.94
N ASP A 68 1.40 -14.29 6.37
CA ASP A 68 2.70 -14.83 6.73
C ASP A 68 3.82 -13.89 6.29
N THR A 69 3.77 -13.46 5.04
CA THR A 69 4.78 -12.56 4.50
C THR A 69 4.31 -11.10 4.57
N GLY A 70 2.99 -10.92 4.59
CA GLY A 70 2.44 -9.58 4.65
C GLY A 70 3.11 -8.62 3.68
N GLU A 71 3.02 -8.94 2.39
CA GLU A 71 3.62 -8.10 1.36
C GLU A 71 2.71 -8.00 0.14
N LEU A 72 2.41 -6.77 -0.27
CA LEU A 72 1.55 -6.53 -1.42
C LEU A 72 2.31 -6.75 -2.72
N ASN A 73 1.57 -7.02 -3.79
CA ASN A 73 2.18 -7.25 -5.10
C ASN A 73 1.17 -7.02 -6.22
N VAL A 74 1.54 -6.19 -7.18
CA VAL A 74 0.67 -5.88 -8.31
C VAL A 74 0.88 -6.86 -9.45
N THR A 75 -0.22 -7.43 -9.95
CA THR A 75 -0.16 -8.40 -11.04
C THR A 75 -1.12 -8.01 -12.17
N SER A 76 -1.19 -6.71 -12.44
CA SER A 76 -2.08 -6.22 -13.50
C SER A 76 -1.55 -4.89 -14.06
N ILE A 77 -2.25 -4.37 -15.06
CA ILE A 77 -1.86 -3.11 -15.68
C ILE A 77 -2.81 -1.99 -15.30
N LEU A 78 -2.42 -1.22 -14.28
CA LEU A 78 -3.24 -0.10 -13.81
C LEU A 78 -3.83 0.67 -14.98
N ASP A 79 -4.92 1.39 -14.71
CA ASP A 79 -5.59 2.18 -15.75
C ASP A 79 -6.32 3.37 -15.13
N ARG A 80 -5.91 4.57 -15.51
CA ARG A 80 -6.53 5.78 -14.99
C ARG A 80 -8.00 5.86 -15.41
N GLU A 81 -8.25 5.66 -16.70
CA GLU A 81 -9.61 5.71 -17.22
C GLU A 81 -10.56 4.91 -16.34
N GLU A 82 -10.28 3.63 -16.19
CA GLU A 82 -11.11 2.75 -15.37
C GLU A 82 -10.85 2.98 -13.88
N THR A 83 -9.60 2.77 -13.48
CA THR A 83 -9.23 2.95 -12.08
C THR A 83 -8.27 4.14 -11.91
N PRO A 84 -8.84 5.33 -11.75
CA PRO A 84 -8.07 6.56 -11.58
C PRO A 84 -7.34 6.61 -10.24
N PHE A 85 -7.77 5.78 -9.30
CA PHE A 85 -7.17 5.73 -7.98
C PHE A 85 -7.56 4.44 -7.25
N PHE A 86 -6.82 4.11 -6.21
CA PHE A 86 -7.08 2.90 -5.42
C PHE A 86 -7.11 3.22 -3.93
N LEU A 87 -8.27 3.06 -3.32
CA LEU A 87 -8.43 3.33 -1.90
C LEU A 87 -8.34 2.05 -1.08
N LEU A 88 -7.15 1.76 -0.57
CA LEU A 88 -6.93 0.55 0.23
C LEU A 88 -6.75 0.90 1.70
N THR A 89 -6.49 -0.11 2.51
CA THR A 89 -6.31 0.09 3.95
C THR A 89 -5.61 -1.12 4.58
N GLY A 90 -4.52 -0.85 5.30
CA GLY A 90 -3.79 -1.92 5.95
C GLY A 90 -4.14 -2.08 7.41
N TYR A 91 -4.80 -3.18 7.74
CA TYR A 91 -5.21 -3.45 9.12
C TYR A 91 -4.22 -4.38 9.81
N ALA A 92 -3.61 -3.90 10.88
CA ALA A 92 -2.65 -4.69 11.63
C ALA A 92 -3.29 -5.30 12.87
N LEU A 93 -3.99 -6.41 12.70
CA LEU A 93 -4.65 -7.08 13.82
C LEU A 93 -3.64 -7.82 14.69
N ASP A 94 -4.07 -8.23 15.87
CA ASP A 94 -3.21 -8.95 16.80
C ASP A 94 -3.58 -10.43 16.85
N ALA A 95 -2.79 -11.21 17.57
CA ALA A 95 -3.03 -12.64 17.70
C ALA A 95 -4.49 -12.93 18.02
N ARG A 96 -5.10 -12.05 18.83
CA ARG A 96 -6.49 -12.21 19.21
C ARG A 96 -7.42 -11.68 18.12
N GLY A 97 -6.98 -10.61 17.45
CA GLY A 97 -7.78 -10.01 16.39
C GLY A 97 -8.70 -8.94 16.91
N ASN A 98 -8.21 -8.14 17.85
CA ASN A 98 -9.00 -7.05 18.43
C ASN A 98 -8.63 -5.71 17.81
N ASN A 99 -7.86 -5.76 16.73
CA ASN A 99 -7.42 -4.55 16.04
C ASN A 99 -6.79 -3.56 17.02
N VAL A 100 -5.88 -4.07 17.86
CA VAL A 100 -5.21 -3.23 18.84
C VAL A 100 -4.66 -1.97 18.20
N GLU A 101 -4.27 -2.07 16.92
CA GLU A 101 -3.73 -0.93 16.20
C GLU A 101 -4.69 -0.48 15.11
N LYS A 102 -4.73 0.83 14.86
CA LYS A 102 -5.61 1.40 13.85
C LYS A 102 -4.93 1.41 12.49
N PRO A 103 -5.70 1.07 11.43
CA PRO A 103 -5.18 1.04 10.06
C PRO A 103 -4.88 2.43 9.52
N LEU A 104 -4.29 2.49 8.33
CA LEU A 104 -3.94 3.76 7.71
C LEU A 104 -4.74 3.96 6.43
N GLU A 105 -4.45 5.05 5.72
CA GLU A 105 -5.14 5.37 4.48
C GLU A 105 -4.17 5.37 3.29
N LEU A 106 -4.14 4.27 2.56
CA LEU A 106 -3.27 4.14 1.40
C LEU A 106 -3.93 4.67 0.15
N ARG A 107 -3.41 5.76 -0.39
CA ARG A 107 -3.96 6.38 -1.60
C ARG A 107 -2.99 6.24 -2.76
N ILE A 108 -3.14 5.17 -3.53
CA ILE A 108 -2.29 4.91 -4.68
C ILE A 108 -2.75 5.71 -5.90
N LYS A 109 -2.03 6.79 -6.21
CA LYS A 109 -2.36 7.63 -7.35
C LYS A 109 -1.95 6.96 -8.66
N VAL A 110 -2.84 6.99 -9.63
CA VAL A 110 -2.58 6.38 -10.94
C VAL A 110 -2.21 7.45 -11.97
N LEU A 111 -0.95 7.42 -12.41
CA LEU A 111 -0.46 8.39 -13.39
C LEU A 111 -0.99 8.05 -14.79
N ASP A 112 -0.69 8.91 -15.74
CA ASP A 112 -1.12 8.71 -17.12
C ASP A 112 -0.09 7.90 -17.91
N ILE A 113 -0.56 7.17 -18.91
CA ILE A 113 0.32 6.35 -19.74
C ILE A 113 1.52 7.17 -20.24
N ASN A 114 1.24 8.35 -20.75
CA ASN A 114 2.29 9.22 -21.27
C ASN A 114 2.70 10.25 -20.22
N ASP A 115 2.79 9.81 -18.97
CA ASP A 115 3.18 10.68 -17.87
C ASP A 115 4.65 10.50 -17.52
N ASN A 116 5.16 11.34 -16.63
CA ASN A 116 6.56 11.27 -16.21
C ASN A 116 6.66 11.18 -14.69
N GLU A 117 7.87 10.89 -14.22
CA GLU A 117 8.11 10.76 -12.78
C GLU A 117 8.06 12.13 -12.11
N PRO A 118 7.52 12.15 -10.88
CA PRO A 118 7.40 13.39 -10.10
C PRO A 118 8.75 13.91 -9.62
N VAL A 119 8.72 15.02 -8.89
CA VAL A 119 9.95 15.62 -8.37
C VAL A 119 10.00 15.53 -6.86
N PHE A 120 11.20 15.51 -6.30
CA PHE A 120 11.39 15.43 -4.86
C PHE A 120 11.14 16.78 -4.20
N THR A 121 9.90 17.01 -3.77
CA THR A 121 9.53 18.26 -3.13
C THR A 121 8.97 18.01 -1.73
N GLN A 122 9.85 18.08 -0.73
CA GLN A 122 9.45 17.86 0.66
C GLN A 122 8.32 16.84 0.74
N ASP A 123 8.44 15.77 -0.03
CA ASP A 123 7.43 14.72 -0.04
C ASP A 123 7.90 13.51 -0.85
N GLY A 1 -2.99 16.94 -6.98
CA GLY A 1 -1.85 17.43 -6.23
C GLY A 1 -2.26 18.31 -5.06
N SER A 2 -3.02 17.74 -4.13
CA SER A 2 -3.48 18.48 -2.96
C SER A 2 -2.36 18.61 -1.93
N SER A 3 -2.44 19.66 -1.12
CA SER A 3 -1.44 19.90 -0.09
C SER A 3 -2.00 19.59 1.29
N GLY A 4 -1.10 19.38 2.25
CA GLY A 4 -1.51 19.06 3.61
C GLY A 4 -0.94 20.04 4.63
N SER A 5 -1.46 19.97 5.85
CA SER A 5 -1.00 20.85 6.92
C SER A 5 0.12 20.21 7.72
N SER A 6 0.71 20.97 8.62
CA SER A 6 1.81 20.47 9.45
C SER A 6 1.46 20.59 10.94
N GLY A 7 1.96 19.64 11.73
CA GLY A 7 1.70 19.66 13.15
C GLY A 7 2.28 18.45 13.86
N GLN A 8 1.41 17.67 14.50
CA GLN A 8 1.85 16.48 15.22
C GLN A 8 2.39 15.43 14.26
N LYS A 9 3.44 14.72 14.69
CA LYS A 9 4.05 13.70 13.86
C LYS A 9 4.13 12.37 14.62
N ARG A 10 3.09 12.07 15.38
CA ARG A 10 3.05 10.83 16.16
C ARG A 10 1.99 9.88 15.61
N ALA A 11 2.31 9.18 14.53
CA ALA A 11 1.39 8.25 13.90
C ALA A 11 2.12 7.25 13.02
N TRP A 12 1.48 6.13 12.74
CA TRP A 12 2.08 5.10 11.90
C TRP A 12 1.68 5.28 10.44
N ILE A 13 1.67 6.53 9.98
CA ILE A 13 1.31 6.84 8.61
C ILE A 13 2.19 6.09 7.62
N THR A 14 1.85 6.18 6.35
CA THR A 14 2.61 5.50 5.31
C THR A 14 2.96 6.46 4.17
N ALA A 15 3.74 5.97 3.21
CA ALA A 15 4.15 6.78 2.08
C ALA A 15 3.26 6.52 0.85
N PRO A 16 3.04 7.55 0.05
CA PRO A 16 2.20 7.45 -1.15
C PRO A 16 2.88 6.61 -2.25
N VAL A 17 2.12 5.69 -2.83
CA VAL A 17 2.64 4.83 -3.89
C VAL A 17 2.20 5.32 -5.26
N ALA A 18 3.12 5.96 -5.97
CA ALA A 18 2.83 6.49 -7.30
C ALA A 18 3.46 5.62 -8.38
N LEU A 19 2.61 5.04 -9.23
CA LEU A 19 3.08 4.18 -10.31
C LEU A 19 2.70 4.75 -11.67
N ARG A 20 3.18 4.12 -12.74
CA ARG A 20 2.88 4.56 -14.09
C ARG A 20 2.02 3.54 -14.83
N GLU A 21 0.87 3.99 -15.33
CA GLU A 21 -0.03 3.11 -16.05
C GLU A 21 0.52 2.75 -17.41
N GLY A 22 0.23 1.53 -17.87
CA GLY A 22 0.71 1.09 -19.17
C GLY A 22 1.78 0.03 -19.05
N GLU A 23 2.77 0.28 -18.19
CA GLU A 23 3.86 -0.66 -17.99
C GLU A 23 3.70 -1.43 -16.68
N ASP A 24 3.91 -2.74 -16.74
CA ASP A 24 3.77 -3.59 -15.57
C ASP A 24 4.83 -3.23 -14.52
N LEU A 25 4.40 -3.12 -13.26
CA LEU A 25 5.30 -2.79 -12.17
C LEU A 25 5.88 -4.05 -11.54
N SER A 26 6.80 -4.70 -12.25
CA SER A 26 7.42 -5.92 -11.76
C SER A 26 8.83 -5.63 -11.24
N LYS A 27 9.42 -6.62 -10.58
CA LYS A 27 10.76 -6.48 -10.02
C LYS A 27 10.90 -5.17 -9.26
N LYS A 28 9.78 -4.65 -8.76
CA LYS A 28 9.77 -3.41 -8.01
C LYS A 28 9.24 -3.62 -6.60
N ASN A 29 8.33 -4.57 -6.45
CA ASN A 29 7.74 -4.88 -5.15
C ASN A 29 8.82 -5.32 -4.16
N PRO A 30 8.51 -5.16 -2.86
CA PRO A 30 7.23 -4.61 -2.40
C PRO A 30 7.11 -3.12 -2.70
N ILE A 31 5.92 -2.71 -3.13
CA ILE A 31 5.67 -1.32 -3.46
C ILE A 31 4.99 -0.59 -2.29
N ALA A 32 4.36 -1.36 -1.43
CA ALA A 32 3.68 -0.80 -0.26
C ALA A 32 3.46 -1.86 0.81
N LYS A 33 3.63 -1.45 2.07
CA LYS A 33 3.45 -2.37 3.19
C LYS A 33 2.98 -1.62 4.44
N ILE A 34 2.23 -2.31 5.28
CA ILE A 34 1.71 -1.71 6.51
C ILE A 34 2.83 -1.44 7.51
N HIS A 35 2.92 -0.20 7.97
CA HIS A 35 3.94 0.18 8.93
C HIS A 35 3.57 -0.28 10.33
N SER A 36 3.30 -1.57 10.47
CA SER A 36 2.92 -2.14 11.76
C SER A 36 4.11 -2.11 12.73
N ASP A 37 3.90 -2.68 13.91
CA ASP A 37 4.95 -2.71 14.93
C ASP A 37 4.58 -3.68 16.05
N LEU A 38 5.48 -3.81 17.02
CA LEU A 38 5.26 -4.71 18.15
C LEU A 38 5.09 -6.16 17.67
N ALA A 39 5.65 -6.46 16.51
CA ALA A 39 5.57 -7.80 15.95
C ALA A 39 6.59 -8.73 16.60
N GLU A 40 7.86 -8.43 16.40
CA GLU A 40 8.95 -9.24 16.96
C GLU A 40 9.35 -8.72 18.34
N GLU A 41 9.23 -7.41 18.53
CA GLU A 41 9.59 -6.79 19.80
C GLU A 41 9.07 -7.62 20.98
N ARG A 42 7.84 -8.12 20.84
CA ARG A 42 7.23 -8.92 21.90
C ARG A 42 7.01 -10.35 21.42
N GLY A 43 6.45 -10.49 20.23
CA GLY A 43 6.18 -11.81 19.68
C GLY A 43 4.78 -11.94 19.12
N LEU A 44 4.30 -10.88 18.48
CA LEU A 44 2.96 -10.88 17.91
C LEU A 44 2.99 -11.32 16.44
N LYS A 45 1.86 -11.82 15.96
CA LYS A 45 1.76 -12.28 14.58
C LYS A 45 0.74 -11.45 13.80
N ILE A 46 1.21 -10.38 13.18
CA ILE A 46 0.34 -9.51 12.40
C ILE A 46 -0.08 -10.18 11.09
N THR A 47 -1.38 -10.13 10.80
CA THR A 47 -1.92 -10.74 9.59
C THR A 47 -1.68 -9.83 8.38
N TYR A 48 -1.41 -8.55 8.65
CA TYR A 48 -1.18 -7.58 7.59
C TYR A 48 -2.31 -7.60 6.56
N LYS A 49 -3.53 -7.82 7.04
CA LYS A 49 -4.70 -7.86 6.17
C LYS A 49 -4.89 -6.53 5.45
N TYR A 50 -5.67 -6.56 4.37
CA TYR A 50 -5.93 -5.36 3.59
C TYR A 50 -7.40 -5.28 3.19
N THR A 51 -7.80 -4.11 2.71
CA THR A 51 -9.18 -3.89 2.30
C THR A 51 -9.27 -2.85 1.19
N GLY A 52 -10.34 -2.92 0.39
CA GLY A 52 -10.52 -1.97 -0.70
C GLY A 52 -10.53 -2.65 -2.05
N LYS A 53 -10.96 -1.91 -3.07
CA LYS A 53 -11.03 -2.44 -4.43
C LYS A 53 -9.79 -3.27 -4.74
N GLY A 54 -9.92 -4.16 -5.72
CA GLY A 54 -8.80 -5.01 -6.10
C GLY A 54 -8.69 -6.25 -5.24
N ILE A 55 -9.12 -6.13 -3.99
CA ILE A 55 -9.06 -7.25 -3.06
C ILE A 55 -10.45 -7.63 -2.57
N THR A 56 -11.23 -6.61 -2.19
CA THR A 56 -12.58 -6.84 -1.70
C THR A 56 -13.61 -6.62 -2.80
N GLU A 57 -13.34 -5.67 -3.68
CA GLU A 57 -14.24 -5.36 -4.79
C GLU A 57 -13.52 -5.46 -6.12
N PRO A 58 -14.28 -5.77 -7.18
CA PRO A 58 -13.73 -5.93 -8.54
C PRO A 58 -13.30 -4.59 -9.13
N PRO A 59 -12.41 -4.65 -10.13
CA PRO A 59 -11.89 -5.92 -10.66
C PRO A 59 -10.95 -6.60 -9.66
N PHE A 60 -11.04 -7.93 -9.59
CA PHE A 60 -10.20 -8.70 -8.68
C PHE A 60 -8.95 -9.20 -9.40
N GLY A 61 -7.97 -9.64 -8.62
CA GLY A 61 -6.73 -10.13 -9.19
C GLY A 61 -5.77 -9.02 -9.56
N ILE A 62 -5.59 -8.06 -8.65
CA ILE A 62 -4.71 -6.94 -8.90
C ILE A 62 -3.62 -6.85 -7.83
N PHE A 63 -4.05 -6.81 -6.56
CA PHE A 63 -3.11 -6.73 -5.44
C PHE A 63 -3.15 -8.01 -4.61
N VAL A 64 -1.97 -8.51 -4.25
CA VAL A 64 -1.87 -9.72 -3.44
C VAL A 64 -1.14 -9.47 -2.14
N PHE A 65 -1.58 -10.13 -1.08
CA PHE A 65 -0.95 -9.97 0.23
C PHE A 65 -1.17 -11.21 1.09
N ASN A 66 -0.25 -11.45 2.02
CA ASN A 66 -0.36 -12.60 2.91
C ASN A 66 0.05 -12.23 4.33
N LYS A 67 0.04 -13.22 5.22
CA LYS A 67 0.40 -13.00 6.62
C LYS A 67 1.76 -13.59 6.93
N ASP A 68 2.26 -14.42 6.01
CA ASP A 68 3.57 -15.05 6.19
C ASP A 68 4.69 -14.10 5.84
N THR A 69 4.70 -13.63 4.59
CA THR A 69 5.72 -12.71 4.12
C THR A 69 5.36 -11.26 4.44
N GLY A 70 4.11 -10.90 4.15
CA GLY A 70 3.66 -9.55 4.41
C GLY A 70 4.19 -8.54 3.41
N GLU A 71 3.68 -8.62 2.17
CA GLU A 71 4.11 -7.71 1.11
C GLU A 71 3.01 -7.52 0.08
N LEU A 72 2.78 -6.28 -0.33
CA LEU A 72 1.75 -5.97 -1.31
C LEU A 72 2.37 -5.77 -2.69
N ASN A 73 2.35 -6.83 -3.50
CA ASN A 73 2.90 -6.76 -4.85
C ASN A 73 1.80 -6.62 -5.89
N VAL A 74 1.95 -5.67 -6.79
CA VAL A 74 0.97 -5.43 -7.84
C VAL A 74 1.15 -6.42 -8.99
N THR A 75 0.04 -6.95 -9.49
CA THR A 75 0.07 -7.90 -10.59
C THR A 75 -0.89 -7.49 -11.70
N SER A 76 -1.02 -6.20 -11.91
CA SER A 76 -1.91 -5.67 -12.95
C SER A 76 -1.42 -4.31 -13.45
N ILE A 77 -1.87 -3.94 -14.64
CA ILE A 77 -1.48 -2.66 -15.23
C ILE A 77 -2.53 -1.59 -14.95
N LEU A 78 -2.28 -0.77 -13.93
CA LEU A 78 -3.20 0.30 -13.57
C LEU A 78 -3.72 1.02 -14.81
N ASP A 79 -4.97 1.48 -14.74
CA ASP A 79 -5.58 2.19 -15.85
C ASP A 79 -6.44 3.35 -15.35
N ARG A 80 -6.01 4.57 -15.68
CA ARG A 80 -6.73 5.77 -15.26
C ARG A 80 -8.13 5.79 -15.87
N GLU A 81 -8.24 5.43 -17.14
CA GLU A 81 -9.51 5.41 -17.84
C GLU A 81 -10.58 4.72 -17.00
N GLU A 82 -10.23 3.57 -16.43
CA GLU A 82 -11.15 2.81 -15.60
C GLU A 82 -10.99 3.18 -14.12
N THR A 83 -9.80 2.92 -13.59
CA THR A 83 -9.52 3.22 -12.19
C THR A 83 -8.53 4.38 -12.07
N PRO A 84 -9.05 5.56 -11.70
CA PRO A 84 -8.24 6.77 -11.54
C PRO A 84 -7.31 6.68 -10.32
N PHE A 85 -7.66 5.81 -9.38
CA PHE A 85 -6.87 5.63 -8.17
C PHE A 85 -7.31 4.39 -7.41
N PHE A 86 -6.42 3.88 -6.56
CA PHE A 86 -6.71 2.69 -5.76
C PHE A 86 -6.52 2.96 -4.27
N LEU A 87 -7.63 3.14 -3.56
CA LEU A 87 -7.59 3.41 -2.14
C LEU A 87 -7.69 2.12 -1.33
N LEU A 88 -6.60 1.75 -0.68
CA LEU A 88 -6.56 0.54 0.13
C LEU A 88 -6.22 0.85 1.57
N THR A 89 -6.57 -0.05 2.48
CA THR A 89 -6.30 0.13 3.90
C THR A 89 -5.90 -1.19 4.56
N GLY A 90 -4.76 -1.17 5.25
CA GLY A 90 -4.29 -2.37 5.92
C GLY A 90 -4.57 -2.36 7.40
N TYR A 91 -4.70 -3.54 8.00
CA TYR A 91 -4.97 -3.66 9.42
C TYR A 91 -4.07 -4.71 10.07
N ALA A 92 -3.31 -4.30 11.08
CA ALA A 92 -2.41 -5.20 11.78
C ALA A 92 -3.14 -5.97 12.87
N LEU A 93 -3.60 -7.17 12.55
CA LEU A 93 -4.32 -8.00 13.52
C LEU A 93 -3.35 -8.76 14.41
N ASP A 94 -3.47 -8.55 15.71
CA ASP A 94 -2.61 -9.21 16.68
C ASP A 94 -2.57 -10.72 16.44
N ALA A 95 -1.85 -11.44 17.28
CA ALA A 95 -1.73 -12.89 17.16
C ALA A 95 -3.11 -13.55 17.18
N ARG A 96 -4.09 -12.84 17.72
CA ARG A 96 -5.46 -13.35 17.80
C ARG A 96 -6.19 -13.16 16.48
N GLY A 97 -6.01 -11.98 15.87
CA GLY A 97 -6.67 -11.70 14.62
C GLY A 97 -7.78 -10.68 14.76
N ASN A 98 -7.56 -9.67 15.60
CA ASN A 98 -8.55 -8.63 15.83
C ASN A 98 -7.93 -7.25 15.73
N ASN A 99 -8.74 -6.26 15.39
CA ASN A 99 -8.26 -4.89 15.25
C ASN A 99 -7.54 -4.43 16.52
N VAL A 100 -6.24 -4.71 16.59
CA VAL A 100 -5.44 -4.34 17.75
C VAL A 100 -4.85 -2.94 17.58
N GLU A 101 -4.69 -2.52 16.33
CA GLU A 101 -4.15 -1.20 16.02
C GLU A 101 -4.90 -0.54 14.88
N LYS A 102 -5.35 0.69 15.10
CA LYS A 102 -6.09 1.43 14.08
C LYS A 102 -5.41 1.29 12.71
N PRO A 103 -6.23 1.28 11.66
CA PRO A 103 -5.74 1.16 10.28
C PRO A 103 -4.99 2.40 9.82
N LEU A 104 -4.67 2.46 8.52
CA LEU A 104 -3.95 3.59 7.96
C LEU A 104 -4.43 3.88 6.54
N GLU A 105 -4.33 5.14 6.13
CA GLU A 105 -4.74 5.54 4.79
C GLU A 105 -3.64 5.29 3.78
N LEU A 106 -4.03 4.80 2.60
CA LEU A 106 -3.06 4.51 1.54
C LEU A 106 -3.70 4.69 0.16
N ARG A 107 -3.18 5.64 -0.61
CA ARG A 107 -3.70 5.91 -1.94
C ARG A 107 -2.60 5.75 -3.00
N ILE A 108 -2.95 5.10 -4.10
CA ILE A 108 -2.00 4.88 -5.18
C ILE A 108 -2.32 5.76 -6.39
N LYS A 109 -1.57 6.85 -6.52
CA LYS A 109 -1.77 7.79 -7.62
C LYS A 109 -1.46 7.11 -8.96
N VAL A 110 -2.45 7.05 -9.83
CA VAL A 110 -2.29 6.44 -11.14
C VAL A 110 -1.76 7.44 -12.17
N LEU A 111 -0.45 7.56 -12.25
CA LEU A 111 0.19 8.48 -13.18
C LEU A 111 -0.20 8.16 -14.63
N ASP A 112 -0.35 9.20 -15.44
CA ASP A 112 -0.72 9.03 -16.84
C ASP A 112 0.43 8.40 -17.63
N ILE A 113 0.17 8.10 -18.89
CA ILE A 113 1.19 7.49 -19.76
C ILE A 113 2.20 8.53 -20.22
N ASN A 114 1.75 9.77 -20.35
CA ASN A 114 2.62 10.87 -20.78
C ASN A 114 3.07 11.70 -19.59
N ASP A 115 3.43 11.03 -18.50
CA ASP A 115 3.89 11.72 -17.30
C ASP A 115 5.38 11.52 -17.10
N ASN A 116 5.95 12.20 -16.10
CA ASN A 116 7.37 12.10 -15.81
C ASN A 116 7.62 12.15 -14.30
N GLU A 117 8.58 11.35 -13.84
CA GLU A 117 8.92 11.31 -12.42
C GLU A 117 10.36 11.74 -12.19
N PRO A 118 10.62 12.37 -11.04
CA PRO A 118 11.96 12.84 -10.67
C PRO A 118 12.91 11.70 -10.38
N VAL A 119 14.21 11.98 -10.45
CA VAL A 119 15.23 10.97 -10.19
C VAL A 119 14.99 10.29 -8.85
N PHE A 120 15.30 8.99 -8.79
CA PHE A 120 15.12 8.21 -7.58
C PHE A 120 15.40 9.07 -6.34
N THR A 121 14.47 9.04 -5.38
CA THR A 121 14.61 9.82 -4.16
C THR A 121 16.07 9.90 -3.73
N GLN A 122 16.44 11.03 -3.15
CA GLN A 122 17.81 11.24 -2.68
C GLN A 122 18.36 9.97 -2.03
N ASP A 123 19.64 9.69 -2.29
CA ASP A 123 20.29 8.51 -1.72
C ASP A 123 19.85 8.29 -0.28
N GLY A 1 7.98 10.05 -0.25
CA GLY A 1 7.94 11.44 0.18
C GLY A 1 6.54 11.99 0.22
N SER A 2 6.42 13.31 0.32
CA SER A 2 5.12 13.97 0.37
C SER A 2 4.34 13.53 1.60
N SER A 3 5.03 13.42 2.73
CA SER A 3 4.40 13.02 3.98
C SER A 3 3.35 14.04 4.42
N GLY A 4 3.73 15.31 4.40
CA GLY A 4 2.81 16.36 4.80
C GLY A 4 2.98 16.75 6.26
N SER A 5 2.24 17.76 6.69
CA SER A 5 2.32 18.23 8.07
C SER A 5 1.99 17.10 9.04
N SER A 6 3.04 16.59 9.71
CA SER A 6 2.87 15.51 10.67
C SER A 6 4.13 15.34 11.52
N GLY A 7 3.97 14.70 12.67
CA GLY A 7 5.10 14.48 13.57
C GLY A 7 5.37 13.02 13.80
N GLN A 8 5.62 12.67 15.06
CA GLN A 8 5.91 11.28 15.42
C GLN A 8 4.74 10.66 16.18
N LYS A 9 3.81 10.06 15.45
CA LYS A 9 2.63 9.44 16.06
C LYS A 9 2.82 7.93 16.16
N ARG A 10 3.59 7.50 17.16
CA ARG A 10 3.86 6.09 17.37
C ARG A 10 4.43 5.44 16.10
N ALA A 11 5.38 6.12 15.48
CA ALA A 11 6.01 5.62 14.26
C ALA A 11 4.99 4.94 13.36
N TRP A 12 3.84 5.59 13.18
CA TRP A 12 2.78 5.05 12.34
C TRP A 12 2.45 6.01 11.20
N ILE A 13 3.44 6.34 10.39
CA ILE A 13 3.25 7.25 9.27
C ILE A 13 3.74 6.62 7.97
N THR A 14 3.11 7.02 6.86
CA THR A 14 3.48 6.50 5.55
C THR A 14 3.28 7.55 4.45
N ALA A 15 3.60 7.19 3.23
CA ALA A 15 3.45 8.09 2.09
C ALA A 15 2.55 7.49 1.02
N PRO A 16 1.94 8.37 0.21
CA PRO A 16 1.04 7.94 -0.87
C PRO A 16 1.79 7.26 -2.01
N VAL A 17 1.68 5.94 -2.09
CA VAL A 17 2.36 5.18 -3.13
C VAL A 17 1.75 5.48 -4.50
N ALA A 18 2.44 6.31 -5.27
CA ALA A 18 1.97 6.67 -6.60
C ALA A 18 2.54 5.74 -7.66
N LEU A 19 1.68 4.89 -8.21
CA LEU A 19 2.11 3.93 -9.24
C LEU A 19 1.85 4.49 -10.64
N ARG A 20 2.60 3.98 -11.61
CA ARG A 20 2.45 4.43 -13.00
C ARG A 20 2.21 3.24 -13.92
N GLU A 21 0.93 2.96 -14.19
CA GLU A 21 0.57 1.85 -15.07
C GLU A 21 1.60 1.66 -16.17
N GLY A 22 1.88 0.40 -16.50
CA GLY A 22 2.85 0.11 -17.54
C GLY A 22 3.86 -0.94 -17.11
N GLU A 23 4.11 -1.90 -17.98
CA GLU A 23 5.05 -2.98 -17.68
C GLU A 23 4.58 -3.81 -16.49
N ASP A 24 3.27 -3.99 -16.40
CA ASP A 24 2.69 -4.77 -15.31
C ASP A 24 3.42 -4.48 -13.99
N LEU A 25 4.02 -3.30 -13.90
CA LEU A 25 4.75 -2.92 -12.70
C LEU A 25 5.42 -4.12 -12.05
N SER A 26 6.01 -4.98 -12.88
CA SER A 26 6.68 -6.18 -12.39
C SER A 26 7.98 -5.82 -11.68
N LYS A 27 8.68 -4.82 -12.22
CA LYS A 27 9.94 -4.37 -11.64
C LYS A 27 9.71 -3.22 -10.66
N LYS A 28 8.55 -3.23 -10.01
CA LYS A 28 8.21 -2.18 -9.06
C LYS A 28 8.01 -2.76 -7.66
N ASN A 29 7.38 -3.92 -7.59
CA ASN A 29 7.12 -4.58 -6.31
C ASN A 29 8.43 -4.88 -5.59
N PRO A 30 8.38 -4.87 -4.25
CA PRO A 30 7.14 -4.57 -3.51
C PRO A 30 6.73 -3.11 -3.65
N ILE A 31 5.41 -2.88 -3.77
CA ILE A 31 4.89 -1.54 -3.90
C ILE A 31 4.58 -0.93 -2.54
N ALA A 32 4.00 -1.72 -1.65
CA ALA A 32 3.66 -1.27 -0.32
C ALA A 32 4.51 -1.97 0.74
N LYS A 33 4.90 -1.24 1.77
CA LYS A 33 5.72 -1.78 2.84
C LYS A 33 5.39 -1.11 4.17
N ILE A 34 5.01 -1.92 5.16
CA ILE A 34 4.67 -1.40 6.48
C ILE A 34 5.33 -2.22 7.58
N HIS A 35 5.81 -1.54 8.62
CA HIS A 35 6.46 -2.21 9.74
C HIS A 35 5.93 -1.70 11.07
N SER A 36 5.78 -2.61 12.03
CA SER A 36 5.27 -2.24 13.35
C SER A 36 6.40 -2.22 14.38
N ASP A 37 6.18 -1.46 15.45
CA ASP A 37 7.18 -1.35 16.52
C ASP A 37 7.03 -2.48 17.52
N LEU A 38 5.80 -2.70 17.97
CA LEU A 38 5.52 -3.76 18.94
C LEU A 38 6.12 -5.09 18.50
N ALA A 39 6.20 -5.28 17.18
CA ALA A 39 6.76 -6.51 16.62
C ALA A 39 8.08 -6.87 17.30
N GLU A 40 8.92 -5.86 17.52
CA GLU A 40 10.21 -6.07 18.16
C GLU A 40 10.10 -5.91 19.68
N GLU A 41 9.62 -4.75 20.11
CA GLU A 41 9.46 -4.47 21.54
C GLU A 41 9.02 -5.72 22.29
N ARG A 42 7.97 -6.37 21.78
CA ARG A 42 7.44 -7.57 22.41
C ARG A 42 8.00 -8.82 21.73
N GLY A 43 7.78 -8.93 20.43
CA GLY A 43 8.26 -10.08 19.69
C GLY A 43 7.14 -10.89 19.08
N LEU A 44 6.16 -10.20 18.48
CA LEU A 44 5.03 -10.87 17.86
C LEU A 44 5.15 -10.85 16.34
N LYS A 45 4.46 -11.78 15.69
CA LYS A 45 4.49 -11.88 14.24
C LYS A 45 3.27 -11.21 13.63
N ILE A 46 3.03 -9.96 14.00
CA ILE A 46 1.90 -9.21 13.48
C ILE A 46 1.60 -9.59 12.02
N THR A 47 0.32 -9.66 11.69
CA THR A 47 -0.09 -10.00 10.33
C THR A 47 -0.64 -8.78 9.60
N TYR A 48 -0.33 -8.69 8.31
CA TYR A 48 -0.78 -7.57 7.49
C TYR A 48 -1.97 -7.98 6.62
N LYS A 49 -2.98 -7.11 6.55
CA LYS A 49 -4.16 -7.37 5.76
C LYS A 49 -4.56 -6.15 4.94
N TYR A 50 -5.05 -6.39 3.72
CA TYR A 50 -5.46 -5.31 2.84
C TYR A 50 -6.83 -5.59 2.23
N THR A 51 -7.68 -4.57 2.20
CA THR A 51 -9.02 -4.70 1.65
C THR A 51 -9.50 -3.38 1.05
N GLY A 52 -9.97 -3.44 -0.19
CA GLY A 52 -10.45 -2.25 -0.86
C GLY A 52 -10.63 -2.44 -2.35
N LYS A 53 -10.71 -1.34 -3.09
CA LYS A 53 -10.87 -1.39 -4.53
C LYS A 53 -9.67 -2.04 -5.20
N GLY A 54 -9.90 -3.11 -5.96
CA GLY A 54 -8.83 -3.80 -6.64
C GLY A 54 -8.64 -5.21 -6.13
N ILE A 55 -8.89 -5.42 -4.84
CA ILE A 55 -8.74 -6.74 -4.24
C ILE A 55 -10.11 -7.36 -3.96
N THR A 56 -10.89 -6.71 -3.11
CA THR A 56 -12.22 -7.20 -2.75
C THR A 56 -13.22 -6.92 -3.87
N GLU A 57 -13.30 -5.65 -4.27
CA GLU A 57 -14.23 -5.26 -5.33
C GLU A 57 -13.55 -5.29 -6.69
N PRO A 58 -14.33 -5.56 -7.75
CA PRO A 58 -13.82 -5.63 -9.12
C PRO A 58 -13.41 -4.26 -9.65
N PRO A 59 -12.38 -4.23 -10.51
CA PRO A 59 -11.66 -5.45 -10.90
C PRO A 59 -10.84 -6.05 -9.77
N PHE A 60 -11.04 -7.35 -9.53
CA PHE A 60 -10.31 -8.04 -8.47
C PHE A 60 -9.07 -8.74 -9.01
N GLY A 61 -7.98 -8.67 -8.26
CA GLY A 61 -6.75 -9.30 -8.69
C GLY A 61 -5.62 -8.31 -8.87
N ILE A 62 -5.95 -7.02 -8.85
CA ILE A 62 -4.96 -5.97 -9.02
C ILE A 62 -3.74 -6.22 -8.13
N PHE A 63 -4.00 -6.48 -6.85
CA PHE A 63 -2.91 -6.74 -5.90
C PHE A 63 -3.18 -8.03 -5.11
N VAL A 64 -2.12 -8.77 -4.83
CA VAL A 64 -2.23 -10.02 -4.08
C VAL A 64 -1.47 -9.93 -2.76
N PHE A 65 -2.16 -10.28 -1.67
CA PHE A 65 -1.56 -10.25 -0.34
C PHE A 65 -1.83 -11.55 0.40
N ASN A 66 -0.82 -12.04 1.11
CA ASN A 66 -0.94 -13.28 1.87
C ASN A 66 -0.59 -13.06 3.34
N LYS A 67 -0.62 -14.12 4.12
CA LYS A 67 -0.31 -14.05 5.54
C LYS A 67 1.12 -14.52 5.81
N ASP A 68 1.60 -15.45 4.99
CA ASP A 68 2.95 -15.98 5.14
C ASP A 68 3.99 -14.90 4.89
N THR A 69 3.84 -14.19 3.77
CA THR A 69 4.78 -13.13 3.40
C THR A 69 4.31 -11.78 3.94
N GLY A 70 3.00 -11.53 3.86
CA GLY A 70 2.46 -10.28 4.34
C GLY A 70 2.93 -9.08 3.53
N GLU A 71 3.18 -9.30 2.25
CA GLU A 71 3.63 -8.23 1.37
C GLU A 71 2.58 -7.89 0.32
N LEU A 72 2.63 -6.66 -0.19
CA LEU A 72 1.69 -6.21 -1.20
C LEU A 72 2.35 -6.10 -2.57
N ASN A 73 2.02 -7.02 -3.46
CA ASN A 73 2.59 -7.02 -4.80
C ASN A 73 1.49 -6.88 -5.86
N VAL A 74 1.77 -6.08 -6.88
CA VAL A 74 0.81 -5.86 -7.96
C VAL A 74 0.97 -6.91 -9.06
N THR A 75 -0.16 -7.48 -9.48
CA THR A 75 -0.15 -8.49 -10.52
C THR A 75 -1.04 -8.09 -11.69
N SER A 76 -1.08 -6.80 -11.99
CA SER A 76 -1.90 -6.28 -13.08
C SER A 76 -1.47 -4.87 -13.45
N ILE A 77 -1.78 -4.48 -14.69
CA ILE A 77 -1.43 -3.14 -15.17
C ILE A 77 -2.52 -2.13 -14.81
N LEU A 78 -2.27 -1.33 -13.78
CA LEU A 78 -3.22 -0.33 -13.34
C LEU A 78 -3.94 0.31 -14.54
N ASP A 79 -5.25 0.35 -14.48
CA ASP A 79 -6.05 0.94 -15.54
C ASP A 79 -6.56 2.32 -15.16
N ARG A 80 -5.69 3.32 -15.30
CA ARG A 80 -6.05 4.69 -14.97
C ARG A 80 -7.40 5.07 -15.57
N GLU A 81 -7.58 4.74 -16.85
CA GLU A 81 -8.84 5.05 -17.53
C GLU A 81 -10.03 4.67 -16.68
N GLU A 82 -10.05 3.42 -16.21
CA GLU A 82 -11.14 2.92 -15.39
C GLU A 82 -10.95 3.34 -13.93
N THR A 83 -9.86 2.87 -13.32
CA THR A 83 -9.56 3.18 -11.94
C THR A 83 -8.46 4.24 -11.84
N PRO A 84 -8.87 5.51 -11.70
CA PRO A 84 -7.93 6.63 -11.60
C PRO A 84 -7.19 6.64 -10.27
N PHE A 85 -7.70 5.89 -9.30
CA PHE A 85 -7.07 5.81 -7.99
C PHE A 85 -7.61 4.61 -7.21
N PHE A 86 -6.76 4.03 -6.38
CA PHE A 86 -7.14 2.87 -5.58
C PHE A 86 -7.03 3.18 -4.08
N LEU A 87 -8.14 3.02 -3.37
CA LEU A 87 -8.17 3.28 -1.93
C LEU A 87 -8.09 1.99 -1.13
N LEU A 88 -7.08 1.88 -0.28
CA LEU A 88 -6.89 0.69 0.54
C LEU A 88 -6.79 1.06 2.02
N THR A 89 -6.53 0.06 2.86
CA THR A 89 -6.42 0.28 4.29
C THR A 89 -5.79 -0.93 4.98
N GLY A 90 -4.58 -0.73 5.51
CA GLY A 90 -3.90 -1.81 6.19
C GLY A 90 -4.48 -2.10 7.56
N TYR A 91 -4.43 -3.36 7.98
CA TYR A 91 -4.95 -3.76 9.27
C TYR A 91 -3.95 -4.63 10.03
N ALA A 92 -3.14 -3.99 10.88
CA ALA A 92 -2.14 -4.70 11.66
C ALA A 92 -2.80 -5.55 12.73
N LEU A 93 -3.28 -6.72 12.34
CA LEU A 93 -3.93 -7.64 13.28
C LEU A 93 -2.90 -8.45 14.06
N ASP A 94 -3.25 -8.81 15.28
CA ASP A 94 -2.36 -9.59 16.13
C ASP A 94 -2.60 -11.08 15.96
N ALA A 95 -1.84 -11.89 16.70
CA ALA A 95 -1.98 -13.34 16.62
C ALA A 95 -3.34 -13.79 17.17
N ARG A 96 -4.08 -12.86 17.76
CA ARG A 96 -5.39 -13.16 18.32
C ARG A 96 -6.49 -12.91 17.30
N GLY A 97 -6.31 -11.87 16.49
CA GLY A 97 -7.31 -11.55 15.47
C GLY A 97 -8.04 -10.24 15.77
N ASN A 98 -7.32 -9.30 16.39
CA ASN A 98 -7.91 -8.01 16.74
C ASN A 98 -6.98 -6.88 16.35
N ASN A 99 -7.57 -5.70 16.07
CA ASN A 99 -6.79 -4.53 15.69
C ASN A 99 -6.12 -3.90 16.90
N VAL A 100 -4.83 -4.13 17.05
CA VAL A 100 -4.07 -3.58 18.17
C VAL A 100 -3.68 -2.13 17.91
N GLU A 101 -3.72 -1.73 16.64
CA GLU A 101 -3.38 -0.37 16.26
C GLU A 101 -4.32 0.16 15.17
N LYS A 102 -4.86 1.35 15.39
CA LYS A 102 -5.78 1.96 14.44
C LYS A 102 -5.27 1.81 13.02
N PRO A 103 -6.18 1.48 12.09
CA PRO A 103 -5.85 1.29 10.68
C PRO A 103 -5.49 2.59 9.99
N LEU A 104 -4.45 2.57 9.17
CA LEU A 104 -4.01 3.76 8.45
C LEU A 104 -4.71 3.86 7.09
N GLU A 105 -4.43 4.95 6.38
CA GLU A 105 -5.03 5.16 5.07
C GLU A 105 -3.97 5.13 3.97
N LEU A 106 -4.31 4.51 2.84
CA LEU A 106 -3.38 4.42 1.71
C LEU A 106 -4.09 4.73 0.40
N ARG A 107 -3.81 5.92 -0.14
CA ARG A 107 -4.42 6.34 -1.40
C ARG A 107 -3.42 6.26 -2.54
N ILE A 108 -3.33 5.09 -3.16
CA ILE A 108 -2.41 4.89 -4.27
C ILE A 108 -2.84 5.69 -5.50
N LYS A 109 -1.91 6.48 -6.03
CA LYS A 109 -2.19 7.29 -7.21
C LYS A 109 -1.79 6.56 -8.49
N VAL A 110 -2.70 6.56 -9.46
CA VAL A 110 -2.44 5.89 -10.74
C VAL A 110 -1.97 6.89 -11.79
N LEU A 111 -0.67 7.18 -11.78
CA LEU A 111 -0.10 8.12 -12.73
C LEU A 111 -0.18 7.58 -14.15
N ASP A 112 -0.38 8.47 -15.11
CA ASP A 112 -0.48 8.07 -16.52
C ASP A 112 0.91 7.95 -17.14
N ILE A 113 1.13 6.86 -17.87
CA ILE A 113 2.40 6.61 -18.52
C ILE A 113 2.80 7.79 -19.41
N ASN A 114 1.80 8.56 -19.84
CA ASN A 114 2.05 9.71 -20.70
C ASN A 114 2.86 10.77 -19.96
N ASP A 115 2.77 10.75 -18.63
CA ASP A 115 3.49 11.72 -17.81
C ASP A 115 5.01 11.56 -17.98
N ASN A 116 5.41 10.45 -18.59
CA ASN A 116 6.83 10.18 -18.82
C ASN A 116 7.68 10.75 -17.69
N GLU A 117 7.15 10.71 -16.47
CA GLU A 117 7.85 11.23 -15.31
C GLU A 117 8.94 10.25 -14.85
N PRO A 118 10.19 10.71 -14.83
CA PRO A 118 11.33 9.90 -14.42
C PRO A 118 11.32 9.60 -12.92
N VAL A 119 12.30 8.82 -12.47
CA VAL A 119 12.40 8.46 -11.07
C VAL A 119 13.78 8.79 -10.51
N PHE A 120 13.82 9.59 -9.45
CA PHE A 120 15.08 9.99 -8.83
C PHE A 120 15.23 9.33 -7.46
N THR A 121 14.91 8.03 -7.39
CA THR A 121 15.02 7.29 -6.14
C THR A 121 14.71 8.18 -4.94
N GLN A 122 13.64 8.97 -5.06
CA GLN A 122 13.24 9.86 -3.98
C GLN A 122 12.88 9.08 -2.72
N ASP A 123 13.37 9.55 -1.59
CA ASP A 123 13.12 8.89 -0.31
C ASP A 123 12.31 9.80 0.61
#